data_1ILW
# 
_entry.id   1ILW 
# 
_audit_conform.dict_name       mmcif_pdbx.dic 
_audit_conform.dict_version    5.389 
_audit_conform.dict_location   http://mmcif.pdb.org/dictionaries/ascii/mmcif_pdbx.dic 
# 
loop_
_database_2.database_id 
_database_2.database_code 
_database_2.pdbx_database_accession 
_database_2.pdbx_DOI 
PDB   1ILW         pdb_00001ilw 10.2210/pdb1ilw/pdb 
RCSB  RCSB013396   ?            ?                   
WWPDB D_1000013396 ?            ?                   
# 
loop_
_pdbx_audit_revision_history.ordinal 
_pdbx_audit_revision_history.data_content_type 
_pdbx_audit_revision_history.major_revision 
_pdbx_audit_revision_history.minor_revision 
_pdbx_audit_revision_history.revision_date 
1 'Structure model' 1 0 2001-12-12 
2 'Structure model' 1 1 2008-04-27 
3 'Structure model' 1 2 2011-07-13 
4 'Structure model' 1 3 2024-02-07 
5 'Structure model' 1 4 2024-04-03 
# 
_pdbx_audit_revision_details.ordinal             1 
_pdbx_audit_revision_details.revision_ordinal    1 
_pdbx_audit_revision_details.data_content_type   'Structure model' 
_pdbx_audit_revision_details.provider            repository 
_pdbx_audit_revision_details.type                'Initial release' 
_pdbx_audit_revision_details.description         ? 
_pdbx_audit_revision_details.details             ? 
# 
loop_
_pdbx_audit_revision_group.ordinal 
_pdbx_audit_revision_group.revision_ordinal 
_pdbx_audit_revision_group.data_content_type 
_pdbx_audit_revision_group.group 
1 2 'Structure model' 'Version format compliance' 
2 3 'Structure model' 'Version format compliance' 
3 4 'Structure model' 'Data collection'           
4 4 'Structure model' 'Database references'       
5 5 'Structure model' 'Refinement description'    
# 
loop_
_pdbx_audit_revision_category.ordinal 
_pdbx_audit_revision_category.revision_ordinal 
_pdbx_audit_revision_category.data_content_type 
_pdbx_audit_revision_category.category 
1 4 'Structure model' chem_comp_atom                
2 4 'Structure model' chem_comp_bond                
3 4 'Structure model' database_2                    
4 5 'Structure model' pdbx_initial_refinement_model 
# 
loop_
_pdbx_audit_revision_item.ordinal 
_pdbx_audit_revision_item.revision_ordinal 
_pdbx_audit_revision_item.data_content_type 
_pdbx_audit_revision_item.item 
1 4 'Structure model' '_database_2.pdbx_DOI'                
2 4 'Structure model' '_database_2.pdbx_database_accession' 
# 
_pdbx_database_status.status_code                     REL 
_pdbx_database_status.entry_id                        1ILW 
_pdbx_database_status.recvd_initial_deposition_date   2001-05-08 
_pdbx_database_status.deposit_site                    RCSB 
_pdbx_database_status.process_site                    RCSB 
_pdbx_database_status.SG_entry                        Y 
_pdbx_database_status.status_code_sf                  REL 
_pdbx_database_status.pdb_format_compatible           Y 
_pdbx_database_status.status_code_mr                  ? 
_pdbx_database_status.status_code_cs                  ? 
_pdbx_database_status.status_code_nmr_data            ? 
_pdbx_database_status.methods_development_category    ? 
# 
_pdbx_database_related.db_name        TargetDB 
_pdbx_database_related.db_id          BSGCAIR30510 
_pdbx_database_related.details        . 
_pdbx_database_related.content_type   unspecified 
# 
loop_
_audit_author.name 
_audit_author.pdbx_ordinal 
'Du, X.'                                     1 
'Kim, S.-H.'                                 2 
'Berkeley Structural Genomics Center (BSGC)' 3 
# 
_citation.id                        primary 
_citation.title                     'Crystal structure and mechanism of catalysis of a pyrazinamidase from Pyrococcus horikoshii.' 
_citation.journal_abbrev            Biochemistry 
_citation.journal_volume            40 
_citation.page_first                14166 
_citation.page_last                 14172 
_citation.year                      2001 
_citation.journal_id_ASTM           BICHAW 
_citation.country                   US 
_citation.journal_id_ISSN           0006-2960 
_citation.journal_id_CSD            0033 
_citation.book_publisher            ? 
_citation.pdbx_database_id_PubMed   11714269 
_citation.pdbx_database_id_DOI      10.1021/bi0115479 
# 
loop_
_citation_author.citation_id 
_citation_author.name 
_citation_author.ordinal 
_citation_author.identifier_ORCID 
primary 'Du, X.'     1 ? 
primary 'Wang, W.'   2 ? 
primary 'Kim, R.'    3 ? 
primary 'Yakota, H.' 4 ? 
primary 'Nguyen, H.' 5 ? 
primary 'Kim, S.-H.' 6 ? 
# 
loop_
_entity.id 
_entity.type 
_entity.src_method 
_entity.pdbx_description 
_entity.formula_weight 
_entity.pdbx_number_of_molecules 
_entity.pdbx_ec 
_entity.pdbx_mutation 
_entity.pdbx_fragment 
_entity.details 
1 polymer man '180 aa long hypothetical Pyrazinamidase/nicotinamidase' 20222.242 1  3.5.1.19 ? ? ? 
2 water   nat water                                                    18.015    88 ?        ? ? ? 
# 
_entity_poly.entity_id                      1 
_entity_poly.type                           'polypeptide(L)' 
_entity_poly.nstd_linkage                   no 
_entity_poly.nstd_monomer                   no 
_entity_poly.pdbx_seq_one_letter_code       
;MPEEALIVVDMQRDFMPGGALPVPEGDKIIPKVNEYIRKFKEKGALIVATRDWHPENHISFRERGGPWPRHCVQNTPGAE
FVVDLPEDAVIISKATEPDKEAYSGFEGTDLAKILRGNGVKRVYICGVATEYCVRATALDALKHGFEVYLLRDAVKGIKP
EDEERALEEMKSRGIKIVQF
;
_entity_poly.pdbx_seq_one_letter_code_can   
;MPEEALIVVDMQRDFMPGGALPVPEGDKIIPKVNEYIRKFKEKGALIVATRDWHPENHISFRERGGPWPRHCVQNTPGAE
FVVDLPEDAVIISKATEPDKEAYSGFEGTDLAKILRGNGVKRVYICGVATEYCVRATALDALKHGFEVYLLRDAVKGIKP
EDEERALEEMKSRGIKIVQF
;
_entity_poly.pdbx_strand_id                 A 
_entity_poly.pdbx_target_identifier         BSGCAIR30510 
# 
_pdbx_entity_nonpoly.entity_id   2 
_pdbx_entity_nonpoly.name        water 
_pdbx_entity_nonpoly.comp_id     HOH 
# 
loop_
_entity_poly_seq.entity_id 
_entity_poly_seq.num 
_entity_poly_seq.mon_id 
_entity_poly_seq.hetero 
1 1   MET n 
1 2   PRO n 
1 3   GLU n 
1 4   GLU n 
1 5   ALA n 
1 6   LEU n 
1 7   ILE n 
1 8   VAL n 
1 9   VAL n 
1 10  ASP n 
1 11  MET n 
1 12  GLN n 
1 13  ARG n 
1 14  ASP n 
1 15  PHE n 
1 16  MET n 
1 17  PRO n 
1 18  GLY n 
1 19  GLY n 
1 20  ALA n 
1 21  LEU n 
1 22  PRO n 
1 23  VAL n 
1 24  PRO n 
1 25  GLU n 
1 26  GLY n 
1 27  ASP n 
1 28  LYS n 
1 29  ILE n 
1 30  ILE n 
1 31  PRO n 
1 32  LYS n 
1 33  VAL n 
1 34  ASN n 
1 35  GLU n 
1 36  TYR n 
1 37  ILE n 
1 38  ARG n 
1 39  LYS n 
1 40  PHE n 
1 41  LYS n 
1 42  GLU n 
1 43  LYS n 
1 44  GLY n 
1 45  ALA n 
1 46  LEU n 
1 47  ILE n 
1 48  VAL n 
1 49  ALA n 
1 50  THR n 
1 51  ARG n 
1 52  ASP n 
1 53  TRP n 
1 54  HIS n 
1 55  PRO n 
1 56  GLU n 
1 57  ASN n 
1 58  HIS n 
1 59  ILE n 
1 60  SER n 
1 61  PHE n 
1 62  ARG n 
1 63  GLU n 
1 64  ARG n 
1 65  GLY n 
1 66  GLY n 
1 67  PRO n 
1 68  TRP n 
1 69  PRO n 
1 70  ARG n 
1 71  HIS n 
1 72  CYS n 
1 73  VAL n 
1 74  GLN n 
1 75  ASN n 
1 76  THR n 
1 77  PRO n 
1 78  GLY n 
1 79  ALA n 
1 80  GLU n 
1 81  PHE n 
1 82  VAL n 
1 83  VAL n 
1 84  ASP n 
1 85  LEU n 
1 86  PRO n 
1 87  GLU n 
1 88  ASP n 
1 89  ALA n 
1 90  VAL n 
1 91  ILE n 
1 92  ILE n 
1 93  SER n 
1 94  LYS n 
1 95  ALA n 
1 96  THR n 
1 97  GLU n 
1 98  PRO n 
1 99  ASP n 
1 100 LYS n 
1 101 GLU n 
1 102 ALA n 
1 103 TYR n 
1 104 SER n 
1 105 GLY n 
1 106 PHE n 
1 107 GLU n 
1 108 GLY n 
1 109 THR n 
1 110 ASP n 
1 111 LEU n 
1 112 ALA n 
1 113 LYS n 
1 114 ILE n 
1 115 LEU n 
1 116 ARG n 
1 117 GLY n 
1 118 ASN n 
1 119 GLY n 
1 120 VAL n 
1 121 LYS n 
1 122 ARG n 
1 123 VAL n 
1 124 TYR n 
1 125 ILE n 
1 126 CYS n 
1 127 GLY n 
1 128 VAL n 
1 129 ALA n 
1 130 THR n 
1 131 GLU n 
1 132 TYR n 
1 133 CYS n 
1 134 VAL n 
1 135 ARG n 
1 136 ALA n 
1 137 THR n 
1 138 ALA n 
1 139 LEU n 
1 140 ASP n 
1 141 ALA n 
1 142 LEU n 
1 143 LYS n 
1 144 HIS n 
1 145 GLY n 
1 146 PHE n 
1 147 GLU n 
1 148 VAL n 
1 149 TYR n 
1 150 LEU n 
1 151 LEU n 
1 152 ARG n 
1 153 ASP n 
1 154 ALA n 
1 155 VAL n 
1 156 LYS n 
1 157 GLY n 
1 158 ILE n 
1 159 LYS n 
1 160 PRO n 
1 161 GLU n 
1 162 ASP n 
1 163 GLU n 
1 164 GLU n 
1 165 ARG n 
1 166 ALA n 
1 167 LEU n 
1 168 GLU n 
1 169 GLU n 
1 170 MET n 
1 171 LYS n 
1 172 SER n 
1 173 ARG n 
1 174 GLY n 
1 175 ILE n 
1 176 LYS n 
1 177 ILE n 
1 178 VAL n 
1 179 GLN n 
1 180 PHE n 
# 
_entity_src_gen.entity_id                          1 
_entity_src_gen.pdbx_src_id                        1 
_entity_src_gen.pdbx_alt_source_flag               sample 
_entity_src_gen.pdbx_seq_type                      ? 
_entity_src_gen.pdbx_beg_seq_num                   ? 
_entity_src_gen.pdbx_end_seq_num                   ? 
_entity_src_gen.gene_src_common_name               ? 
_entity_src_gen.gene_src_genus                     Pyrococcus 
_entity_src_gen.pdbx_gene_src_gene                 ? 
_entity_src_gen.gene_src_species                   ? 
_entity_src_gen.gene_src_strain                    ? 
_entity_src_gen.gene_src_tissue                    ? 
_entity_src_gen.gene_src_tissue_fraction           ? 
_entity_src_gen.gene_src_details                   ? 
_entity_src_gen.pdbx_gene_src_fragment             ? 
_entity_src_gen.pdbx_gene_src_scientific_name      'Pyrococcus horikoshii' 
_entity_src_gen.pdbx_gene_src_ncbi_taxonomy_id     53953 
_entity_src_gen.pdbx_gene_src_variant              ? 
_entity_src_gen.pdbx_gene_src_cell_line            ? 
_entity_src_gen.pdbx_gene_src_atcc                 ? 
_entity_src_gen.pdbx_gene_src_organ                ? 
_entity_src_gen.pdbx_gene_src_organelle            ? 
_entity_src_gen.pdbx_gene_src_cell                 ? 
_entity_src_gen.pdbx_gene_src_cellular_location    ? 
_entity_src_gen.host_org_common_name               ? 
_entity_src_gen.pdbx_host_org_scientific_name      'Escherichia coli' 
_entity_src_gen.pdbx_host_org_ncbi_taxonomy_id     562 
_entity_src_gen.host_org_genus                     Escherichia 
_entity_src_gen.pdbx_host_org_gene                 ? 
_entity_src_gen.pdbx_host_org_organ                ? 
_entity_src_gen.host_org_species                   ? 
_entity_src_gen.pdbx_host_org_tissue               ? 
_entity_src_gen.pdbx_host_org_tissue_fraction      ? 
_entity_src_gen.pdbx_host_org_strain               'B834(DE3)/SJS1244' 
_entity_src_gen.pdbx_host_org_variant              ? 
_entity_src_gen.pdbx_host_org_cell_line            ? 
_entity_src_gen.pdbx_host_org_atcc                 ? 
_entity_src_gen.pdbx_host_org_culture_collection   ? 
_entity_src_gen.pdbx_host_org_cell                 ? 
_entity_src_gen.pdbx_host_org_organelle            ? 
_entity_src_gen.pdbx_host_org_cellular_location    ? 
_entity_src_gen.pdbx_host_org_vector_type          plasmid 
_entity_src_gen.pdbx_host_org_vector               ? 
_entity_src_gen.host_org_details                   ? 
_entity_src_gen.expression_system_id               ? 
_entity_src_gen.plasmid_name                       PET21a 
_entity_src_gen.plasmid_details                    ? 
_entity_src_gen.pdbx_description                   ? 
# 
loop_
_chem_comp.id 
_chem_comp.type 
_chem_comp.mon_nstd_flag 
_chem_comp.name 
_chem_comp.pdbx_synonyms 
_chem_comp.formula 
_chem_comp.formula_weight 
ALA 'L-peptide linking' y ALANINE         ? 'C3 H7 N O2'     89.093  
ARG 'L-peptide linking' y ARGININE        ? 'C6 H15 N4 O2 1' 175.209 
ASN 'L-peptide linking' y ASPARAGINE      ? 'C4 H8 N2 O3'    132.118 
ASP 'L-peptide linking' y 'ASPARTIC ACID' ? 'C4 H7 N O4'     133.103 
CYS 'L-peptide linking' y CYSTEINE        ? 'C3 H7 N O2 S'   121.158 
GLN 'L-peptide linking' y GLUTAMINE       ? 'C5 H10 N2 O3'   146.144 
GLU 'L-peptide linking' y 'GLUTAMIC ACID' ? 'C5 H9 N O4'     147.129 
GLY 'peptide linking'   y GLYCINE         ? 'C2 H5 N O2'     75.067  
HIS 'L-peptide linking' y HISTIDINE       ? 'C6 H10 N3 O2 1' 156.162 
HOH non-polymer         . WATER           ? 'H2 O'           18.015  
ILE 'L-peptide linking' y ISOLEUCINE      ? 'C6 H13 N O2'    131.173 
LEU 'L-peptide linking' y LEUCINE         ? 'C6 H13 N O2'    131.173 
LYS 'L-peptide linking' y LYSINE          ? 'C6 H15 N2 O2 1' 147.195 
MET 'L-peptide linking' y METHIONINE      ? 'C5 H11 N O2 S'  149.211 
PHE 'L-peptide linking' y PHENYLALANINE   ? 'C9 H11 N O2'    165.189 
PRO 'L-peptide linking' y PROLINE         ? 'C5 H9 N O2'     115.130 
SER 'L-peptide linking' y SERINE          ? 'C3 H7 N O3'     105.093 
THR 'L-peptide linking' y THREONINE       ? 'C4 H9 N O3'     119.119 
TRP 'L-peptide linking' y TRYPTOPHAN      ? 'C11 H12 N2 O2'  204.225 
TYR 'L-peptide linking' y TYROSINE        ? 'C9 H11 N O3'    181.189 
VAL 'L-peptide linking' y VALINE          ? 'C5 H11 N O2'    117.146 
# 
loop_
_pdbx_poly_seq_scheme.asym_id 
_pdbx_poly_seq_scheme.entity_id 
_pdbx_poly_seq_scheme.seq_id 
_pdbx_poly_seq_scheme.mon_id 
_pdbx_poly_seq_scheme.ndb_seq_num 
_pdbx_poly_seq_scheme.pdb_seq_num 
_pdbx_poly_seq_scheme.auth_seq_num 
_pdbx_poly_seq_scheme.pdb_mon_id 
_pdbx_poly_seq_scheme.auth_mon_id 
_pdbx_poly_seq_scheme.pdb_strand_id 
_pdbx_poly_seq_scheme.pdb_ins_code 
_pdbx_poly_seq_scheme.hetero 
A 1 1   MET 1   1   ?   ?   ?   A . n 
A 1 2   PRO 2   2   2   PRO PRO A . n 
A 1 3   GLU 3   3   3   GLU GLU A . n 
A 1 4   GLU 4   4   4   GLU GLU A . n 
A 1 5   ALA 5   5   5   ALA ALA A . n 
A 1 6   LEU 6   6   6   LEU LEU A . n 
A 1 7   ILE 7   7   7   ILE ILE A . n 
A 1 8   VAL 8   8   8   VAL VAL A . n 
A 1 9   VAL 9   9   9   VAL VAL A . n 
A 1 10  ASP 10  10  10  ASP ASP A . n 
A 1 11  MET 11  11  11  MET MET A . n 
A 1 12  GLN 12  12  12  GLN GLN A . n 
A 1 13  ARG 13  13  13  ARG ARG A . n 
A 1 14  ASP 14  14  14  ASP ASP A . n 
A 1 15  PHE 15  15  15  PHE PHE A . n 
A 1 16  MET 16  16  16  MET MET A . n 
A 1 17  PRO 17  17  17  PRO PRO A . n 
A 1 18  GLY 18  18  18  GLY GLY A . n 
A 1 19  GLY 19  19  19  GLY GLY A . n 
A 1 20  ALA 20  20  20  ALA ALA A . n 
A 1 21  LEU 21  21  21  LEU LEU A . n 
A 1 22  PRO 22  22  22  PRO PRO A . n 
A 1 23  VAL 23  23  23  VAL VAL A . n 
A 1 24  PRO 24  24  24  PRO PRO A . n 
A 1 25  GLU 25  25  25  GLU GLU A . n 
A 1 26  GLY 26  26  26  GLY GLY A . n 
A 1 27  ASP 27  27  27  ASP ASP A . n 
A 1 28  LYS 28  28  28  LYS LYS A . n 
A 1 29  ILE 29  29  29  ILE ILE A . n 
A 1 30  ILE 30  30  30  ILE ILE A . n 
A 1 31  PRO 31  31  31  PRO PRO A . n 
A 1 32  LYS 32  32  32  LYS LYS A . n 
A 1 33  VAL 33  33  33  VAL VAL A . n 
A 1 34  ASN 34  34  34  ASN ASN A . n 
A 1 35  GLU 35  35  35  GLU GLU A . n 
A 1 36  TYR 36  36  36  TYR TYR A . n 
A 1 37  ILE 37  37  37  ILE ILE A . n 
A 1 38  ARG 38  38  38  ARG ARG A . n 
A 1 39  LYS 39  39  39  LYS LYS A . n 
A 1 40  PHE 40  40  40  PHE PHE A . n 
A 1 41  LYS 41  41  41  LYS LYS A . n 
A 1 42  GLU 42  42  42  GLU GLU A . n 
A 1 43  LYS 43  43  43  LYS LYS A . n 
A 1 44  GLY 44  44  44  GLY GLY A . n 
A 1 45  ALA 45  45  45  ALA ALA A . n 
A 1 46  LEU 46  46  46  LEU LEU A . n 
A 1 47  ILE 47  47  47  ILE ILE A . n 
A 1 48  VAL 48  48  48  VAL VAL A . n 
A 1 49  ALA 49  49  49  ALA ALA A . n 
A 1 50  THR 50  50  50  THR THR A . n 
A 1 51  ARG 51  51  51  ARG ARG A . n 
A 1 52  ASP 52  52  52  ASP ASP A . n 
A 1 53  TRP 53  53  53  TRP TRP A . n 
A 1 54  HIS 54  54  54  HIS HIS A . n 
A 1 55  PRO 55  55  55  PRO PRO A . n 
A 1 56  GLU 56  56  56  GLU GLU A . n 
A 1 57  ASN 57  57  57  ASN ASN A . n 
A 1 58  HIS 58  58  58  HIS HIS A . n 
A 1 59  ILE 59  59  59  ILE ILE A . n 
A 1 60  SER 60  60  60  SER SER A . n 
A 1 61  PHE 61  61  61  PHE PHE A . n 
A 1 62  ARG 62  62  62  ARG ARG A . n 
A 1 63  GLU 63  63  63  GLU GLU A . n 
A 1 64  ARG 64  64  64  ARG ARG A . n 
A 1 65  GLY 65  65  65  GLY GLY A . n 
A 1 66  GLY 66  66  66  GLY GLY A . n 
A 1 67  PRO 67  67  67  PRO PRO A . n 
A 1 68  TRP 68  68  68  TRP TRP A . n 
A 1 69  PRO 69  69  69  PRO PRO A . n 
A 1 70  ARG 70  70  70  ARG ARG A . n 
A 1 71  HIS 71  71  71  HIS HIS A . n 
A 1 72  CYS 72  72  72  CYS CYS A . n 
A 1 73  VAL 73  73  73  VAL VAL A . n 
A 1 74  GLN 74  74  74  GLN GLN A . n 
A 1 75  ASN 75  75  75  ASN ASN A . n 
A 1 76  THR 76  76  76  THR THR A . n 
A 1 77  PRO 77  77  77  PRO PRO A . n 
A 1 78  GLY 78  78  78  GLY GLY A . n 
A 1 79  ALA 79  79  79  ALA ALA A . n 
A 1 80  GLU 80  80  80  GLU GLU A . n 
A 1 81  PHE 81  81  81  PHE PHE A . n 
A 1 82  VAL 82  82  82  VAL VAL A . n 
A 1 83  VAL 83  83  83  VAL VAL A . n 
A 1 84  ASP 84  84  84  ASP ASP A . n 
A 1 85  LEU 85  85  85  LEU LEU A . n 
A 1 86  PRO 86  86  86  PRO PRO A . n 
A 1 87  GLU 87  87  87  GLU GLU A . n 
A 1 88  ASP 88  88  88  ASP ASP A . n 
A 1 89  ALA 89  89  89  ALA ALA A . n 
A 1 90  VAL 90  90  90  VAL VAL A . n 
A 1 91  ILE 91  91  91  ILE ILE A . n 
A 1 92  ILE 92  92  92  ILE ILE A . n 
A 1 93  SER 93  93  93  SER SER A . n 
A 1 94  LYS 94  94  94  LYS LYS A . n 
A 1 95  ALA 95  95  95  ALA ALA A . n 
A 1 96  THR 96  96  96  THR THR A . n 
A 1 97  GLU 97  97  97  GLU GLU A . n 
A 1 98  PRO 98  98  98  PRO PRO A . n 
A 1 99  ASP 99  99  99  ASP ASP A . n 
A 1 100 LYS 100 100 100 LYS LYS A . n 
A 1 101 GLU 101 101 101 GLU GLU A . n 
A 1 102 ALA 102 102 102 ALA ALA A . n 
A 1 103 TYR 103 103 103 TYR TYR A . n 
A 1 104 SER 104 104 104 SER SER A . n 
A 1 105 GLY 105 105 105 GLY GLY A . n 
A 1 106 PHE 106 106 106 PHE PHE A . n 
A 1 107 GLU 107 107 107 GLU GLU A . n 
A 1 108 GLY 108 108 108 GLY GLY A . n 
A 1 109 THR 109 109 109 THR THR A . n 
A 1 110 ASP 110 110 110 ASP ASP A . n 
A 1 111 LEU 111 111 111 LEU LEU A . n 
A 1 112 ALA 112 112 112 ALA ALA A . n 
A 1 113 LYS 113 113 113 LYS LYS A . n 
A 1 114 ILE 114 114 114 ILE ILE A . n 
A 1 115 LEU 115 115 115 LEU LEU A . n 
A 1 116 ARG 116 116 116 ARG ARG A . n 
A 1 117 GLY 117 117 117 GLY GLY A . n 
A 1 118 ASN 118 118 118 ASN ASN A . n 
A 1 119 GLY 119 119 119 GLY GLY A . n 
A 1 120 VAL 120 120 120 VAL VAL A . n 
A 1 121 LYS 121 121 121 LYS LYS A . n 
A 1 122 ARG 122 122 122 ARG ARG A . n 
A 1 123 VAL 123 123 123 VAL VAL A . n 
A 1 124 TYR 124 124 124 TYR TYR A . n 
A 1 125 ILE 125 125 125 ILE ILE A . n 
A 1 126 CYS 126 126 126 CYS CYS A . n 
A 1 127 GLY 127 127 127 GLY GLY A . n 
A 1 128 VAL 128 128 128 VAL VAL A . n 
A 1 129 ALA 129 129 129 ALA ALA A . n 
A 1 130 THR 130 130 130 THR THR A . n 
A 1 131 GLU 131 131 131 GLU GLU A . n 
A 1 132 TYR 132 132 132 TYR TYR A . n 
A 1 133 CYS 133 133 133 CYS CYS A . n 
A 1 134 VAL 134 134 134 VAL VAL A . n 
A 1 135 ARG 135 135 135 ARG ARG A . n 
A 1 136 ALA 136 136 136 ALA ALA A . n 
A 1 137 THR 137 137 137 THR THR A . n 
A 1 138 ALA 138 138 138 ALA ALA A . n 
A 1 139 LEU 139 139 139 LEU LEU A . n 
A 1 140 ASP 140 140 140 ASP ASP A . n 
A 1 141 ALA 141 141 141 ALA ALA A . n 
A 1 142 LEU 142 142 142 LEU LEU A . n 
A 1 143 LYS 143 143 143 LYS LYS A . n 
A 1 144 HIS 144 144 144 HIS HIS A . n 
A 1 145 GLY 145 145 145 GLY GLY A . n 
A 1 146 PHE 146 146 146 PHE PHE A . n 
A 1 147 GLU 147 147 147 GLU GLU A . n 
A 1 148 VAL 148 148 148 VAL VAL A . n 
A 1 149 TYR 149 149 149 TYR TYR A . n 
A 1 150 LEU 150 150 150 LEU LEU A . n 
A 1 151 LEU 151 151 151 LEU LEU A . n 
A 1 152 ARG 152 152 152 ARG ARG A . n 
A 1 153 ASP 153 153 153 ASP ASP A . n 
A 1 154 ALA 154 154 154 ALA ALA A . n 
A 1 155 VAL 155 155 155 VAL VAL A . n 
A 1 156 LYS 156 156 156 LYS LYS A . n 
A 1 157 GLY 157 157 157 GLY GLY A . n 
A 1 158 ILE 158 158 158 ILE ILE A . n 
A 1 159 LYS 159 159 159 LYS LYS A . n 
A 1 160 PRO 160 160 160 PRO PRO A . n 
A 1 161 GLU 161 161 161 GLU GLU A . n 
A 1 162 ASP 162 162 162 ASP ASP A . n 
A 1 163 GLU 163 163 163 GLU GLU A . n 
A 1 164 GLU 164 164 164 GLU GLU A . n 
A 1 165 ARG 165 165 165 ARG ARG A . n 
A 1 166 ALA 166 166 166 ALA ALA A . n 
A 1 167 LEU 167 167 167 LEU LEU A . n 
A 1 168 GLU 168 168 168 GLU GLU A . n 
A 1 169 GLU 169 169 169 GLU GLU A . n 
A 1 170 MET 170 170 170 MET MET A . n 
A 1 171 LYS 171 171 171 LYS LYS A . n 
A 1 172 SER 172 172 172 SER SER A . n 
A 1 173 ARG 173 173 173 ARG ARG A . n 
A 1 174 GLY 174 174 174 GLY GLY A . n 
A 1 175 ILE 175 175 175 ILE ILE A . n 
A 1 176 LYS 176 176 176 LYS LYS A . n 
A 1 177 ILE 177 177 177 ILE ILE A . n 
A 1 178 VAL 178 178 178 VAL VAL A . n 
A 1 179 GLN 179 179 179 GLN GLN A . n 
A 1 180 PHE 180 180 180 PHE PHE A . n 
# 
loop_
_pdbx_nonpoly_scheme.asym_id 
_pdbx_nonpoly_scheme.entity_id 
_pdbx_nonpoly_scheme.mon_id 
_pdbx_nonpoly_scheme.ndb_seq_num 
_pdbx_nonpoly_scheme.pdb_seq_num 
_pdbx_nonpoly_scheme.auth_seq_num 
_pdbx_nonpoly_scheme.pdb_mon_id 
_pdbx_nonpoly_scheme.auth_mon_id 
_pdbx_nonpoly_scheme.pdb_strand_id 
_pdbx_nonpoly_scheme.pdb_ins_code 
B 2 HOH 1  201 201 HOH HOH A . 
B 2 HOH 2  202 202 HOH HOH A . 
B 2 HOH 3  203 203 HOH HOH A . 
B 2 HOH 4  204 204 HOH HOH A . 
B 2 HOH 5  205 205 HOH HOH A . 
B 2 HOH 6  206 206 HOH HOH A . 
B 2 HOH 7  207 207 HOH HOH A . 
B 2 HOH 8  208 208 HOH HOH A . 
B 2 HOH 9  209 209 HOH HOH A . 
B 2 HOH 10 210 210 HOH HOH A . 
B 2 HOH 11 211 211 HOH HOH A . 
B 2 HOH 12 212 212 HOH HOH A . 
B 2 HOH 13 213 213 HOH HOH A . 
B 2 HOH 14 214 214 HOH HOH A . 
B 2 HOH 15 215 215 HOH HOH A . 
B 2 HOH 16 216 216 HOH HOH A . 
B 2 HOH 17 217 217 HOH HOH A . 
B 2 HOH 18 218 218 HOH HOH A . 
B 2 HOH 19 219 219 HOH HOH A . 
B 2 HOH 20 220 220 HOH HOH A . 
B 2 HOH 21 221 221 HOH HOH A . 
B 2 HOH 22 222 222 HOH HOH A . 
B 2 HOH 23 223 223 HOH HOH A . 
B 2 HOH 24 224 224 HOH HOH A . 
B 2 HOH 25 225 225 HOH HOH A . 
B 2 HOH 26 226 226 HOH HOH A . 
B 2 HOH 27 227 227 HOH HOH A . 
B 2 HOH 28 228 228 HOH HOH A . 
B 2 HOH 29 229 229 HOH HOH A . 
B 2 HOH 30 230 230 HOH HOH A . 
B 2 HOH 31 231 231 HOH HOH A . 
B 2 HOH 32 232 232 HOH HOH A . 
B 2 HOH 33 233 233 HOH HOH A . 
B 2 HOH 34 234 234 HOH HOH A . 
B 2 HOH 35 235 235 HOH HOH A . 
B 2 HOH 36 236 236 HOH HOH A . 
B 2 HOH 37 237 237 HOH HOH A . 
B 2 HOH 38 238 238 HOH HOH A . 
B 2 HOH 39 239 239 HOH HOH A . 
B 2 HOH 40 240 240 HOH HOH A . 
B 2 HOH 41 241 241 HOH HOH A . 
B 2 HOH 42 242 242 HOH HOH A . 
B 2 HOH 43 243 243 HOH HOH A . 
B 2 HOH 44 244 244 HOH HOH A . 
B 2 HOH 45 245 245 HOH HOH A . 
B 2 HOH 46 246 246 HOH HOH A . 
B 2 HOH 47 247 247 HOH HOH A . 
B 2 HOH 48 248 248 HOH HOH A . 
B 2 HOH 49 249 249 HOH HOH A . 
B 2 HOH 50 250 250 HOH HOH A . 
B 2 HOH 51 251 251 HOH HOH A . 
B 2 HOH 52 252 252 HOH HOH A . 
B 2 HOH 53 253 253 HOH HOH A . 
B 2 HOH 54 254 254 HOH HOH A . 
B 2 HOH 55 255 255 HOH HOH A . 
B 2 HOH 56 256 256 HOH HOH A . 
B 2 HOH 57 257 257 HOH HOH A . 
B 2 HOH 58 258 258 HOH HOH A . 
B 2 HOH 59 259 259 HOH HOH A . 
B 2 HOH 60 260 260 HOH HOH A . 
B 2 HOH 61 261 261 HOH HOH A . 
B 2 HOH 62 262 262 HOH HOH A . 
B 2 HOH 63 263 263 HOH HOH A . 
B 2 HOH 64 264 264 HOH HOH A . 
B 2 HOH 65 265 265 HOH HOH A . 
B 2 HOH 66 266 266 HOH HOH A . 
B 2 HOH 67 267 267 HOH HOH A . 
B 2 HOH 68 268 268 HOH HOH A . 
B 2 HOH 69 269 269 HOH HOH A . 
B 2 HOH 70 270 270 HOH HOH A . 
B 2 HOH 71 271 271 HOH HOH A . 
B 2 HOH 72 272 272 HOH HOH A . 
B 2 HOH 73 273 273 HOH HOH A . 
B 2 HOH 74 274 274 HOH HOH A . 
B 2 HOH 75 275 275 HOH HOH A . 
B 2 HOH 76 276 276 HOH HOH A . 
B 2 HOH 77 277 277 HOH HOH A . 
B 2 HOH 78 278 278 HOH HOH A . 
B 2 HOH 79 279 279 HOH HOH A . 
B 2 HOH 80 280 280 HOH HOH A . 
B 2 HOH 81 281 281 HOH HOH A . 
B 2 HOH 82 282 282 HOH HOH A . 
B 2 HOH 83 283 283 HOH HOH A . 
B 2 HOH 84 284 284 HOH HOH A . 
B 2 HOH 85 285 285 HOH HOH A . 
B 2 HOH 86 286 286 HOH HOH A . 
B 2 HOH 87 287 287 HOH HOH A . 
B 2 HOH 88 288 288 HOH HOH A . 
# 
loop_
_software.name 
_software.classification 
_software.version 
_software.citation_id 
_software.pdbx_ordinal 
DENZO     'data reduction' . ? 1 
SCALEPACK 'data scaling'   . ? 2 
SOLVE     phasing          . ? 3 
SHELXL-97 refinement       . ? 4 
# 
_cell.entry_id           1ILW 
_cell.length_a           32.977 
_cell.length_b           43.418 
_cell.length_c           55.781 
_cell.angle_alpha        90.00 
_cell.angle_beta         101.22 
_cell.angle_gamma        90.00 
_cell.Z_PDB              2 
_cell.pdbx_unique_axis   ? 
# 
_symmetry.entry_id                         1ILW 
_symmetry.space_group_name_H-M             'P 1 21 1' 
_symmetry.pdbx_full_space_group_name_H-M   ? 
_symmetry.cell_setting                     ? 
_symmetry.Int_Tables_number                4 
_symmetry.space_group_name_Hall            ? 
# 
_exptl.entry_id          1ILW 
_exptl.method            'X-RAY DIFFRACTION' 
_exptl.crystals_number   1 
# 
_exptl_crystal.id                    1 
_exptl_crystal.density_meas          ? 
_exptl_crystal.density_Matthews      1.94 
_exptl_crystal.density_percent_sol   36.46 
_exptl_crystal.description           ? 
_exptl_crystal.F_000                 ? 
_exptl_crystal.preparation           ? 
# 
_exptl_crystal_grow.crystal_id      1 
_exptl_crystal_grow.method          'VAPOR DIFFUSION, HANGING DROP' 
_exptl_crystal_grow.temp            298 
_exptl_crystal_grow.temp_details    ? 
_exptl_crystal_grow.pH              4.6 
_exptl_crystal_grow.pdbx_details    
'22.5% PEG3350, 250 mM ammonium acetate, 100 mM sodium acetate, pH 4.6. Seeding., VAPOR DIFFUSION, HANGING DROP, temperature 298K' 
_exptl_crystal_grow.pdbx_pH_range   . 
# 
_diffrn.id                     1 
_diffrn.ambient_temp           100 
_diffrn.ambient_temp_details   ? 
_diffrn.crystal_id             1 
# 
_diffrn_detector.diffrn_id              1 
_diffrn_detector.detector               'IMAGE PLATE' 
_diffrn_detector.type                   MARRESEARCH 
_diffrn_detector.pdbx_collection_date   2000-03-01 
_diffrn_detector.details                ? 
# 
_diffrn_radiation.diffrn_id                        1 
_diffrn_radiation.wavelength_id                    1 
_diffrn_radiation.pdbx_monochromatic_or_laue_m_l   M 
_diffrn_radiation.monochromator                    GRAPHITE 
_diffrn_radiation.pdbx_diffrn_protocol             'SINGLE WAVELENGTH' 
_diffrn_radiation.pdbx_scattering_type             x-ray 
# 
_diffrn_radiation_wavelength.id           1 
_diffrn_radiation_wavelength.wavelength   1.08 
_diffrn_radiation_wavelength.wt           1.0 
# 
_diffrn_source.diffrn_id                   1 
_diffrn_source.source                      SYNCHROTRON 
_diffrn_source.type                        'SSRL BEAMLINE BL7-1' 
_diffrn_source.pdbx_synchrotron_site       SSRL 
_diffrn_source.pdbx_synchrotron_beamline   BL7-1 
_diffrn_source.pdbx_wavelength             ? 
_diffrn_source.pdbx_wavelength_list        1.08 
# 
_reflns.entry_id                     1ILW 
_reflns.observed_criterion_sigma_I   0.0 
_reflns.observed_criterion_sigma_F   0.0 
_reflns.d_resolution_low             20.0 
_reflns.d_resolution_high            2.05 
_reflns.number_obs                   9862 
_reflns.number_all                   9941 
_reflns.percent_possible_obs         99.2 
_reflns.pdbx_Rmerge_I_obs            0.029 
_reflns.pdbx_Rsym_value              ? 
_reflns.pdbx_netI_over_sigmaI        42.5 
_reflns.B_iso_Wilson_estimate        6.2 
_reflns.pdbx_redundancy              4.246 
_reflns.R_free_details               ? 
_reflns.limit_h_max                  ? 
_reflns.limit_h_min                  ? 
_reflns.limit_k_max                  ? 
_reflns.limit_k_min                  ? 
_reflns.limit_l_max                  ? 
_reflns.limit_l_min                  ? 
_reflns.observed_criterion_F_max     ? 
_reflns.observed_criterion_F_min     ? 
_reflns.pdbx_chi_squared             ? 
_reflns.pdbx_scaling_rejects         ? 
_reflns.pdbx_diffrn_id               1 
_reflns.pdbx_ordinal                 1 
# 
_reflns_shell.d_res_high             2.05 
_reflns_shell.d_res_low              2.11 
_reflns_shell.percent_possible_all   88 
_reflns_shell.Rmerge_I_obs           0.118 
_reflns_shell.pdbx_Rsym_value        ? 
_reflns_shell.meanI_over_sigI_obs    17.4 
_reflns_shell.pdbx_redundancy        3.1 
_reflns_shell.percent_possible_obs   ? 
_reflns_shell.number_unique_all      ? 
_reflns_shell.number_measured_all    ? 
_reflns_shell.number_measured_obs    ? 
_reflns_shell.number_unique_obs      ? 
_reflns_shell.pdbx_chi_squared       ? 
_reflns_shell.pdbx_diffrn_id         ? 
_reflns_shell.pdbx_ordinal           1 
# 
_refine.entry_id                                 1ILW 
_refine.ls_number_reflns_obs                     9760 
_refine.ls_number_reflns_all                     9837 
_refine.pdbx_ls_sigma_I                          0.0 
_refine.pdbx_ls_sigma_F                          0.0 
_refine.pdbx_data_cutoff_high_absF               899942.18 
_refine.pdbx_data_cutoff_low_absF                0.00 
_refine.ls_d_res_low                             20.00 
_refine.ls_d_res_high                            2.05 
_refine.ls_percent_reflns_obs                    99.2 
_refine.ls_R_factor_obs                          ? 
_refine.ls_R_factor_all                          0.1888 
_refine.ls_R_factor_R_work                       0.1814 
_refine.ls_R_factor_R_free                       0.257 
_refine.ls_R_factor_R_free_error                 0.008 
_refine.ls_R_factor_R_free_error_details         ? 
_refine.ls_percent_reflns_R_free                 9.8 
_refine.ls_number_reflns_R_free                  954 
_refine.ls_number_parameters                     ? 
_refine.ls_number_restraints                     ? 
_refine.occupancy_min                            ? 
_refine.occupancy_max                            ? 
_refine.B_iso_mean                               23.6 
_refine.aniso_B[1][1]                            0.26 
_refine.aniso_B[2][2]                            -1.88 
_refine.aniso_B[3][3]                            1.62 
_refine.aniso_B[1][2]                            0.00 
_refine.aniso_B[1][3]                            -0.96 
_refine.aniso_B[2][3]                            0.00 
_refine.solvent_model_details                    ? 
_refine.solvent_model_param_ksol                 ? 
_refine.solvent_model_param_bsol                 ? 
_refine.pdbx_ls_cross_valid_method               THROUGHOUT 
_refine.details                                  ? 
_refine.pdbx_starting_model                      'a structure of the same protein obtained on MAD data' 
_refine.pdbx_method_to_determine_struct          'MOLECULAR REPLACEMENT' 
_refine.pdbx_isotropic_thermal_model             RESTRAINED 
_refine.pdbx_stereochemistry_target_values       'Engh $ Huber' 
_refine.pdbx_stereochem_target_val_spec_case     ? 
_refine.pdbx_R_Free_selection_details            ? 
_refine.pdbx_overall_ESU_R_Free                  ? 
_refine.overall_SU_B                             ? 
_refine.ls_redundancy_reflns_obs                 ? 
_refine.B_iso_min                                ? 
_refine.B_iso_max                                ? 
_refine.correlation_coeff_Fo_to_Fc               ? 
_refine.correlation_coeff_Fo_to_Fc_free          ? 
_refine.overall_SU_R_Cruickshank_DPI             ? 
_refine.overall_SU_R_free                        ? 
_refine.overall_SU_ML                            ? 
_refine.pdbx_overall_ESU_R                       ? 
_refine.pdbx_data_cutoff_high_rms_absF           ? 
_refine.pdbx_solvent_vdw_probe_radii             ? 
_refine.pdbx_solvent_ion_probe_radii             ? 
_refine.pdbx_solvent_shrinkage_radii             ? 
_refine.ls_wR_factor_R_free                      ? 
_refine.ls_wR_factor_R_work                      ? 
_refine.overall_FOM_free_R_set                   ? 
_refine.overall_FOM_work_R_set                   ? 
_refine.pdbx_refine_id                           'X-RAY DIFFRACTION' 
_refine.pdbx_diffrn_id                           1 
_refine.pdbx_TLS_residual_ADP_flag               ? 
_refine.pdbx_overall_phase_error                 ? 
_refine.pdbx_overall_SU_R_free_Cruickshank_DPI   ? 
_refine.pdbx_overall_SU_R_Blow_DPI               ? 
_refine.pdbx_overall_SU_R_free_Blow_DPI          ? 
# 
_refine_analyze.entry_id                        1ILW 
_refine_analyze.Luzzati_coordinate_error_obs    0.20 
_refine_analyze.Luzzati_sigma_a_obs             0.11 
_refine_analyze.Luzzati_d_res_low_obs           5.00 
_refine_analyze.Luzzati_coordinate_error_free   0.31 
_refine_analyze.Luzzati_sigma_a_free            0.23 
_refine_analyze.Luzzati_d_res_low_free          ? 
_refine_analyze.number_disordered_residues      ? 
_refine_analyze.occupancy_sum_hydrogen          ? 
_refine_analyze.occupancy_sum_non_hydrogen      ? 
_refine_analyze.pdbx_Luzzati_d_res_high_obs     ? 
_refine_analyze.pdbx_refine_id                  'X-RAY DIFFRACTION' 
# 
_refine_hist.pdbx_refine_id                   'X-RAY DIFFRACTION' 
_refine_hist.cycle_id                         LAST 
_refine_hist.pdbx_number_atoms_protein        1413 
_refine_hist.pdbx_number_atoms_nucleic_acid   0 
_refine_hist.pdbx_number_atoms_ligand         0 
_refine_hist.number_atoms_solvent             88 
_refine_hist.number_atoms_total               1501 
_refine_hist.d_res_high                       2.05 
_refine_hist.d_res_low                        20.00 
# 
_refine_ls_shell.pdbx_total_number_of_bins_used   6 
_refine_ls_shell.d_res_high                       2.05 
_refine_ls_shell.d_res_low                        2.18 
_refine_ls_shell.number_reflns_R_work             1465 
_refine_ls_shell.R_factor_R_work                  0.196 
_refine_ls_shell.percent_reflns_obs               96.2 
_refine_ls_shell.R_factor_R_free                  0.321 
_refine_ls_shell.R_factor_R_free_error            0.031 
_refine_ls_shell.percent_reflns_R_free            6.9 
_refine_ls_shell.number_reflns_R_free             108 
_refine_ls_shell.number_reflns_obs                ? 
_refine_ls_shell.redundancy_reflns_obs            ? 
_refine_ls_shell.number_reflns_all                ? 
_refine_ls_shell.pdbx_refine_id                   'X-RAY DIFFRACTION' 
_refine_ls_shell.R_factor_all                     ? 
# 
_pdbx_refine.entry_id                                    1ILW 
_pdbx_refine.R_factor_all_no_cutoff                      ? 
_pdbx_refine.R_factor_obs_no_cutoff                      0.181 
_pdbx_refine.free_R_factor_no_cutoff                     ? 
_pdbx_refine.free_R_val_test_set_size_perc_no_cutoff     ? 
_pdbx_refine.free_R_val_test_set_ct_no_cutoff            ? 
_pdbx_refine.R_factor_all_4sig_cutoff                    ? 
_pdbx_refine.R_factor_obs_4sig_cutoff                    ? 
_pdbx_refine.free_R_factor_4sig_cutoff                   ? 
_pdbx_refine.free_R_val_test_set_size_perc_4sig_cutoff   ? 
_pdbx_refine.free_R_val_test_set_ct_4sig_cutoff          ? 
_pdbx_refine.number_reflns_obs_4sig_cutoff               ? 
_pdbx_refine.number_reflns_obs_no_cutoff                 ? 
_pdbx_refine.pdbx_refine_id                              'X-RAY DIFFRACTION' 
_pdbx_refine.free_R_error_no_cutoff                      ? 
# 
loop_
_pdbx_xplor_file.serial_no 
_pdbx_xplor_file.param_file 
_pdbx_xplor_file.topol_file 
_pdbx_xplor_file.pdbx_refine_id 
1 PROTEIN_REP.PARAM PROTEIN.TOP 'X-RAY DIFFRACTION' 
2 WATER_REP.PARAM   WATER.TOP   'X-RAY DIFFRACTION' 
# 
_struct.entry_id                  1ILW 
_struct.title                     'Crystal Structure of Pyrazinamidase/Nicotinamidase of Pyrococcus horikoshii' 
_struct.pdbx_model_details        ? 
_struct.pdbx_CASP_flag            ? 
_struct.pdbx_model_type_details   ? 
# 
_struct_keywords.entry_id        1ILW 
_struct_keywords.pdbx_keywords   HYDROLASE 
_struct_keywords.text            
;Pyrazinamide, pyrazinamidase, nicotinamidase, tuberculosis, hydrolase, cysteine hydrolase, amidase, Structural Genomics, BSGC structure funded by NIH, Protein Structure Initiative, PSI, Berkeley Structural Genomics Center
;
# 
loop_
_struct_asym.id 
_struct_asym.pdbx_blank_PDB_chainid_flag 
_struct_asym.pdbx_modified 
_struct_asym.entity_id 
_struct_asym.details 
A N N 1 ? 
B N N 2 ? 
# 
_struct_ref.id                         1 
_struct_ref.db_name                    UNP 
_struct_ref.db_code                    O58727_PYRHO 
_struct_ref.entity_id                  1 
_struct_ref.pdbx_seq_one_letter_code   
;MPEEALIVVDMQRDFMPGGALPVPEGDKIIPKVNEYIRKFKEKGALIVATRDWHPENHISFRERGGPWPRHCVQNTPGAE
FVVDLPEDAVIISKATEPDKEAYSGFEGTDLAKILRGNGVKRVYICGVATEYCVRATALDALKHGFEVYLLRDAVKGIKP
EDEERALEEMKSRGIKIVQF
;
_struct_ref.pdbx_align_begin           1 
_struct_ref.pdbx_db_accession          O58727 
_struct_ref.pdbx_db_isoform            ? 
# 
_struct_ref_seq.align_id                      1 
_struct_ref_seq.ref_id                        1 
_struct_ref_seq.pdbx_PDB_id_code              1ILW 
_struct_ref_seq.pdbx_strand_id                A 
_struct_ref_seq.seq_align_beg                 1 
_struct_ref_seq.pdbx_seq_align_beg_ins_code   ? 
_struct_ref_seq.seq_align_end                 180 
_struct_ref_seq.pdbx_seq_align_end_ins_code   ? 
_struct_ref_seq.pdbx_db_accession             O58727 
_struct_ref_seq.db_align_beg                  1 
_struct_ref_seq.pdbx_db_align_beg_ins_code    ? 
_struct_ref_seq.db_align_end                  180 
_struct_ref_seq.pdbx_db_align_end_ins_code    ? 
_struct_ref_seq.pdbx_auth_seq_align_beg       1 
_struct_ref_seq.pdbx_auth_seq_align_end       180 
# 
_pdbx_struct_assembly.id                   1 
_pdbx_struct_assembly.details              author_defined_assembly 
_pdbx_struct_assembly.method_details       ? 
_pdbx_struct_assembly.oligomeric_details   monomeric 
_pdbx_struct_assembly.oligomeric_count     1 
# 
_pdbx_struct_assembly_gen.assembly_id       1 
_pdbx_struct_assembly_gen.oper_expression   1 
_pdbx_struct_assembly_gen.asym_id_list      A,B 
# 
_pdbx_struct_oper_list.id                   1 
_pdbx_struct_oper_list.type                 'identity operation' 
_pdbx_struct_oper_list.name                 1_555 
_pdbx_struct_oper_list.symmetry_operation   x,y,z 
_pdbx_struct_oper_list.matrix[1][1]         1.0000000000 
_pdbx_struct_oper_list.matrix[1][2]         0.0000000000 
_pdbx_struct_oper_list.matrix[1][3]         0.0000000000 
_pdbx_struct_oper_list.vector[1]            0.0000000000 
_pdbx_struct_oper_list.matrix[2][1]         0.0000000000 
_pdbx_struct_oper_list.matrix[2][2]         1.0000000000 
_pdbx_struct_oper_list.matrix[2][3]         0.0000000000 
_pdbx_struct_oper_list.vector[2]            0.0000000000 
_pdbx_struct_oper_list.matrix[3][1]         0.0000000000 
_pdbx_struct_oper_list.matrix[3][2]         0.0000000000 
_pdbx_struct_oper_list.matrix[3][3]         1.0000000000 
_pdbx_struct_oper_list.vector[3]            0.0000000000 
# 
loop_
_struct_conf.conf_type_id 
_struct_conf.id 
_struct_conf.pdbx_PDB_helix_id 
_struct_conf.beg_label_comp_id 
_struct_conf.beg_label_asym_id 
_struct_conf.beg_label_seq_id 
_struct_conf.pdbx_beg_PDB_ins_code 
_struct_conf.end_label_comp_id 
_struct_conf.end_label_asym_id 
_struct_conf.end_label_seq_id 
_struct_conf.pdbx_end_PDB_ins_code 
_struct_conf.beg_auth_comp_id 
_struct_conf.beg_auth_asym_id 
_struct_conf.beg_auth_seq_id 
_struct_conf.end_auth_comp_id 
_struct_conf.end_auth_asym_id 
_struct_conf.end_auth_seq_id 
_struct_conf.pdbx_PDB_helix_class 
_struct_conf.details 
_struct_conf.pdbx_PDB_helix_length 
HELX_P HELX_P1 1 ARG A 13  ? MET A 16  ? ARG A 13  MET A 16  5 ? 4  
HELX_P HELX_P2 2 GLU A 25  ? LYS A 28  ? GLU A 25  LYS A 28  5 ? 4  
HELX_P HELX_P3 3 ILE A 29  ? LYS A 43  ? ILE A 29  LYS A 43  1 ? 15 
HELX_P HELX_P4 4 ARG A 62  ? GLY A 65  ? ARG A 62  GLY A 65  5 ? 4  
HELX_P HELX_P5 5 THR A 76  ? GLU A 80  ? THR A 76  GLU A 80  5 ? 5  
HELX_P HELX_P6 6 ASP A 110 ? ASN A 118 ? ASP A 110 ASN A 118 1 ? 9  
HELX_P HELX_P7 7 TYR A 132 ? HIS A 144 ? TYR A 132 HIS A 144 1 ? 13 
HELX_P HELX_P8 8 LYS A 159 ? GLY A 174 ? LYS A 159 GLY A 174 1 ? 16 
# 
_struct_conf_type.id          HELX_P 
_struct_conf_type.criteria    ? 
_struct_conf_type.reference   ? 
# 
_struct_mon_prot_cis.pdbx_id                1 
_struct_mon_prot_cis.label_comp_id          VAL 
_struct_mon_prot_cis.label_seq_id           128 
_struct_mon_prot_cis.label_asym_id          A 
_struct_mon_prot_cis.label_alt_id           . 
_struct_mon_prot_cis.pdbx_PDB_ins_code      ? 
_struct_mon_prot_cis.auth_comp_id           VAL 
_struct_mon_prot_cis.auth_seq_id            128 
_struct_mon_prot_cis.auth_asym_id           A 
_struct_mon_prot_cis.pdbx_label_comp_id_2   ALA 
_struct_mon_prot_cis.pdbx_label_seq_id_2    129 
_struct_mon_prot_cis.pdbx_label_asym_id_2   A 
_struct_mon_prot_cis.pdbx_PDB_ins_code_2    ? 
_struct_mon_prot_cis.pdbx_auth_comp_id_2    ALA 
_struct_mon_prot_cis.pdbx_auth_seq_id_2     129 
_struct_mon_prot_cis.pdbx_auth_asym_id_2    A 
_struct_mon_prot_cis.pdbx_PDB_model_num     1 
_struct_mon_prot_cis.pdbx_omega_angle       -14.28 
# 
_struct_sheet.id               A 
_struct_sheet.type             ? 
_struct_sheet.number_strands   6 
_struct_sheet.details          ? 
# 
loop_
_struct_sheet_order.sheet_id 
_struct_sheet_order.range_id_1 
_struct_sheet_order.range_id_2 
_struct_sheet_order.offset 
_struct_sheet_order.sense 
A 1 2 ? parallel 
A 2 3 ? parallel 
A 3 4 ? parallel 
A 4 5 ? parallel 
A 5 6 ? parallel 
# 
loop_
_struct_sheet_range.sheet_id 
_struct_sheet_range.id 
_struct_sheet_range.beg_label_comp_id 
_struct_sheet_range.beg_label_asym_id 
_struct_sheet_range.beg_label_seq_id 
_struct_sheet_range.pdbx_beg_PDB_ins_code 
_struct_sheet_range.end_label_comp_id 
_struct_sheet_range.end_label_asym_id 
_struct_sheet_range.end_label_seq_id 
_struct_sheet_range.pdbx_end_PDB_ins_code 
_struct_sheet_range.beg_auth_comp_id 
_struct_sheet_range.beg_auth_asym_id 
_struct_sheet_range.beg_auth_seq_id 
_struct_sheet_range.end_auth_comp_id 
_struct_sheet_range.end_auth_asym_id 
_struct_sheet_range.end_auth_seq_id 
A 1 VAL A 90  ? LYS A 94  ? VAL A 90  LYS A 94  
A 2 LEU A 46  ? ASP A 52  ? LEU A 46  ASP A 52  
A 3 GLU A 4   ? VAL A 9   ? GLU A 4   VAL A 9   
A 4 ARG A 122 ? VAL A 128 ? ARG A 122 VAL A 128 
A 5 GLU A 147 ? LYS A 156 ? GLU A 147 LYS A 156 
A 6 LYS A 176 ? VAL A 178 ? LYS A 176 VAL A 178 
# 
loop_
_pdbx_struct_sheet_hbond.sheet_id 
_pdbx_struct_sheet_hbond.range_id_1 
_pdbx_struct_sheet_hbond.range_id_2 
_pdbx_struct_sheet_hbond.range_1_label_atom_id 
_pdbx_struct_sheet_hbond.range_1_label_comp_id 
_pdbx_struct_sheet_hbond.range_1_label_asym_id 
_pdbx_struct_sheet_hbond.range_1_label_seq_id 
_pdbx_struct_sheet_hbond.range_1_PDB_ins_code 
_pdbx_struct_sheet_hbond.range_1_auth_atom_id 
_pdbx_struct_sheet_hbond.range_1_auth_comp_id 
_pdbx_struct_sheet_hbond.range_1_auth_asym_id 
_pdbx_struct_sheet_hbond.range_1_auth_seq_id 
_pdbx_struct_sheet_hbond.range_2_label_atom_id 
_pdbx_struct_sheet_hbond.range_2_label_comp_id 
_pdbx_struct_sheet_hbond.range_2_label_asym_id 
_pdbx_struct_sheet_hbond.range_2_label_seq_id 
_pdbx_struct_sheet_hbond.range_2_PDB_ins_code 
_pdbx_struct_sheet_hbond.range_2_auth_atom_id 
_pdbx_struct_sheet_hbond.range_2_auth_comp_id 
_pdbx_struct_sheet_hbond.range_2_auth_asym_id 
_pdbx_struct_sheet_hbond.range_2_auth_seq_id 
A 1 2 N VAL A 90  ? N VAL A 90  O ILE A 47  ? O ILE A 47  
A 2 3 N LEU A 46  ? N LEU A 46  O GLU A 4   ? O GLU A 4   
A 3 4 N ALA A 5   ? N ALA A 5   O ARG A 122 ? O ARG A 122 
A 4 5 N VAL A 123 ? N VAL A 123 O GLU A 147 ? O GLU A 147 
A 5 6 N LEU A 150 ? N LEU A 150 O LYS A 176 ? O LYS A 176 
# 
_pdbx_validate_rmsd_bond.id                        1 
_pdbx_validate_rmsd_bond.PDB_model_num             1 
_pdbx_validate_rmsd_bond.auth_atom_id_1            C 
_pdbx_validate_rmsd_bond.auth_asym_id_1            A 
_pdbx_validate_rmsd_bond.auth_comp_id_1            PHE 
_pdbx_validate_rmsd_bond.auth_seq_id_1             180 
_pdbx_validate_rmsd_bond.PDB_ins_code_1            ? 
_pdbx_validate_rmsd_bond.label_alt_id_1            ? 
_pdbx_validate_rmsd_bond.auth_atom_id_2            O 
_pdbx_validate_rmsd_bond.auth_asym_id_2            A 
_pdbx_validate_rmsd_bond.auth_comp_id_2            PHE 
_pdbx_validate_rmsd_bond.auth_seq_id_2             180 
_pdbx_validate_rmsd_bond.PDB_ins_code_2            ? 
_pdbx_validate_rmsd_bond.label_alt_id_2            ? 
_pdbx_validate_rmsd_bond.bond_value                1.448 
_pdbx_validate_rmsd_bond.bond_target_value         1.229 
_pdbx_validate_rmsd_bond.bond_deviation            0.219 
_pdbx_validate_rmsd_bond.bond_standard_deviation   0.019 
_pdbx_validate_rmsd_bond.linker_flag               N 
# 
loop_
_pdbx_validate_torsion.id 
_pdbx_validate_torsion.PDB_model_num 
_pdbx_validate_torsion.auth_comp_id 
_pdbx_validate_torsion.auth_asym_id 
_pdbx_validate_torsion.auth_seq_id 
_pdbx_validate_torsion.PDB_ins_code 
_pdbx_validate_torsion.label_alt_id 
_pdbx_validate_torsion.phi 
_pdbx_validate_torsion.psi 
1 1 ALA A 102 ? ? -166.06 101.60 
2 1 TYR A 132 ? ? -117.62 -96.73 
# 
_pdbx_SG_project.id                    1 
_pdbx_SG_project.project_name          'PSI, Protein Structure Initiative' 
_pdbx_SG_project.full_name_of_center   'Berkeley Structural Genomics Center' 
_pdbx_SG_project.initial_of_center     BSGC 
# 
_pdbx_unobs_or_zero_occ_residues.id               1 
_pdbx_unobs_or_zero_occ_residues.PDB_model_num    1 
_pdbx_unobs_or_zero_occ_residues.polymer_flag     Y 
_pdbx_unobs_or_zero_occ_residues.occupancy_flag   1 
_pdbx_unobs_or_zero_occ_residues.auth_asym_id     A 
_pdbx_unobs_or_zero_occ_residues.auth_comp_id     MET 
_pdbx_unobs_or_zero_occ_residues.auth_seq_id      1 
_pdbx_unobs_or_zero_occ_residues.PDB_ins_code     ? 
_pdbx_unobs_or_zero_occ_residues.label_asym_id    A 
_pdbx_unobs_or_zero_occ_residues.label_comp_id    MET 
_pdbx_unobs_or_zero_occ_residues.label_seq_id     1 
# 
loop_
_chem_comp_atom.comp_id 
_chem_comp_atom.atom_id 
_chem_comp_atom.type_symbol 
_chem_comp_atom.pdbx_aromatic_flag 
_chem_comp_atom.pdbx_stereo_config 
_chem_comp_atom.pdbx_ordinal 
ALA N    N N N 1   
ALA CA   C N S 2   
ALA C    C N N 3   
ALA O    O N N 4   
ALA CB   C N N 5   
ALA OXT  O N N 6   
ALA H    H N N 7   
ALA H2   H N N 8   
ALA HA   H N N 9   
ALA HB1  H N N 10  
ALA HB2  H N N 11  
ALA HB3  H N N 12  
ALA HXT  H N N 13  
ARG N    N N N 14  
ARG CA   C N S 15  
ARG C    C N N 16  
ARG O    O N N 17  
ARG CB   C N N 18  
ARG CG   C N N 19  
ARG CD   C N N 20  
ARG NE   N N N 21  
ARG CZ   C N N 22  
ARG NH1  N N N 23  
ARG NH2  N N N 24  
ARG OXT  O N N 25  
ARG H    H N N 26  
ARG H2   H N N 27  
ARG HA   H N N 28  
ARG HB2  H N N 29  
ARG HB3  H N N 30  
ARG HG2  H N N 31  
ARG HG3  H N N 32  
ARG HD2  H N N 33  
ARG HD3  H N N 34  
ARG HE   H N N 35  
ARG HH11 H N N 36  
ARG HH12 H N N 37  
ARG HH21 H N N 38  
ARG HH22 H N N 39  
ARG HXT  H N N 40  
ASN N    N N N 41  
ASN CA   C N S 42  
ASN C    C N N 43  
ASN O    O N N 44  
ASN CB   C N N 45  
ASN CG   C N N 46  
ASN OD1  O N N 47  
ASN ND2  N N N 48  
ASN OXT  O N N 49  
ASN H    H N N 50  
ASN H2   H N N 51  
ASN HA   H N N 52  
ASN HB2  H N N 53  
ASN HB3  H N N 54  
ASN HD21 H N N 55  
ASN HD22 H N N 56  
ASN HXT  H N N 57  
ASP N    N N N 58  
ASP CA   C N S 59  
ASP C    C N N 60  
ASP O    O N N 61  
ASP CB   C N N 62  
ASP CG   C N N 63  
ASP OD1  O N N 64  
ASP OD2  O N N 65  
ASP OXT  O N N 66  
ASP H    H N N 67  
ASP H2   H N N 68  
ASP HA   H N N 69  
ASP HB2  H N N 70  
ASP HB3  H N N 71  
ASP HD2  H N N 72  
ASP HXT  H N N 73  
CYS N    N N N 74  
CYS CA   C N R 75  
CYS C    C N N 76  
CYS O    O N N 77  
CYS CB   C N N 78  
CYS SG   S N N 79  
CYS OXT  O N N 80  
CYS H    H N N 81  
CYS H2   H N N 82  
CYS HA   H N N 83  
CYS HB2  H N N 84  
CYS HB3  H N N 85  
CYS HG   H N N 86  
CYS HXT  H N N 87  
GLN N    N N N 88  
GLN CA   C N S 89  
GLN C    C N N 90  
GLN O    O N N 91  
GLN CB   C N N 92  
GLN CG   C N N 93  
GLN CD   C N N 94  
GLN OE1  O N N 95  
GLN NE2  N N N 96  
GLN OXT  O N N 97  
GLN H    H N N 98  
GLN H2   H N N 99  
GLN HA   H N N 100 
GLN HB2  H N N 101 
GLN HB3  H N N 102 
GLN HG2  H N N 103 
GLN HG3  H N N 104 
GLN HE21 H N N 105 
GLN HE22 H N N 106 
GLN HXT  H N N 107 
GLU N    N N N 108 
GLU CA   C N S 109 
GLU C    C N N 110 
GLU O    O N N 111 
GLU CB   C N N 112 
GLU CG   C N N 113 
GLU CD   C N N 114 
GLU OE1  O N N 115 
GLU OE2  O N N 116 
GLU OXT  O N N 117 
GLU H    H N N 118 
GLU H2   H N N 119 
GLU HA   H N N 120 
GLU HB2  H N N 121 
GLU HB3  H N N 122 
GLU HG2  H N N 123 
GLU HG3  H N N 124 
GLU HE2  H N N 125 
GLU HXT  H N N 126 
GLY N    N N N 127 
GLY CA   C N N 128 
GLY C    C N N 129 
GLY O    O N N 130 
GLY OXT  O N N 131 
GLY H    H N N 132 
GLY H2   H N N 133 
GLY HA2  H N N 134 
GLY HA3  H N N 135 
GLY HXT  H N N 136 
HIS N    N N N 137 
HIS CA   C N S 138 
HIS C    C N N 139 
HIS O    O N N 140 
HIS CB   C N N 141 
HIS CG   C Y N 142 
HIS ND1  N Y N 143 
HIS CD2  C Y N 144 
HIS CE1  C Y N 145 
HIS NE2  N Y N 146 
HIS OXT  O N N 147 
HIS H    H N N 148 
HIS H2   H N N 149 
HIS HA   H N N 150 
HIS HB2  H N N 151 
HIS HB3  H N N 152 
HIS HD1  H N N 153 
HIS HD2  H N N 154 
HIS HE1  H N N 155 
HIS HE2  H N N 156 
HIS HXT  H N N 157 
HOH O    O N N 158 
HOH H1   H N N 159 
HOH H2   H N N 160 
ILE N    N N N 161 
ILE CA   C N S 162 
ILE C    C N N 163 
ILE O    O N N 164 
ILE CB   C N S 165 
ILE CG1  C N N 166 
ILE CG2  C N N 167 
ILE CD1  C N N 168 
ILE OXT  O N N 169 
ILE H    H N N 170 
ILE H2   H N N 171 
ILE HA   H N N 172 
ILE HB   H N N 173 
ILE HG12 H N N 174 
ILE HG13 H N N 175 
ILE HG21 H N N 176 
ILE HG22 H N N 177 
ILE HG23 H N N 178 
ILE HD11 H N N 179 
ILE HD12 H N N 180 
ILE HD13 H N N 181 
ILE HXT  H N N 182 
LEU N    N N N 183 
LEU CA   C N S 184 
LEU C    C N N 185 
LEU O    O N N 186 
LEU CB   C N N 187 
LEU CG   C N N 188 
LEU CD1  C N N 189 
LEU CD2  C N N 190 
LEU OXT  O N N 191 
LEU H    H N N 192 
LEU H2   H N N 193 
LEU HA   H N N 194 
LEU HB2  H N N 195 
LEU HB3  H N N 196 
LEU HG   H N N 197 
LEU HD11 H N N 198 
LEU HD12 H N N 199 
LEU HD13 H N N 200 
LEU HD21 H N N 201 
LEU HD22 H N N 202 
LEU HD23 H N N 203 
LEU HXT  H N N 204 
LYS N    N N N 205 
LYS CA   C N S 206 
LYS C    C N N 207 
LYS O    O N N 208 
LYS CB   C N N 209 
LYS CG   C N N 210 
LYS CD   C N N 211 
LYS CE   C N N 212 
LYS NZ   N N N 213 
LYS OXT  O N N 214 
LYS H    H N N 215 
LYS H2   H N N 216 
LYS HA   H N N 217 
LYS HB2  H N N 218 
LYS HB3  H N N 219 
LYS HG2  H N N 220 
LYS HG3  H N N 221 
LYS HD2  H N N 222 
LYS HD3  H N N 223 
LYS HE2  H N N 224 
LYS HE3  H N N 225 
LYS HZ1  H N N 226 
LYS HZ2  H N N 227 
LYS HZ3  H N N 228 
LYS HXT  H N N 229 
MET N    N N N 230 
MET CA   C N S 231 
MET C    C N N 232 
MET O    O N N 233 
MET CB   C N N 234 
MET CG   C N N 235 
MET SD   S N N 236 
MET CE   C N N 237 
MET OXT  O N N 238 
MET H    H N N 239 
MET H2   H N N 240 
MET HA   H N N 241 
MET HB2  H N N 242 
MET HB3  H N N 243 
MET HG2  H N N 244 
MET HG3  H N N 245 
MET HE1  H N N 246 
MET HE2  H N N 247 
MET HE3  H N N 248 
MET HXT  H N N 249 
PHE N    N N N 250 
PHE CA   C N S 251 
PHE C    C N N 252 
PHE O    O N N 253 
PHE CB   C N N 254 
PHE CG   C Y N 255 
PHE CD1  C Y N 256 
PHE CD2  C Y N 257 
PHE CE1  C Y N 258 
PHE CE2  C Y N 259 
PHE CZ   C Y N 260 
PHE OXT  O N N 261 
PHE H    H N N 262 
PHE H2   H N N 263 
PHE HA   H N N 264 
PHE HB2  H N N 265 
PHE HB3  H N N 266 
PHE HD1  H N N 267 
PHE HD2  H N N 268 
PHE HE1  H N N 269 
PHE HE2  H N N 270 
PHE HZ   H N N 271 
PHE HXT  H N N 272 
PRO N    N N N 273 
PRO CA   C N S 274 
PRO C    C N N 275 
PRO O    O N N 276 
PRO CB   C N N 277 
PRO CG   C N N 278 
PRO CD   C N N 279 
PRO OXT  O N N 280 
PRO H    H N N 281 
PRO HA   H N N 282 
PRO HB2  H N N 283 
PRO HB3  H N N 284 
PRO HG2  H N N 285 
PRO HG3  H N N 286 
PRO HD2  H N N 287 
PRO HD3  H N N 288 
PRO HXT  H N N 289 
SER N    N N N 290 
SER CA   C N S 291 
SER C    C N N 292 
SER O    O N N 293 
SER CB   C N N 294 
SER OG   O N N 295 
SER OXT  O N N 296 
SER H    H N N 297 
SER H2   H N N 298 
SER HA   H N N 299 
SER HB2  H N N 300 
SER HB3  H N N 301 
SER HG   H N N 302 
SER HXT  H N N 303 
THR N    N N N 304 
THR CA   C N S 305 
THR C    C N N 306 
THR O    O N N 307 
THR CB   C N R 308 
THR OG1  O N N 309 
THR CG2  C N N 310 
THR OXT  O N N 311 
THR H    H N N 312 
THR H2   H N N 313 
THR HA   H N N 314 
THR HB   H N N 315 
THR HG1  H N N 316 
THR HG21 H N N 317 
THR HG22 H N N 318 
THR HG23 H N N 319 
THR HXT  H N N 320 
TRP N    N N N 321 
TRP CA   C N S 322 
TRP C    C N N 323 
TRP O    O N N 324 
TRP CB   C N N 325 
TRP CG   C Y N 326 
TRP CD1  C Y N 327 
TRP CD2  C Y N 328 
TRP NE1  N Y N 329 
TRP CE2  C Y N 330 
TRP CE3  C Y N 331 
TRP CZ2  C Y N 332 
TRP CZ3  C Y N 333 
TRP CH2  C Y N 334 
TRP OXT  O N N 335 
TRP H    H N N 336 
TRP H2   H N N 337 
TRP HA   H N N 338 
TRP HB2  H N N 339 
TRP HB3  H N N 340 
TRP HD1  H N N 341 
TRP HE1  H N N 342 
TRP HE3  H N N 343 
TRP HZ2  H N N 344 
TRP HZ3  H N N 345 
TRP HH2  H N N 346 
TRP HXT  H N N 347 
TYR N    N N N 348 
TYR CA   C N S 349 
TYR C    C N N 350 
TYR O    O N N 351 
TYR CB   C N N 352 
TYR CG   C Y N 353 
TYR CD1  C Y N 354 
TYR CD2  C Y N 355 
TYR CE1  C Y N 356 
TYR CE2  C Y N 357 
TYR CZ   C Y N 358 
TYR OH   O N N 359 
TYR OXT  O N N 360 
TYR H    H N N 361 
TYR H2   H N N 362 
TYR HA   H N N 363 
TYR HB2  H N N 364 
TYR HB3  H N N 365 
TYR HD1  H N N 366 
TYR HD2  H N N 367 
TYR HE1  H N N 368 
TYR HE2  H N N 369 
TYR HH   H N N 370 
TYR HXT  H N N 371 
VAL N    N N N 372 
VAL CA   C N S 373 
VAL C    C N N 374 
VAL O    O N N 375 
VAL CB   C N N 376 
VAL CG1  C N N 377 
VAL CG2  C N N 378 
VAL OXT  O N N 379 
VAL H    H N N 380 
VAL H2   H N N 381 
VAL HA   H N N 382 
VAL HB   H N N 383 
VAL HG11 H N N 384 
VAL HG12 H N N 385 
VAL HG13 H N N 386 
VAL HG21 H N N 387 
VAL HG22 H N N 388 
VAL HG23 H N N 389 
VAL HXT  H N N 390 
# 
loop_
_chem_comp_bond.comp_id 
_chem_comp_bond.atom_id_1 
_chem_comp_bond.atom_id_2 
_chem_comp_bond.value_order 
_chem_comp_bond.pdbx_aromatic_flag 
_chem_comp_bond.pdbx_stereo_config 
_chem_comp_bond.pdbx_ordinal 
ALA N   CA   sing N N 1   
ALA N   H    sing N N 2   
ALA N   H2   sing N N 3   
ALA CA  C    sing N N 4   
ALA CA  CB   sing N N 5   
ALA CA  HA   sing N N 6   
ALA C   O    doub N N 7   
ALA C   OXT  sing N N 8   
ALA CB  HB1  sing N N 9   
ALA CB  HB2  sing N N 10  
ALA CB  HB3  sing N N 11  
ALA OXT HXT  sing N N 12  
ARG N   CA   sing N N 13  
ARG N   H    sing N N 14  
ARG N   H2   sing N N 15  
ARG CA  C    sing N N 16  
ARG CA  CB   sing N N 17  
ARG CA  HA   sing N N 18  
ARG C   O    doub N N 19  
ARG C   OXT  sing N N 20  
ARG CB  CG   sing N N 21  
ARG CB  HB2  sing N N 22  
ARG CB  HB3  sing N N 23  
ARG CG  CD   sing N N 24  
ARG CG  HG2  sing N N 25  
ARG CG  HG3  sing N N 26  
ARG CD  NE   sing N N 27  
ARG CD  HD2  sing N N 28  
ARG CD  HD3  sing N N 29  
ARG NE  CZ   sing N N 30  
ARG NE  HE   sing N N 31  
ARG CZ  NH1  sing N N 32  
ARG CZ  NH2  doub N N 33  
ARG NH1 HH11 sing N N 34  
ARG NH1 HH12 sing N N 35  
ARG NH2 HH21 sing N N 36  
ARG NH2 HH22 sing N N 37  
ARG OXT HXT  sing N N 38  
ASN N   CA   sing N N 39  
ASN N   H    sing N N 40  
ASN N   H2   sing N N 41  
ASN CA  C    sing N N 42  
ASN CA  CB   sing N N 43  
ASN CA  HA   sing N N 44  
ASN C   O    doub N N 45  
ASN C   OXT  sing N N 46  
ASN CB  CG   sing N N 47  
ASN CB  HB2  sing N N 48  
ASN CB  HB3  sing N N 49  
ASN CG  OD1  doub N N 50  
ASN CG  ND2  sing N N 51  
ASN ND2 HD21 sing N N 52  
ASN ND2 HD22 sing N N 53  
ASN OXT HXT  sing N N 54  
ASP N   CA   sing N N 55  
ASP N   H    sing N N 56  
ASP N   H2   sing N N 57  
ASP CA  C    sing N N 58  
ASP CA  CB   sing N N 59  
ASP CA  HA   sing N N 60  
ASP C   O    doub N N 61  
ASP C   OXT  sing N N 62  
ASP CB  CG   sing N N 63  
ASP CB  HB2  sing N N 64  
ASP CB  HB3  sing N N 65  
ASP CG  OD1  doub N N 66  
ASP CG  OD2  sing N N 67  
ASP OD2 HD2  sing N N 68  
ASP OXT HXT  sing N N 69  
CYS N   CA   sing N N 70  
CYS N   H    sing N N 71  
CYS N   H2   sing N N 72  
CYS CA  C    sing N N 73  
CYS CA  CB   sing N N 74  
CYS CA  HA   sing N N 75  
CYS C   O    doub N N 76  
CYS C   OXT  sing N N 77  
CYS CB  SG   sing N N 78  
CYS CB  HB2  sing N N 79  
CYS CB  HB3  sing N N 80  
CYS SG  HG   sing N N 81  
CYS OXT HXT  sing N N 82  
GLN N   CA   sing N N 83  
GLN N   H    sing N N 84  
GLN N   H2   sing N N 85  
GLN CA  C    sing N N 86  
GLN CA  CB   sing N N 87  
GLN CA  HA   sing N N 88  
GLN C   O    doub N N 89  
GLN C   OXT  sing N N 90  
GLN CB  CG   sing N N 91  
GLN CB  HB2  sing N N 92  
GLN CB  HB3  sing N N 93  
GLN CG  CD   sing N N 94  
GLN CG  HG2  sing N N 95  
GLN CG  HG3  sing N N 96  
GLN CD  OE1  doub N N 97  
GLN CD  NE2  sing N N 98  
GLN NE2 HE21 sing N N 99  
GLN NE2 HE22 sing N N 100 
GLN OXT HXT  sing N N 101 
GLU N   CA   sing N N 102 
GLU N   H    sing N N 103 
GLU N   H2   sing N N 104 
GLU CA  C    sing N N 105 
GLU CA  CB   sing N N 106 
GLU CA  HA   sing N N 107 
GLU C   O    doub N N 108 
GLU C   OXT  sing N N 109 
GLU CB  CG   sing N N 110 
GLU CB  HB2  sing N N 111 
GLU CB  HB3  sing N N 112 
GLU CG  CD   sing N N 113 
GLU CG  HG2  sing N N 114 
GLU CG  HG3  sing N N 115 
GLU CD  OE1  doub N N 116 
GLU CD  OE2  sing N N 117 
GLU OE2 HE2  sing N N 118 
GLU OXT HXT  sing N N 119 
GLY N   CA   sing N N 120 
GLY N   H    sing N N 121 
GLY N   H2   sing N N 122 
GLY CA  C    sing N N 123 
GLY CA  HA2  sing N N 124 
GLY CA  HA3  sing N N 125 
GLY C   O    doub N N 126 
GLY C   OXT  sing N N 127 
GLY OXT HXT  sing N N 128 
HIS N   CA   sing N N 129 
HIS N   H    sing N N 130 
HIS N   H2   sing N N 131 
HIS CA  C    sing N N 132 
HIS CA  CB   sing N N 133 
HIS CA  HA   sing N N 134 
HIS C   O    doub N N 135 
HIS C   OXT  sing N N 136 
HIS CB  CG   sing N N 137 
HIS CB  HB2  sing N N 138 
HIS CB  HB3  sing N N 139 
HIS CG  ND1  sing Y N 140 
HIS CG  CD2  doub Y N 141 
HIS ND1 CE1  doub Y N 142 
HIS ND1 HD1  sing N N 143 
HIS CD2 NE2  sing Y N 144 
HIS CD2 HD2  sing N N 145 
HIS CE1 NE2  sing Y N 146 
HIS CE1 HE1  sing N N 147 
HIS NE2 HE2  sing N N 148 
HIS OXT HXT  sing N N 149 
HOH O   H1   sing N N 150 
HOH O   H2   sing N N 151 
ILE N   CA   sing N N 152 
ILE N   H    sing N N 153 
ILE N   H2   sing N N 154 
ILE CA  C    sing N N 155 
ILE CA  CB   sing N N 156 
ILE CA  HA   sing N N 157 
ILE C   O    doub N N 158 
ILE C   OXT  sing N N 159 
ILE CB  CG1  sing N N 160 
ILE CB  CG2  sing N N 161 
ILE CB  HB   sing N N 162 
ILE CG1 CD1  sing N N 163 
ILE CG1 HG12 sing N N 164 
ILE CG1 HG13 sing N N 165 
ILE CG2 HG21 sing N N 166 
ILE CG2 HG22 sing N N 167 
ILE CG2 HG23 sing N N 168 
ILE CD1 HD11 sing N N 169 
ILE CD1 HD12 sing N N 170 
ILE CD1 HD13 sing N N 171 
ILE OXT HXT  sing N N 172 
LEU N   CA   sing N N 173 
LEU N   H    sing N N 174 
LEU N   H2   sing N N 175 
LEU CA  C    sing N N 176 
LEU CA  CB   sing N N 177 
LEU CA  HA   sing N N 178 
LEU C   O    doub N N 179 
LEU C   OXT  sing N N 180 
LEU CB  CG   sing N N 181 
LEU CB  HB2  sing N N 182 
LEU CB  HB3  sing N N 183 
LEU CG  CD1  sing N N 184 
LEU CG  CD2  sing N N 185 
LEU CG  HG   sing N N 186 
LEU CD1 HD11 sing N N 187 
LEU CD1 HD12 sing N N 188 
LEU CD1 HD13 sing N N 189 
LEU CD2 HD21 sing N N 190 
LEU CD2 HD22 sing N N 191 
LEU CD2 HD23 sing N N 192 
LEU OXT HXT  sing N N 193 
LYS N   CA   sing N N 194 
LYS N   H    sing N N 195 
LYS N   H2   sing N N 196 
LYS CA  C    sing N N 197 
LYS CA  CB   sing N N 198 
LYS CA  HA   sing N N 199 
LYS C   O    doub N N 200 
LYS C   OXT  sing N N 201 
LYS CB  CG   sing N N 202 
LYS CB  HB2  sing N N 203 
LYS CB  HB3  sing N N 204 
LYS CG  CD   sing N N 205 
LYS CG  HG2  sing N N 206 
LYS CG  HG3  sing N N 207 
LYS CD  CE   sing N N 208 
LYS CD  HD2  sing N N 209 
LYS CD  HD3  sing N N 210 
LYS CE  NZ   sing N N 211 
LYS CE  HE2  sing N N 212 
LYS CE  HE3  sing N N 213 
LYS NZ  HZ1  sing N N 214 
LYS NZ  HZ2  sing N N 215 
LYS NZ  HZ3  sing N N 216 
LYS OXT HXT  sing N N 217 
MET N   CA   sing N N 218 
MET N   H    sing N N 219 
MET N   H2   sing N N 220 
MET CA  C    sing N N 221 
MET CA  CB   sing N N 222 
MET CA  HA   sing N N 223 
MET C   O    doub N N 224 
MET C   OXT  sing N N 225 
MET CB  CG   sing N N 226 
MET CB  HB2  sing N N 227 
MET CB  HB3  sing N N 228 
MET CG  SD   sing N N 229 
MET CG  HG2  sing N N 230 
MET CG  HG3  sing N N 231 
MET SD  CE   sing N N 232 
MET CE  HE1  sing N N 233 
MET CE  HE2  sing N N 234 
MET CE  HE3  sing N N 235 
MET OXT HXT  sing N N 236 
PHE N   CA   sing N N 237 
PHE N   H    sing N N 238 
PHE N   H2   sing N N 239 
PHE CA  C    sing N N 240 
PHE CA  CB   sing N N 241 
PHE CA  HA   sing N N 242 
PHE C   O    doub N N 243 
PHE C   OXT  sing N N 244 
PHE CB  CG   sing N N 245 
PHE CB  HB2  sing N N 246 
PHE CB  HB3  sing N N 247 
PHE CG  CD1  doub Y N 248 
PHE CG  CD2  sing Y N 249 
PHE CD1 CE1  sing Y N 250 
PHE CD1 HD1  sing N N 251 
PHE CD2 CE2  doub Y N 252 
PHE CD2 HD2  sing N N 253 
PHE CE1 CZ   doub Y N 254 
PHE CE1 HE1  sing N N 255 
PHE CE2 CZ   sing Y N 256 
PHE CE2 HE2  sing N N 257 
PHE CZ  HZ   sing N N 258 
PHE OXT HXT  sing N N 259 
PRO N   CA   sing N N 260 
PRO N   CD   sing N N 261 
PRO N   H    sing N N 262 
PRO CA  C    sing N N 263 
PRO CA  CB   sing N N 264 
PRO CA  HA   sing N N 265 
PRO C   O    doub N N 266 
PRO C   OXT  sing N N 267 
PRO CB  CG   sing N N 268 
PRO CB  HB2  sing N N 269 
PRO CB  HB3  sing N N 270 
PRO CG  CD   sing N N 271 
PRO CG  HG2  sing N N 272 
PRO CG  HG3  sing N N 273 
PRO CD  HD2  sing N N 274 
PRO CD  HD3  sing N N 275 
PRO OXT HXT  sing N N 276 
SER N   CA   sing N N 277 
SER N   H    sing N N 278 
SER N   H2   sing N N 279 
SER CA  C    sing N N 280 
SER CA  CB   sing N N 281 
SER CA  HA   sing N N 282 
SER C   O    doub N N 283 
SER C   OXT  sing N N 284 
SER CB  OG   sing N N 285 
SER CB  HB2  sing N N 286 
SER CB  HB3  sing N N 287 
SER OG  HG   sing N N 288 
SER OXT HXT  sing N N 289 
THR N   CA   sing N N 290 
THR N   H    sing N N 291 
THR N   H2   sing N N 292 
THR CA  C    sing N N 293 
THR CA  CB   sing N N 294 
THR CA  HA   sing N N 295 
THR C   O    doub N N 296 
THR C   OXT  sing N N 297 
THR CB  OG1  sing N N 298 
THR CB  CG2  sing N N 299 
THR CB  HB   sing N N 300 
THR OG1 HG1  sing N N 301 
THR CG2 HG21 sing N N 302 
THR CG2 HG22 sing N N 303 
THR CG2 HG23 sing N N 304 
THR OXT HXT  sing N N 305 
TRP N   CA   sing N N 306 
TRP N   H    sing N N 307 
TRP N   H2   sing N N 308 
TRP CA  C    sing N N 309 
TRP CA  CB   sing N N 310 
TRP CA  HA   sing N N 311 
TRP C   O    doub N N 312 
TRP C   OXT  sing N N 313 
TRP CB  CG   sing N N 314 
TRP CB  HB2  sing N N 315 
TRP CB  HB3  sing N N 316 
TRP CG  CD1  doub Y N 317 
TRP CG  CD2  sing Y N 318 
TRP CD1 NE1  sing Y N 319 
TRP CD1 HD1  sing N N 320 
TRP CD2 CE2  doub Y N 321 
TRP CD2 CE3  sing Y N 322 
TRP NE1 CE2  sing Y N 323 
TRP NE1 HE1  sing N N 324 
TRP CE2 CZ2  sing Y N 325 
TRP CE3 CZ3  doub Y N 326 
TRP CE3 HE3  sing N N 327 
TRP CZ2 CH2  doub Y N 328 
TRP CZ2 HZ2  sing N N 329 
TRP CZ3 CH2  sing Y N 330 
TRP CZ3 HZ3  sing N N 331 
TRP CH2 HH2  sing N N 332 
TRP OXT HXT  sing N N 333 
TYR N   CA   sing N N 334 
TYR N   H    sing N N 335 
TYR N   H2   sing N N 336 
TYR CA  C    sing N N 337 
TYR CA  CB   sing N N 338 
TYR CA  HA   sing N N 339 
TYR C   O    doub N N 340 
TYR C   OXT  sing N N 341 
TYR CB  CG   sing N N 342 
TYR CB  HB2  sing N N 343 
TYR CB  HB3  sing N N 344 
TYR CG  CD1  doub Y N 345 
TYR CG  CD2  sing Y N 346 
TYR CD1 CE1  sing Y N 347 
TYR CD1 HD1  sing N N 348 
TYR CD2 CE2  doub Y N 349 
TYR CD2 HD2  sing N N 350 
TYR CE1 CZ   doub Y N 351 
TYR CE1 HE1  sing N N 352 
TYR CE2 CZ   sing Y N 353 
TYR CE2 HE2  sing N N 354 
TYR CZ  OH   sing N N 355 
TYR OH  HH   sing N N 356 
TYR OXT HXT  sing N N 357 
VAL N   CA   sing N N 358 
VAL N   H    sing N N 359 
VAL N   H2   sing N N 360 
VAL CA  C    sing N N 361 
VAL CA  CB   sing N N 362 
VAL CA  HA   sing N N 363 
VAL C   O    doub N N 364 
VAL C   OXT  sing N N 365 
VAL CB  CG1  sing N N 366 
VAL CB  CG2  sing N N 367 
VAL CB  HB   sing N N 368 
VAL CG1 HG11 sing N N 369 
VAL CG1 HG12 sing N N 370 
VAL CG1 HG13 sing N N 371 
VAL CG2 HG21 sing N N 372 
VAL CG2 HG22 sing N N 373 
VAL CG2 HG23 sing N N 374 
VAL OXT HXT  sing N N 375 
# 
_pdbx_initial_refinement_model.accession_code   ? 
_pdbx_initial_refinement_model.id               1 
_pdbx_initial_refinement_model.entity_id_list   ? 
_pdbx_initial_refinement_model.type             'experimental model' 
_pdbx_initial_refinement_model.source_name      Other 
_pdbx_initial_refinement_model.details          'a structure of the same protein obtained on MAD data' 
# 
_atom_sites.entry_id                    1ILW 
_atom_sites.fract_transf_matrix[1][1]   -0.01462174 
_atom_sites.fract_transf_matrix[1][2]   0.01596562 
_atom_sites.fract_transf_matrix[1][3]   0.02206846 
_atom_sites.fract_transf_matrix[2][1]   0.01146071 
_atom_sites.fract_transf_matrix[2][2]   0.01900585 
_atom_sites.fract_transf_matrix[2][3]   -0.00615652 
_atom_sites.fract_transf_matrix[3][1]   -0.01471641 
_atom_sites.fract_transf_matrix[3][2]   0.00593753 
_atom_sites.fract_transf_matrix[3][3]   -0.00906561 
_atom_sites.fract_transf_vector[1]      -0.186382 
_atom_sites.fract_transf_vector[2]      0.501409 
_atom_sites.fract_transf_vector[3]      -0.263833 
# 
loop_
_atom_type.symbol 
C 
N 
O 
S 
# 
loop_
_atom_site.group_PDB 
_atom_site.id 
_atom_site.type_symbol 
_atom_site.label_atom_id 
_atom_site.label_alt_id 
_atom_site.label_comp_id 
_atom_site.label_asym_id 
_atom_site.label_entity_id 
_atom_site.label_seq_id 
_atom_site.pdbx_PDB_ins_code 
_atom_site.Cartn_x 
_atom_site.Cartn_y 
_atom_site.Cartn_z 
_atom_site.occupancy 
_atom_site.B_iso_or_equiv 
_atom_site.pdbx_formal_charge 
_atom_site.auth_seq_id 
_atom_site.auth_comp_id 
_atom_site.auth_asym_id 
_atom_site.auth_atom_id 
_atom_site.pdbx_PDB_model_num 
ATOM   1    N N   . PRO A 1 2   ? -2.044  14.043  -13.955 1.00 25.66 ? 2   PRO A N   1 
ATOM   2    C CA  . PRO A 1 2   ? -0.836  14.736  -13.484 1.00 26.77 ? 2   PRO A CA  1 
ATOM   3    C C   . PRO A 1 2   ? 0.370   13.827  -13.716 1.00 28.62 ? 2   PRO A C   1 
ATOM   4    O O   . PRO A 1 2   ? 0.122   12.687  -14.122 1.00 25.34 ? 2   PRO A O   1 
ATOM   5    C CB  . PRO A 1 2   ? -1.083  14.953  -11.996 1.00 35.03 ? 2   PRO A CB  1 
ATOM   6    C CG  . PRO A 1 2   ? -2.536  14.678  -11.792 1.00 35.15 ? 2   PRO A CG  1 
ATOM   7    C CD  . PRO A 1 2   ? -2.872  13.608  -12.808 1.00 32.88 ? 2   PRO A CD  1 
ATOM   8    N N   . GLU A 1 3   ? 1.561   14.348  -13.469 1.00 26.49 ? 3   GLU A N   1 
ATOM   9    C CA  . GLU A 1 3   ? 2.830   13.670  -13.669 1.00 19.13 ? 3   GLU A CA  1 
ATOM   10   C C   . GLU A 1 3   ? 3.240   12.789  -12.501 1.00 15.68 ? 3   GLU A C   1 
ATOM   11   O O   . GLU A 1 3   ? 3.989   11.827  -12.670 1.00 20.81 ? 3   GLU A O   1 
ATOM   12   C CB  . GLU A 1 3   ? 3.969   14.685  -13.900 1.00 19.38 ? 3   GLU A CB  1 
ATOM   13   C CG  . GLU A 1 3   ? 3.988   15.241  -15.311 1.00 28.65 ? 3   GLU A CG  1 
ATOM   14   C CD  . GLU A 1 3   ? 5.352   15.740  -15.742 1.00 26.97 ? 3   GLU A CD  1 
ATOM   15   O OE1 . GLU A 1 3   ? 5.514   15.923  -16.965 1.00 27.45 ? 3   GLU A OE1 1 
ATOM   16   O OE2 . GLU A 1 3   ? 6.255   15.932  -14.903 1.00 26.39 ? 3   GLU A OE2 1 
ATOM   17   N N   . GLU A 1 4   ? 2.771   13.126  -11.304 1.00 19.55 ? 4   GLU A N   1 
ATOM   18   C CA  . GLU A 1 4   ? 3.114   12.315  -10.138 1.00 24.21 ? 4   GLU A CA  1 
ATOM   19   C C   . GLU A 1 4   ? 1.871   11.800  -9.419  1.00 25.84 ? 4   GLU A C   1 
ATOM   20   O O   . GLU A 1 4   ? 0.803   12.411  -9.453  1.00 13.11 ? 4   GLU A O   1 
ATOM   21   C CB  . GLU A 1 4   ? 3.946   13.127  -9.142  1.00 27.19 ? 4   GLU A CB  1 
ATOM   22   C CG  . GLU A 1 4   ? 3.098   14.198  -8.458  1.00 29.97 ? 4   GLU A CG  1 
ATOM   23   C CD  . GLU A 1 4   ? 3.634   15.585  -8.756  1.00 29.28 ? 4   GLU A CD  1 
ATOM   24   O OE1 . GLU A 1 4   ? 4.165   15.793  -9.868  1.00 38.15 ? 4   GLU A OE1 1 
ATOM   25   O OE2 . GLU A 1 4   ? 3.528   16.451  -7.867  1.00 39.53 ? 4   GLU A OE2 1 
ATOM   26   N N   . ALA A 1 5   ? 2.051   10.662  -8.758  1.00 14.30 ? 5   ALA A N   1 
ATOM   27   C CA  . ALA A 1 5   ? 1.002   10.042  -7.970  1.00 14.99 ? 5   ALA A CA  1 
ATOM   28   C C   . ALA A 1 5   ? 1.563   9.565   -6.630  1.00 15.45 ? 5   ALA A C   1 
ATOM   29   O O   . ALA A 1 5   ? 2.669   9.015   -6.611  1.00 13.56 ? 5   ALA A O   1 
ATOM   30   C CB  . ALA A 1 5   ? 0.389   8.864   -8.716  1.00 15.30 ? 5   ALA A CB  1 
ATOM   31   N N   . LEU A 1 6   ? 0.810   9.776   -5.560  1.00 8.28  ? 6   LEU A N   1 
ATOM   32   C CA  . LEU A 1 6   ? 1.130   9.200   -4.258  1.00 8.60  ? 6   LEU A CA  1 
ATOM   33   C C   . LEU A 1 6   ? 0.309   7.924   -4.113  1.00 7.91  ? 6   LEU A C   1 
ATOM   34   O O   . LEU A 1 6   ? -0.900  7.900   -4.352  1.00 14.38 ? 6   LEU A O   1 
ATOM   35   C CB  . LEU A 1 6   ? 0.825   10.152  -3.105  1.00 15.87 ? 6   LEU A CB  1 
ATOM   36   C CG  . LEU A 1 6   ? 1.049   9.576   -1.702  1.00 10.51 ? 6   LEU A CG  1 
ATOM   37   C CD1 . LEU A 1 6   ? 2.545   9.532   -1.423  1.00 8.86  ? 6   LEU A CD1 1 
ATOM   38   C CD2 . LEU A 1 6   ? 0.295   10.374  -0.653  1.00 12.58 ? 6   LEU A CD2 1 
ATOM   39   N N   . ILE A 1 7   ? 0.960   6.834   -3.753  1.00 8.02  ? 7   ILE A N   1 
ATOM   40   C CA  . ILE A 1 7   ? 0.229   5.589   -3.555  1.00 15.69 ? 7   ILE A CA  1 
ATOM   41   C C   . ILE A 1 7   ? 0.342   5.177   -2.087  1.00 9.57  ? 7   ILE A C   1 
ATOM   42   O O   . ILE A 1 7   ? 1.440   4.905   -1.615  1.00 10.00 ? 7   ILE A O   1 
ATOM   43   C CB  . ILE A 1 7   ? 0.735   4.453   -4.454  1.00 11.17 ? 7   ILE A CB  1 
ATOM   44   C CG1 . ILE A 1 7   ? 0.759   4.784   -5.949  1.00 17.57 ? 7   ILE A CG1 1 
ATOM   45   C CG2 . ILE A 1 7   ? -0.070  3.187   -4.181  1.00 11.29 ? 7   ILE A CG2 1 
ATOM   46   C CD1 . ILE A 1 7   ? 1.351   3.687   -6.810  1.00 20.64 ? 7   ILE A CD1 1 
ATOM   47   N N   . VAL A 1 8   ? -0.798  5.161   -1.414  1.00 7.51  ? 8   VAL A N   1 
ATOM   48   C CA  . VAL A 1 8   ? -0.818  4.833   0.008   1.00 10.43 ? 8   VAL A CA  1 
ATOM   49   C C   . VAL A 1 8   ? -1.191  3.362   0.148   1.00 12.15 ? 8   VAL A C   1 
ATOM   50   O O   . VAL A 1 8   ? -2.310  2.990   -0.178  1.00 12.67 ? 8   VAL A O   1 
ATOM   51   C CB  . VAL A 1 8   ? -1.787  5.705   0.820   1.00 10.78 ? 8   VAL A CB  1 
ATOM   52   C CG1 . VAL A 1 8   ? -1.632  5.425   2.318   1.00 10.13 ? 8   VAL A CG1 1 
ATOM   53   C CG2 . VAL A 1 8   ? -1.566  7.186   0.545   1.00 7.30  ? 8   VAL A CG2 1 
ATOM   54   N N   . VAL A 1 9   ? -0.257  2.539   0.620   1.00 13.86 ? 9   VAL A N   1 
ATOM   55   C CA  . VAL A 1 9   ? -0.484  1.092   0.616   1.00 13.76 ? 9   VAL A CA  1 
ATOM   56   C C   . VAL A 1 9   ? -1.062  0.585   1.934   1.00 11.38 ? 9   VAL A C   1 
ATOM   57   O O   . VAL A 1 9   ? -0.425  0.649   2.979   1.00 10.69 ? 9   VAL A O   1 
ATOM   58   C CB  . VAL A 1 9   ? 0.828   0.355   0.277   1.00 21.51 ? 9   VAL A CB  1 
ATOM   59   C CG1 . VAL A 1 9   ? 0.670   -1.159  0.312   1.00 14.95 ? 9   VAL A CG1 1 
ATOM   60   C CG2 . VAL A 1 9   ? 1.326   0.805   -1.099  1.00 11.13 ? 9   VAL A CG2 1 
ATOM   61   N N   . ASP A 1 10  ? -2.284  0.096   1.843   1.00 14.70 ? 10  ASP A N   1 
ATOM   62   C CA  . ASP A 1 10  ? -3.031  -0.661  2.824   1.00 20.22 ? 10  ASP A CA  1 
ATOM   63   C C   . ASP A 1 10  ? -3.019  -0.064  4.221   1.00 13.18 ? 10  ASP A C   1 
ATOM   64   O O   . ASP A 1 10  ? -2.838  -0.792  5.201   1.00 9.14  ? 10  ASP A O   1 
ATOM   65   C CB  . ASP A 1 10  ? -2.471  -2.105  2.872   1.00 18.69 ? 10  ASP A CB  1 
ATOM   66   C CG  . ASP A 1 10  ? -2.684  -2.815  1.546   1.00 16.15 ? 10  ASP A CG  1 
ATOM   67   O OD1 . ASP A 1 10  ? -3.513  -2.306  0.767   1.00 13.83 ? 10  ASP A OD1 1 
ATOM   68   O OD2 . ASP A 1 10  ? -2.055  -3.852  1.256   1.00 15.46 ? 10  ASP A OD2 1 
ATOM   69   N N   . MET A 1 11  ? -3.217  1.245   4.330   1.00 11.38 ? 11  MET A N   1 
ATOM   70   C CA  . MET A 1 11  ? -3.292  1.856   5.657   1.00 4.12  ? 11  MET A CA  1 
ATOM   71   C C   . MET A 1 11  ? -4.676  1.623   6.261   1.00 15.34 ? 11  MET A C   1 
ATOM   72   O O   . MET A 1 11  ? -5.522  2.511   6.305   1.00 7.40  ? 11  MET A O   1 
ATOM   73   C CB  . MET A 1 11  ? -2.948  3.348   5.601   1.00 9.94  ? 11  MET A CB  1 
ATOM   74   C CG  . MET A 1 11  ? -1.466  3.623   5.337   1.00 12.26 ? 11  MET A CG  1 
ATOM   75   S SD  . MET A 1 11  ? -0.369  2.976   6.628   1.00 14.85 ? 11  MET A SD  1 
ATOM   76   C CE  . MET A 1 11  ? -0.738  4.125   7.956   1.00 14.28 ? 11  MET A CE  1 
ATOM   77   N N   . GLN A 1 12  ? -4.892  0.398   6.736   1.00 12.35 ? 12  GLN A N   1 
ATOM   78   C CA  . GLN A 1 12  ? -6.170  -0.064  7.235   1.00 15.88 ? 12  GLN A CA  1 
ATOM   79   C C   . GLN A 1 12  ? -6.112  -0.458  8.712   1.00 15.79 ? 12  GLN A C   1 
ATOM   80   O O   . GLN A 1 12  ? -5.067  -0.777  9.269   1.00 13.24 ? 12  GLN A O   1 
ATOM   81   C CB  . GLN A 1 12  ? -6.660  -1.269  6.410   1.00 10.53 ? 12  GLN A CB  1 
ATOM   82   C CG  . GLN A 1 12  ? -6.728  -0.996  4.913   1.00 15.78 ? 12  GLN A CG  1 
ATOM   83   C CD  . GLN A 1 12  ? -7.048  -2.229  4.094   1.00 15.88 ? 12  GLN A CD  1 
ATOM   84   O OE1 . GLN A 1 12  ? -6.185  -2.780  3.417   1.00 12.70 ? 12  GLN A OE1 1 
ATOM   85   N NE2 . GLN A 1 12  ? -8.303  -2.682  4.148   1.00 10.62 ? 12  GLN A NE2 1 
ATOM   86   N N   . ARG A 1 13  ? -7.267  -0.445  9.352   1.00 12.68 ? 13  ARG A N   1 
ATOM   87   C CA  . ARG A 1 13  ? -7.417  -0.753  10.769  1.00 13.71 ? 13  ARG A CA  1 
ATOM   88   C C   . ARG A 1 13  ? -6.801  -2.083  11.152  1.00 21.55 ? 13  ARG A C   1 
ATOM   89   O O   . ARG A 1 13  ? -6.056  -2.203  12.134  1.00 15.46 ? 13  ARG A O   1 
ATOM   90   C CB  . ARG A 1 13  ? -8.916  -0.723  11.103  1.00 18.36 ? 13  ARG A CB  1 
ATOM   91   C CG  . ARG A 1 13  ? -9.203  -0.769  12.599  1.00 32.68 ? 13  ARG A CG  1 
ATOM   92   C CD  . ARG A 1 13  ? -10.679 -0.519  12.893  1.00 31.39 ? 13  ARG A CD  1 
ATOM   93   N NE  . ARG A 1 13  ? -11.043 0.875   12.699  1.00 35.23 ? 13  ARG A NE  1 
ATOM   94   C CZ  . ARG A 1 13  ? -12.179 1.465   13.022  1.00 52.46 ? 13  ARG A CZ  1 
ATOM   95   N NH1 . ARG A 1 13  ? -13.178 0.802   13.588  1.00 78.87 ? 13  ARG A NH1 1 
ATOM   96   N NH2 . ARG A 1 13  ? -12.349 2.761   12.771  1.00 51.05 ? 13  ARG A NH2 1 
ATOM   97   N N   . ASP A 1 14  ? -7.082  -3.150  10.399  1.00 13.85 ? 14  ASP A N   1 
ATOM   98   C CA  . ASP A 1 14  ? -6.520  -4.432  10.828  1.00 18.28 ? 14  ASP A CA  1 
ATOM   99   C C   . ASP A 1 14  ? -4.998  -4.486  10.760  1.00 18.89 ? 14  ASP A C   1 
ATOM   100  O O   . ASP A 1 14  ? -4.428  -5.381  11.400  1.00 19.01 ? 14  ASP A O   1 
ATOM   101  C CB  . ASP A 1 14  ? -7.087  -5.580  9.995   1.00 14.79 ? 14  ASP A CB  1 
ATOM   102  C CG  . ASP A 1 14  ? -8.364  -6.171  10.570  1.00 24.51 ? 14  ASP A CG  1 
ATOM   103  O OD1 . ASP A 1 14  ? -8.651  -5.985  11.776  1.00 15.66 ? 14  ASP A OD1 1 
ATOM   104  O OD2 . ASP A 1 14  ? -9.085  -6.833  9.793   1.00 20.51 ? 14  ASP A OD2 1 
ATOM   105  N N   . PHE A 1 15  ? -4.323  -3.605  10.024  1.00 12.80 ? 15  PHE A N   1 
ATOM   106  C CA  . PHE A 1 15  ? -2.852  -3.665  9.996   1.00 13.79 ? 15  PHE A CA  1 
ATOM   107  C C   . PHE A 1 15  ? -2.225  -2.742  11.038  1.00 14.02 ? 15  PHE A C   1 
ATOM   108  O O   . PHE A 1 15  ? -0.997  -2.650  11.139  1.00 16.92 ? 15  PHE A O   1 
ATOM   109  C CB  . PHE A 1 15  ? -2.277  -3.317  8.618   1.00 24.00 ? 15  PHE A CB  1 
ATOM   110  C CG  . PHE A 1 15  ? -2.712  -4.280  7.528   1.00 18.33 ? 15  PHE A CG  1 
ATOM   111  C CD1 . PHE A 1 15  ? -2.525  -5.642  7.710   1.00 13.62 ? 15  PHE A CD1 1 
ATOM   112  C CD2 . PHE A 1 15  ? -3.299  -3.817  6.363   1.00 11.22 ? 15  PHE A CD2 1 
ATOM   113  C CE1 . PHE A 1 15  ? -2.935  -6.536  6.749   1.00 15.35 ? 15  PHE A CE1 1 
ATOM   114  C CE2 . PHE A 1 15  ? -3.722  -4.713  5.398   1.00 15.45 ? 15  PHE A CE2 1 
ATOM   115  C CZ  . PHE A 1 15  ? -3.550  -6.072  5.596   1.00 12.16 ? 15  PHE A CZ  1 
ATOM   116  N N   . MET A 1 16  ? -3.013  -2.023  11.831  1.00 10.48 ? 16  MET A N   1 
ATOM   117  C CA  . MET A 1 16  ? -2.453  -1.164  12.874  1.00 8.02  ? 16  MET A CA  1 
ATOM   118  C C   . MET A 1 16  ? -2.516  -1.856  14.239  1.00 16.62 ? 16  MET A C   1 
ATOM   119  O O   . MET A 1 16  ? -3.341  -2.773  14.307  1.00 15.65 ? 16  MET A O   1 
ATOM   120  C CB  . MET A 1 16  ? -3.208  0.155   12.987  1.00 14.00 ? 16  MET A CB  1 
ATOM   121  C CG  . MET A 1 16  ? -3.168  0.991   11.722  1.00 17.27 ? 16  MET A CG  1 
ATOM   122  S SD  . MET A 1 16  ? -1.550  1.682   11.373  1.00 17.89 ? 16  MET A SD  1 
ATOM   123  C CE  . MET A 1 16  ? -1.106  0.796   9.884   1.00 18.83 ? 16  MET A CE  1 
ATOM   124  N N   . PRO A 1 17  ? -1.726  -1.452  15.225  1.00 16.68 ? 17  PRO A N   1 
ATOM   125  C CA  . PRO A 1 17  ? -1.833  -2.011  16.584  1.00 17.80 ? 17  PRO A CA  1 
ATOM   126  C C   . PRO A 1 17  ? -3.287  -2.098  17.011  1.00 19.93 ? 17  PRO A C   1 
ATOM   127  O O   . PRO A 1 17  ? -4.068  -1.184  16.724  1.00 12.47 ? 17  PRO A O   1 
ATOM   128  C CB  . PRO A 1 17  ? -1.056  -0.991  17.430  1.00 22.64 ? 17  PRO A CB  1 
ATOM   129  C CG  . PRO A 1 17  ? 0.065   -0.624  16.493  1.00 14.40 ? 17  PRO A CG  1 
ATOM   130  C CD  . PRO A 1 17  ? -0.635  -0.448  15.164  1.00 10.93 ? 17  PRO A CD  1 
ATOM   131  N N   . GLY A 1 18  ? -3.662  -3.209  17.640  1.00 20.18 ? 18  GLY A N   1 
ATOM   132  C CA  . GLY A 1 18  ? -5.064  -3.385  17.996  1.00 28.28 ? 18  GLY A CA  1 
ATOM   133  C C   . GLY A 1 18  ? -5.880  -4.059  16.917  1.00 25.97 ? 18  GLY A C   1 
ATOM   134  O O   . GLY A 1 18  ? -7.035  -4.434  17.140  1.00 34.57 ? 18  GLY A O   1 
ATOM   135  N N   . GLY A 1 19  ? -5.325  -4.245  15.717  1.00 19.75 ? 19  GLY A N   1 
ATOM   136  C CA  . GLY A 1 19  ? -6.044  -4.914  14.653  1.00 18.89 ? 19  GLY A CA  1 
ATOM   137  C C   . GLY A 1 19  ? -5.789  -6.403  14.565  1.00 17.56 ? 19  GLY A C   1 
ATOM   138  O O   . GLY A 1 19  ? -5.013  -7.004  15.308  1.00 19.55 ? 19  GLY A O   1 
ATOM   139  N N   . ALA A 1 20  ? -6.438  -7.069  13.615  1.00 15.64 ? 20  ALA A N   1 
ATOM   140  C CA  . ALA A 1 20  ? -6.274  -8.507  13.451  1.00 21.09 ? 20  ALA A CA  1 
ATOM   141  C C   . ALA A 1 20  ? -4.909  -8.950  12.938  1.00 22.56 ? 20  ALA A C   1 
ATOM   142  O O   . ALA A 1 20  ? -4.538  -10.093 13.230  1.00 17.05 ? 20  ALA A O   1 
ATOM   143  C CB  . ALA A 1 20  ? -7.343  -9.031  12.488  1.00 33.33 ? 20  ALA A CB  1 
ATOM   144  N N   . LEU A 1 21  ? -4.183  -8.119  12.198  1.00 14.64 ? 21  LEU A N   1 
ATOM   145  C CA  . LEU A 1 21  ? -2.867  -8.469  11.654  1.00 17.76 ? 21  LEU A CA  1 
ATOM   146  C C   . LEU A 1 21  ? -1.961  -7.250  11.757  1.00 15.97 ? 21  LEU A C   1 
ATOM   147  O O   . LEU A 1 21  ? -1.573  -6.603  10.785  1.00 13.86 ? 21  LEU A O   1 
ATOM   148  C CB  . LEU A 1 21  ? -3.027  -8.987  10.224  1.00 22.55 ? 21  LEU A CB  1 
ATOM   149  C CG  . LEU A 1 21  ? -1.837  -9.632  9.517   1.00 32.89 ? 21  LEU A CG  1 
ATOM   150  C CD1 . LEU A 1 21  ? -1.184  -10.702 10.381  1.00 39.84 ? 21  LEU A CD1 1 
ATOM   151  C CD2 . LEU A 1 21  ? -2.247  -10.247 8.182   1.00 15.48 ? 21  LEU A CD2 1 
ATOM   152  N N   . PRO A 1 22  ? -1.631  -6.890  12.997  1.00 17.82 ? 22  PRO A N   1 
ATOM   153  C CA  . PRO A 1 22  ? -1.016  -5.594  13.270  1.00 13.50 ? 22  PRO A CA  1 
ATOM   154  C C   . PRO A 1 22  ? 0.451   -5.512  12.874  1.00 16.23 ? 22  PRO A C   1 
ATOM   155  O O   . PRO A 1 22  ? 1.238   -6.443  12.999  1.00 20.96 ? 22  PRO A O   1 
ATOM   156  C CB  . PRO A 1 22  ? -1.159  -5.454  14.794  1.00 18.21 ? 22  PRO A CB  1 
ATOM   157  C CG  . PRO A 1 22  ? -1.129  -6.867  15.272  1.00 19.63 ? 22  PRO A CG  1 
ATOM   158  C CD  . PRO A 1 22  ? -1.829  -7.685  14.218  1.00 18.57 ? 22  PRO A CD  1 
ATOM   159  N N   . VAL A 1 23  ? 0.797   -4.329  12.373  1.00 16.35 ? 23  VAL A N   1 
ATOM   160  C CA  . VAL A 1 23  ? 2.182   -3.990  12.059  1.00 14.23 ? 23  VAL A CA  1 
ATOM   161  C C   . VAL A 1 23  ? 2.742   -3.298  13.296  1.00 16.44 ? 23  VAL A C   1 
ATOM   162  O O   . VAL A 1 23  ? 2.122   -2.321  13.711  1.00 18.09 ? 23  VAL A O   1 
ATOM   163  C CB  . VAL A 1 23  ? 2.274   -3.095  10.821  1.00 16.58 ? 23  VAL A CB  1 
ATOM   164  C CG1 . VAL A 1 23  ? 3.677   -2.540  10.628  1.00 27.10 ? 23  VAL A CG1 1 
ATOM   165  C CG2 . VAL A 1 23  ? 1.840   -3.885  9.580   1.00 10.52 ? 23  VAL A CG2 1 
ATOM   166  N N   . PRO A 1 24  ? 3.826   -3.796  13.876  1.00 17.75 ? 24  PRO A N   1 
ATOM   167  C CA  . PRO A 1 24  ? 4.395   -3.198  15.089  1.00 14.02 ? 24  PRO A CA  1 
ATOM   168  C C   . PRO A 1 24  ? 4.543   -1.688  14.955  1.00 15.09 ? 24  PRO A C   1 
ATOM   169  O O   . PRO A 1 24  ? 5.247   -1.222  14.059  1.00 17.63 ? 24  PRO A O   1 
ATOM   170  C CB  . PRO A 1 24  ? 5.776   -3.857  15.162  1.00 21.16 ? 24  PRO A CB  1 
ATOM   171  C CG  . PRO A 1 24  ? 5.604   -5.180  14.500  1.00 19.42 ? 24  PRO A CG  1 
ATOM   172  C CD  . PRO A 1 24  ? 4.578   -4.977  13.420  1.00 18.64 ? 24  PRO A CD  1 
ATOM   173  N N   . GLU A 1 25  ? 3.876   -0.922  15.812  1.00 17.81 ? 25  GLU A N   1 
ATOM   174  C CA  . GLU A 1 25  ? 3.960   0.536   15.798  1.00 23.79 ? 25  GLU A CA  1 
ATOM   175  C C   . GLU A 1 25  ? 3.534   1.145   14.469  1.00 28.58 ? 25  GLU A C   1 
ATOM   176  O O   . GLU A 1 25  ? 3.945   2.262   14.124  1.00 25.59 ? 25  GLU A O   1 
ATOM   177  C CB  . GLU A 1 25  ? 5.395   0.975   16.147  1.00 25.08 ? 25  GLU A CB  1 
ATOM   178  C CG  . GLU A 1 25  ? 5.971   0.209   17.328  1.00 36.22 ? 25  GLU A CG  1 
ATOM   179  C CD  . GLU A 1 25  ? 7.333   0.675   17.789  1.00 47.03 ? 25  GLU A CD  1 
ATOM   180  O OE1 . GLU A 1 25  ? 8.340   0.017   17.449  1.00 77.97 ? 25  GLU A OE1 1 
ATOM   181  O OE2 . GLU A 1 25  ? 7.413   1.695   18.501  1.00 50.93 ? 25  GLU A OE2 1 
ATOM   182  N N   . GLY A 1 26  ? 2.699   0.451   13.698  1.00 20.99 ? 26  GLY A N   1 
ATOM   183  C CA  . GLY A 1 26  ? 2.270   0.944   12.396  1.00 15.77 ? 26  GLY A CA  1 
ATOM   184  C C   . GLY A 1 26  ? 1.553   2.272   12.478  1.00 20.63 ? 26  GLY A C   1 
ATOM   185  O O   . GLY A 1 26  ? 1.462   3.023   11.498  1.00 16.30 ? 26  GLY A O   1 
ATOM   186  N N   . ASP A 1 27  ? 1.027   2.581   13.667  1.00 15.84 ? 27  ASP A N   1 
ATOM   187  C CA  . ASP A 1 27  ? 0.240   3.800   13.824  1.00 14.44 ? 27  ASP A CA  1 
ATOM   188  C C   . ASP A 1 27  ? 1.142   5.028   13.881  1.00 11.79 ? 27  ASP A C   1 
ATOM   189  O O   . ASP A 1 27  ? 0.665   6.142   13.692  1.00 11.05 ? 27  ASP A O   1 
ATOM   190  C CB  . ASP A 1 27  ? -0.627  3.739   15.082  1.00 25.89 ? 27  ASP A CB  1 
ATOM   191  C CG  . ASP A 1 27  ? 0.136   3.422   16.352  1.00 35.38 ? 27  ASP A CG  1 
ATOM   192  O OD1 . ASP A 1 27  ? 1.080   2.605   16.327  1.00 23.31 ? 27  ASP A OD1 1 
ATOM   193  O OD2 . ASP A 1 27  ? -0.212  4.002   17.408  1.00 44.66 ? 27  ASP A OD2 1 
ATOM   194  N N   . LYS A 1 28  ? 2.426   4.813   14.134  1.00 17.46 ? 28  LYS A N   1 
ATOM   195  C CA  . LYS A 1 28  ? 3.362   5.915   14.329  1.00 23.26 ? 28  LYS A CA  1 
ATOM   196  C C   . LYS A 1 28  ? 3.671   6.628   13.018  1.00 24.45 ? 28  LYS A C   1 
ATOM   197  O O   . LYS A 1 28  ? 4.137   7.772   13.067  1.00 19.98 ? 28  LYS A O   1 
ATOM   198  C CB  . LYS A 1 28  ? 4.660   5.434   14.991  1.00 23.29 ? 28  LYS A CB  1 
ATOM   199  C CG  . LYS A 1 28  ? 4.451   4.845   16.378  1.00 33.44 ? 28  LYS A CG  1 
ATOM   200  C CD  . LYS A 1 28  ? 5.708   4.922   17.231  1.00 33.97 ? 28  LYS A CD  1 
ATOM   201  C CE  . LYS A 1 28  ? 5.630   4.069   18.482  1.00 30.00 ? 28  LYS A CE  1 
ATOM   202  N NZ  . LYS A 1 28  ? 4.756   4.645   19.535  1.00 28.80 ? 28  LYS A NZ  1 
ATOM   203  N N   . ILE A 1 29  ? 3.410   5.963   11.887  1.00 16.31 ? 29  ILE A N   1 
ATOM   204  C CA  . ILE A 1 29  ? 3.650   6.588   10.594  1.00 13.84 ? 29  ILE A CA  1 
ATOM   205  C C   . ILE A 1 29  ? 2.397   7.280   10.070  1.00 22.09 ? 29  ILE A C   1 
ATOM   206  O O   . ILE A 1 29  ? 2.473   7.956   9.042   1.00 22.83 ? 29  ILE A O   1 
ATOM   207  C CB  . ILE A 1 29  ? 4.095   5.578   9.513   1.00 5.51  ? 29  ILE A CB  1 
ATOM   208  C CG1 . ILE A 1 29  ? 2.994   4.576   9.143   1.00 11.14 ? 29  ILE A CG1 1 
ATOM   209  C CG2 . ILE A 1 29  ? 5.366   4.853   9.912   1.00 12.08 ? 29  ILE A CG2 1 
ATOM   210  C CD1 . ILE A 1 29  ? 3.397   3.700   7.967   1.00 4.58  ? 29  ILE A CD1 1 
ATOM   211  N N   . ILE A 1 30  ? 1.247   7.109   10.729  1.00 16.09 ? 30  ILE A N   1 
ATOM   212  C CA  . ILE A 1 30  ? 0.040   7.743   10.199  1.00 12.09 ? 30  ILE A CA  1 
ATOM   213  C C   . ILE A 1 30  ? 0.111   9.261   10.093  1.00 10.96 ? 30  ILE A C   1 
ATOM   214  O O   . ILE A 1 30  ? -0.348  9.815   9.077   1.00 17.14 ? 30  ILE A O   1 
ATOM   215  C CB  . ILE A 1 30  ? -1.200  7.388   11.051  1.00 20.32 ? 30  ILE A CB  1 
ATOM   216  C CG1 . ILE A 1 30  ? -1.552  5.904   11.112  1.00 13.17 ? 30  ILE A CG1 1 
ATOM   217  C CG2 . ILE A 1 30  ? -2.386  8.209   10.561  1.00 31.57 ? 30  ILE A CG2 1 
ATOM   218  C CD1 . ILE A 1 30  ? -2.820  5.614   11.901  1.00 14.33 ? 30  ILE A CD1 1 
ATOM   219  N N   . PRO A 1 31  ? 0.615   10.013  11.066  1.00 16.01 ? 31  PRO A N   1 
ATOM   220  C CA  . PRO A 1 31  ? 0.759   11.466  10.894  1.00 15.84 ? 31  PRO A CA  1 
ATOM   221  C C   . PRO A 1 31  ? 1.571   11.860  9.663   1.00 24.04 ? 31  PRO A C   1 
ATOM   222  O O   . PRO A 1 31  ? 1.186   12.720  8.863   1.00 14.32 ? 31  PRO A O   1 
ATOM   223  C CB  . PRO A 1 31  ? 1.527   11.875  12.156  1.00 23.80 ? 31  PRO A CB  1 
ATOM   224  C CG  . PRO A 1 31  ? 1.085   10.874  13.174  1.00 24.17 ? 31  PRO A CG  1 
ATOM   225  C CD  . PRO A 1 31  ? 1.034   9.577   12.408  1.00 17.89 ? 31  PRO A CD  1 
ATOM   226  N N   . LYS A 1 32  ? 2.744   11.247  9.491   1.00 14.65 ? 32  LYS A N   1 
ATOM   227  C CA  . LYS A 1 32  ? 3.555   11.568  8.315   1.00 15.89 ? 32  LYS A CA  1 
ATOM   228  C C   . LYS A 1 32  ? 2.867   11.126  7.028   1.00 13.18 ? 32  LYS A C   1 
ATOM   229  O O   . LYS A 1 32  ? 2.895   11.814  6.002   1.00 18.12 ? 32  LYS A O   1 
ATOM   230  C CB  . LYS A 1 32  ? 4.942   10.936  8.449   1.00 17.58 ? 32  LYS A CB  1 
ATOM   231  C CG  . LYS A 1 32  ? 5.835   11.101  7.230   1.00 19.54 ? 32  LYS A CG  1 
ATOM   232  C CD  . LYS A 1 32  ? 6.441   12.487  7.155   1.00 27.02 ? 32  LYS A CD  1 
ATOM   233  C CE  . LYS A 1 32  ? 6.935   12.961  8.519   1.00 25.82 ? 32  LYS A CE  1 
ATOM   234  N NZ  . LYS A 1 32  ? 7.365   14.389  8.441   1.00 27.58 ? 32  LYS A NZ  1 
ATOM   235  N N   . VAL A 1 33  ? 2.214   9.966   7.055   1.00 14.95 ? 33  VAL A N   1 
ATOM   236  C CA  . VAL A 1 33  ? 1.459   9.545   5.867   1.00 14.85 ? 33  VAL A CA  1 
ATOM   237  C C   . VAL A 1 33  ? 0.408   10.589  5.517   1.00 13.39 ? 33  VAL A C   1 
ATOM   238  O O   . VAL A 1 33  ? 0.254   11.005  4.374   1.00 8.52  ? 33  VAL A O   1 
ATOM   239  C CB  . VAL A 1 33  ? 0.805   8.165   6.078   1.00 22.19 ? 33  VAL A CB  1 
ATOM   240  C CG1 . VAL A 1 33  ? -0.248  7.891   5.014   1.00 18.13 ? 33  VAL A CG1 1 
ATOM   241  C CG2 . VAL A 1 33  ? 1.871   7.067   6.082   1.00 10.95 ? 33  VAL A CG2 1 
ATOM   242  N N   . ASN A 1 34  ? -0.352  11.060  6.508   1.00 19.19 ? 34  ASN A N   1 
ATOM   243  C CA  . ASN A 1 34  ? -1.372  12.072  6.242   1.00 14.93 ? 34  ASN A CA  1 
ATOM   244  C C   . ASN A 1 34  ? -0.775  13.371  5.732   1.00 14.49 ? 34  ASN A C   1 
ATOM   245  O O   . ASN A 1 34  ? -1.369  14.094  4.915   1.00 10.31 ? 34  ASN A O   1 
ATOM   246  C CB  . ASN A 1 34  ? -2.179  12.324  7.525   1.00 15.96 ? 34  ASN A CB  1 
ATOM   247  C CG  . ASN A 1 34  ? -3.289  11.300  7.677   1.00 19.61 ? 34  ASN A CG  1 
ATOM   248  O OD1 . ASN A 1 34  ? -3.750  10.734  6.681   1.00 22.69 ? 34  ASN A OD1 1 
ATOM   249  N ND2 . ASN A 1 34  ? -3.724  11.053  8.910   1.00 27.44 ? 34  ASN A ND2 1 
ATOM   250  N N   . GLU A 1 35  ? 0.413   13.673  6.247   1.00 21.26 ? 35  GLU A N   1 
ATOM   251  C CA  . GLU A 1 35  ? 1.116   14.908  5.871   1.00 24.99 ? 35  GLU A CA  1 
ATOM   252  C C   . GLU A 1 35  ? 1.551   14.819  4.413   1.00 23.23 ? 35  GLU A C   1 
ATOM   253  O O   . GLU A 1 35  ? 1.412   15.759  3.637   1.00 19.96 ? 35  GLU A O   1 
ATOM   254  C CB  . GLU A 1 35  ? 2.273   15.124  6.832   1.00 29.76 ? 35  GLU A CB  1 
ATOM   255  C CG  . GLU A 1 35  ? 3.227   16.265  6.535   1.00 36.54 ? 35  GLU A CG  1 
ATOM   256  C CD  . GLU A 1 35  ? 4.504   16.149  7.349   1.00 46.44 ? 35  GLU A CD  1 
ATOM   257  O OE1 . GLU A 1 35  ? 4.442   15.665  8.503   1.00 61.10 ? 35  GLU A OE1 1 
ATOM   258  O OE2 . GLU A 1 35  ? 5.575   16.536  6.841   1.00 58.20 ? 35  GLU A OE2 1 
ATOM   259  N N   . TYR A 1 36  ? 2.069   13.663  3.993   1.00 12.83 ? 36  TYR A N   1 
ATOM   260  C CA  . TYR A 1 36  ? 2.372   13.505  2.561   1.00 11.16 ? 36  TYR A CA  1 
ATOM   261  C C   . TYR A 1 36  ? 1.119   13.605  1.719   1.00 5.45  ? 36  TYR A C   1 
ATOM   262  O O   . TYR A 1 36  ? 1.092   14.206  0.643   1.00 15.13 ? 36  TYR A O   1 
ATOM   263  C CB  . TYR A 1 36  ? 3.072   12.168  2.322   1.00 7.83  ? 36  TYR A CB  1 
ATOM   264  C CG  . TYR A 1 36  ? 4.553   12.169  2.634   1.00 13.78 ? 36  TYR A CG  1 
ATOM   265  C CD1 . TYR A 1 36  ? 5.421   13.059  2.021   1.00 11.18 ? 36  TYR A CD1 1 
ATOM   266  C CD2 . TYR A 1 36  ? 5.084   11.266  3.557   1.00 13.62 ? 36  TYR A CD2 1 
ATOM   267  C CE1 . TYR A 1 36  ? 6.777   13.044  2.324   1.00 15.55 ? 36  TYR A CE1 1 
ATOM   268  C CE2 . TYR A 1 36  ? 6.429   11.237  3.860   1.00 10.04 ? 36  TYR A CE2 1 
ATOM   269  C CZ  . TYR A 1 36  ? 7.274   12.140  3.234   1.00 13.41 ? 36  TYR A CZ  1 
ATOM   270  O OH  . TYR A 1 36  ? 8.613   12.114  3.530   1.00 12.97 ? 36  TYR A OH  1 
ATOM   271  N N   . ILE A 1 37  ? 0.008   13.021  2.179   1.00 11.24 ? 37  ILE A N   1 
ATOM   272  C CA  . ILE A 1 37  ? -1.225  13.126  1.395   1.00 15.74 ? 37  ILE A CA  1 
ATOM   273  C C   . ILE A 1 37  ? -1.625  14.580  1.191   1.00 23.89 ? 37  ILE A C   1 
ATOM   274  O O   . ILE A 1 37  ? -1.921  15.072  0.094   1.00 15.84 ? 37  ILE A O   1 
ATOM   275  C CB  . ILE A 1 37  ? -2.370  12.349  2.083   1.00 16.17 ? 37  ILE A CB  1 
ATOM   276  C CG1 . ILE A 1 37  ? -2.196  10.825  2.064   1.00 13.38 ? 37  ILE A CG1 1 
ATOM   277  C CG2 . ILE A 1 37  ? -3.707  12.765  1.490   1.00 10.87 ? 37  ILE A CG2 1 
ATOM   278  C CD1 . ILE A 1 37  ? -3.124  10.098  3.021   1.00 15.67 ? 37  ILE A CD1 1 
ATOM   279  N N   . ARG A 1 38  ? -1.623  15.308  2.309   1.00 17.56 ? 38  ARG A N   1 
ATOM   280  C CA  . ARG A 1 38  ? -1.967  16.726  2.287   1.00 16.29 ? 38  ARG A CA  1 
ATOM   281  C C   . ARG A 1 38  ? -1.054  17.475  1.326   1.00 16.50 ? 38  ARG A C   1 
ATOM   282  O O   . ARG A 1 38  ? -1.533  18.237  0.482   1.00 21.65 ? 38  ARG A O   1 
ATOM   283  C CB  . ARG A 1 38  ? -1.861  17.332  3.693   1.00 15.25 ? 38  ARG A CB  1 
ATOM   284  C CG  . ARG A 1 38  ? -2.939  16.826  4.636   1.00 23.89 ? 38  ARG A CG  1 
ATOM   285  C CD  . ARG A 1 38  ? -3.106  17.726  5.852   1.00 31.58 ? 38  ARG A CD  1 
ATOM   286  N NE  . ARG A 1 38  ? -1.828  18.011  6.492   1.00 31.45 ? 38  ARG A NE  1 
ATOM   287  C CZ  . ARG A 1 38  ? -1.202  17.202  7.336   1.00 37.79 ? 38  ARG A CZ  1 
ATOM   288  N NH1 . ARG A 1 38  ? -1.725  16.026  7.668   1.00 24.76 ? 38  ARG A NH1 1 
ATOM   289  N NH2 . ARG A 1 38  ? -0.037  17.581  7.851   1.00 34.69 ? 38  ARG A NH2 1 
ATOM   290  N N   . LYS A 1 39  ? 0.241   17.219  1.466   1.00 16.54 ? 39  LYS A N   1 
ATOM   291  C CA  . LYS A 1 39  ? 1.265   17.846  0.641   1.00 32.62 ? 39  LYS A CA  1 
ATOM   292  C C   . LYS A 1 39  ? 1.046   17.583  -0.847  1.00 36.16 ? 39  LYS A C   1 
ATOM   293  O O   . LYS A 1 39  ? 0.957   18.493  -1.679  1.00 23.35 ? 39  LYS A O   1 
ATOM   294  C CB  . LYS A 1 39  ? 2.644   17.341  1.067   1.00 44.08 ? 39  LYS A CB  1 
ATOM   295  C CG  . LYS A 1 39  ? 3.818   18.070  0.436   1.00 55.19 ? 39  LYS A CG  1 
ATOM   296  C CD  . LYS A 1 39  ? 5.115   17.736  1.161   1.00 60.47 ? 39  LYS A CD  1 
ATOM   297  C CE  . LYS A 1 39  ? 4.855   17.324  2.602   1.00 61.15 ? 39  LYS A CE  1 
ATOM   298  N NZ  . LYS A 1 39  ? 6.093   17.379  3.431   1.00 62.91 ? 39  LYS A NZ  1 
ATOM   299  N N   . PHE A 1 40  ? 0.958   16.295  -1.178  1.00 21.37 ? 40  PHE A N   1 
ATOM   300  C CA  . PHE A 1 40  ? 0.725   15.911  -2.566  1.00 21.89 ? 40  PHE A CA  1 
ATOM   301  C C   . PHE A 1 40  ? -0.604  16.446  -3.065  1.00 20.56 ? 40  PHE A C   1 
ATOM   302  O O   . PHE A 1 40  ? -0.749  16.778  -4.241  1.00 30.20 ? 40  PHE A O   1 
ATOM   303  C CB  . PHE A 1 40  ? 0.737   14.390  -2.729  1.00 20.80 ? 40  PHE A CB  1 
ATOM   304  C CG  . PHE A 1 40  ? 2.146   13.828  -2.853  1.00 22.50 ? 40  PHE A CG  1 
ATOM   305  C CD1 . PHE A 1 40  ? 2.935   13.713  -1.726  1.00 17.64 ? 40  PHE A CD1 1 
ATOM   306  C CD2 . PHE A 1 40  ? 2.635   13.434  -4.091  1.00 25.05 ? 40  PHE A CD2 1 
ATOM   307  C CE1 . PHE A 1 40  ? 4.210   13.198  -1.826  1.00 17.79 ? 40  PHE A CE1 1 
ATOM   308  C CE2 . PHE A 1 40  ? 3.911   12.918  -4.184  1.00 23.25 ? 40  PHE A CE2 1 
ATOM   309  C CZ  . PHE A 1 40  ? 4.705   12.812  -3.058  1.00 14.36 ? 40  PHE A CZ  1 
ATOM   310  N N   . LYS A 1 41  ? -1.576  16.519  -2.152  1.00 23.89 ? 41  LYS A N   1 
ATOM   311  C CA  . LYS A 1 41  ? -2.887  17.004  -2.602  1.00 34.66 ? 41  LYS A CA  1 
ATOM   312  C C   . LYS A 1 41  ? -2.815  18.490  -2.924  1.00 34.97 ? 41  LYS A C   1 
ATOM   313  O O   . LYS A 1 41  ? -3.475  18.990  -3.837  1.00 33.85 ? 41  LYS A O   1 
ATOM   314  C CB  . LYS A 1 41  ? -3.961  16.708  -1.557  1.00 42.31 ? 41  LYS A CB  1 
ATOM   315  C CG  . LYS A 1 41  ? -4.800  17.912  -1.158  1.00 44.25 ? 41  LYS A CG  1 
ATOM   316  C CD  . LYS A 1 41  ? -5.829  17.562  -0.095  1.00 39.77 ? 41  LYS A CD  1 
ATOM   317  C CE  . LYS A 1 41  ? -5.848  18.596  1.021   1.00 40.28 ? 41  LYS A CE  1 
ATOM   318  N NZ  . LYS A 1 41  ? -7.221  18.785  1.576   1.00 48.14 ? 41  LYS A NZ  1 
ATOM   319  N N   . GLU A 1 42  ? -1.994  19.217  -2.171  1.00 39.20 ? 42  GLU A N   1 
ATOM   320  C CA  . GLU A 1 42  ? -1.839  20.646  -2.427  1.00 43.02 ? 42  GLU A CA  1 
ATOM   321  C C   . GLU A 1 42  ? -1.143  20.892  -3.764  1.00 34.11 ? 42  GLU A C   1 
ATOM   322  O O   . GLU A 1 42  ? -1.518  21.841  -4.455  1.00 30.42 ? 42  GLU A O   1 
ATOM   323  C CB  . GLU A 1 42  ? -1.070  21.328  -1.291  1.00 50.39 ? 42  GLU A CB  1 
ATOM   324  C CG  . GLU A 1 42  ? -1.984  21.997  -0.273  1.00 57.70 ? 42  GLU A CG  1 
ATOM   325  C CD  . GLU A 1 42  ? -1.428  21.993  1.138   1.00 61.96 ? 42  GLU A CD  1 
ATOM   326  O OE1 . GLU A 1 42  ? -0.459  21.253  1.404   1.00 82.16 ? 42  GLU A OE1 1 
ATOM   327  O OE2 . GLU A 1 42  ? -1.961  22.736  1.993   1.00 53.65 ? 42  GLU A OE2 1 
ATOM   328  N N   . LYS A 1 43  ? -0.178  20.057  -4.114  1.00 34.80 ? 43  LYS A N   1 
ATOM   329  C CA  . LYS A 1 43  ? 0.581   20.127  -5.351  1.00 34.55 ? 43  LYS A CA  1 
ATOM   330  C C   . LYS A 1 43  ? -0.232  19.656  -6.552  1.00 31.77 ? 43  LYS A C   1 
ATOM   331  O O   . LYS A 1 43  ? 0.287   19.584  -7.668  1.00 31.74 ? 43  LYS A O   1 
ATOM   332  C CB  . LYS A 1 43  ? 1.852   19.275  -5.259  1.00 35.75 ? 43  LYS A CB  1 
ATOM   333  C CG  . LYS A 1 43  ? 2.833   19.709  -4.187  1.00 50.05 ? 43  LYS A CG  1 
ATOM   334  C CD  . LYS A 1 43  ? 3.762   18.591  -3.755  1.00 53.47 ? 43  LYS A CD  1 
ATOM   335  C CE  . LYS A 1 43  ? 4.568   18.023  -4.916  1.00 53.74 ? 43  LYS A CE  1 
ATOM   336  N NZ  . LYS A 1 43  ? 5.782   17.306  -4.425  1.00 33.63 ? 43  LYS A NZ  1 
ATOM   337  N N   . GLY A 1 44  ? -1.500  19.318  -6.358  1.00 31.99 ? 44  GLY A N   1 
ATOM   338  C CA  . GLY A 1 44  ? -2.335  18.855  -7.454  1.00 33.23 ? 44  GLY A CA  1 
ATOM   339  C C   . GLY A 1 44  ? -1.991  17.482  -7.997  1.00 28.22 ? 44  GLY A C   1 
ATOM   340  O O   . GLY A 1 44  ? -2.301  17.156  -9.150  1.00 19.42 ? 44  GLY A O   1 
ATOM   341  N N   . ALA A 1 45  ? -1.369  16.629  -7.194  1.00 20.39 ? 45  ALA A N   1 
ATOM   342  C CA  . ALA A 1 45  ? -0.969  15.288  -7.603  1.00 16.60 ? 45  ALA A CA  1 
ATOM   343  C C   . ALA A 1 45  ? -2.114  14.302  -7.402  1.00 16.58 ? 45  ALA A C   1 
ATOM   344  O O   . ALA A 1 45  ? -3.037  14.531  -6.618  1.00 17.97 ? 45  ALA A O   1 
ATOM   345  C CB  . ALA A 1 45  ? 0.263   14.839  -6.830  1.00 17.78 ? 45  ALA A CB  1 
ATOM   346  N N   . LEU A 1 46  ? -2.057  13.198  -8.136  1.00 17.15 ? 46  LEU A N   1 
ATOM   347  C CA  . LEU A 1 46  ? -3.079  12.169  -7.981  1.00 20.60 ? 46  LEU A CA  1 
ATOM   348  C C   . LEU A 1 46  ? -2.804  11.370  -6.709  1.00 15.50 ? 46  LEU A C   1 
ATOM   349  O O   . LEU A 1 46  ? -1.659  10.995  -6.473  1.00 12.93 ? 46  LEU A O   1 
ATOM   350  C CB  . LEU A 1 46  ? -3.120  11.224  -9.181  1.00 15.60 ? 46  LEU A CB  1 
ATOM   351  C CG  . LEU A 1 46  ? -4.232  10.172  -9.184  1.00 19.03 ? 46  LEU A CG  1 
ATOM   352  C CD1 . LEU A 1 46  ? -5.585  10.808  -9.481  1.00 23.64 ? 46  LEU A CD1 1 
ATOM   353  C CD2 . LEU A 1 46  ? -3.916  9.062   -10.181 1.00 14.94 ? 46  LEU A CD2 1 
ATOM   354  N N   . ILE A 1 47  ? -3.830  11.124  -5.912  1.00 16.31 ? 47  ILE A N   1 
ATOM   355  C CA  . ILE A 1 47  ? -3.696  10.348  -4.688  1.00 10.50 ? 47  ILE A CA  1 
ATOM   356  C C   . ILE A 1 47  ? -4.364  8.993   -4.886  1.00 8.22  ? 47  ILE A C   1 
ATOM   357  O O   . ILE A 1 47  ? -5.532  8.943   -5.263  1.00 14.28 ? 47  ILE A O   1 
ATOM   358  C CB  . ILE A 1 47  ? -4.339  11.029  -3.471  1.00 20.15 ? 47  ILE A CB  1 
ATOM   359  C CG1 . ILE A 1 47  ? -3.841  12.447  -3.186  1.00 30.71 ? 47  ILE A CG1 1 
ATOM   360  C CG2 . ILE A 1 47  ? -4.177  10.148  -2.234  1.00 24.66 ? 47  ILE A CG2 1 
ATOM   361  C CD1 . ILE A 1 47  ? -2.386  12.552  -2.797  1.00 15.83 ? 47  ILE A CD1 1 
ATOM   362  N N   . VAL A 1 48  ? -3.635  7.923   -4.642  1.00 10.47 ? 48  VAL A N   1 
ATOM   363  C CA  . VAL A 1 48  ? -4.156  6.569   -4.744  1.00 11.83 ? 48  VAL A CA  1 
ATOM   364  C C   . VAL A 1 48  ? -4.017  5.865   -3.394  1.00 15.87 ? 48  VAL A C   1 
ATOM   365  O O   . VAL A 1 48  ? -2.945  5.930   -2.788  1.00 10.59 ? 48  VAL A O   1 
ATOM   366  C CB  . VAL A 1 48  ? -3.389  5.745   -5.797  1.00 17.34 ? 48  VAL A CB  1 
ATOM   367  C CG1 . VAL A 1 48  ? -4.002  4.355   -5.919  1.00 13.51 ? 48  VAL A CG1 1 
ATOM   368  C CG2 . VAL A 1 48  ? -3.370  6.476   -7.135  1.00 17.90 ? 48  VAL A CG2 1 
ATOM   369  N N   . ALA A 1 49  ? -5.063  5.200   -2.939  1.00 9.58  ? 49  ALA A N   1 
ATOM   370  C CA  . ALA A 1 49  ? -5.022  4.434   -1.689  1.00 6.70  ? 49  ALA A CA  1 
ATOM   371  C C   . ALA A 1 49  ? -5.425  2.993   -1.973  1.00 8.59  ? 49  ALA A C   1 
ATOM   372  O O   . ALA A 1 49  ? -6.537  2.761   -2.469  1.00 7.26  ? 49  ALA A O   1 
ATOM   373  C CB  . ALA A 1 49  ? -5.943  5.083   -0.663  1.00 9.91  ? 49  ALA A CB  1 
ATOM   374  N N   . THR A 1 50  ? -4.540  2.035   -1.709  1.00 12.14 ? 50  THR A N   1 
ATOM   375  C CA  . THR A 1 50  ? -4.884  0.639   -1.947  1.00 12.96 ? 50  THR A CA  1 
ATOM   376  C C   . THR A 1 50  ? -5.423  0.023   -0.660  1.00 17.68 ? 50  THR A C   1 
ATOM   377  O O   . THR A 1 50  ? -5.046  0.415   0.452   1.00 11.48 ? 50  THR A O   1 
ATOM   378  C CB  . THR A 1 50  ? -3.704  -0.219  -2.439  1.00 9.37  ? 50  THR A CB  1 
ATOM   379  O OG1 . THR A 1 50  ? -2.781  -0.393  -1.356  1.00 12.66 ? 50  THR A OG1 1 
ATOM   380  C CG2 . THR A 1 50  ? -2.914  0.444   -3.556  1.00 11.36 ? 50  THR A CG2 1 
ATOM   381  N N   . ARG A 1 51  ? -6.308  -0.958  -0.803  1.00 9.99  ? 51  ARG A N   1 
ATOM   382  C CA  . ARG A 1 51  ? -6.812  -1.654  0.373   1.00 10.78 ? 51  ARG A CA  1 
ATOM   383  C C   . ARG A 1 51  ? -7.011  -3.138  0.101   1.00 14.38 ? 51  ARG A C   1 
ATOM   384  O O   . ARG A 1 51  ? -7.468  -3.512  -0.978  1.00 17.00 ? 51  ARG A O   1 
ATOM   385  C CB  . ARG A 1 51  ? -8.126  -1.010  0.832   1.00 8.33  ? 51  ARG A CB  1 
ATOM   386  C CG  . ARG A 1 51  ? -9.284  -1.186  -0.135  1.00 11.38 ? 51  ARG A CG  1 
ATOM   387  C CD  . ARG A 1 51  ? -10.605 -0.689  0.412   1.00 10.77 ? 51  ARG A CD  1 
ATOM   388  N NE  . ARG A 1 51  ? -11.683 -0.787  -0.572  1.00 15.50 ? 51  ARG A NE  1 
ATOM   389  C CZ  . ARG A 1 51  ? -12.919 -0.335  -0.365  1.00 23.14 ? 51  ARG A CZ  1 
ATOM   390  N NH1 . ARG A 1 51  ? -13.282 0.248   0.772   1.00 12.02 ? 51  ARG A NH1 1 
ATOM   391  N NH2 . ARG A 1 51  ? -13.853 -0.449  -1.297  1.00 11.44 ? 51  ARG A NH2 1 
ATOM   392  N N   . ASP A 1 52  ? -6.677  -3.994  1.065   1.00 9.97  ? 52  ASP A N   1 
ATOM   393  C CA  . ASP A 1 52  ? -7.121  -5.386  0.993   1.00 7.72  ? 52  ASP A CA  1 
ATOM   394  C C   . ASP A 1 52  ? -8.641  -5.349  1.151   1.00 6.01  ? 52  ASP A C   1 
ATOM   395  O O   . ASP A 1 52  ? -9.141  -4.707  2.061   1.00 9.54  ? 52  ASP A O   1 
ATOM   396  C CB  . ASP A 1 52  ? -6.510  -6.274  2.063   1.00 12.40 ? 52  ASP A CB  1 
ATOM   397  C CG  . ASP A 1 52  ? -5.222  -6.976  1.681   1.00 13.66 ? 52  ASP A CG  1 
ATOM   398  O OD1 . ASP A 1 52  ? -4.825  -6.974  0.499   1.00 13.27 ? 52  ASP A OD1 1 
ATOM   399  O OD2 . ASP A 1 52  ? -4.576  -7.551  2.586   1.00 23.63 ? 52  ASP A OD2 1 
ATOM   400  N N   . TRP A 1 53  ? -9.390  -5.984  0.265   1.00 15.01 ? 53  TRP A N   1 
ATOM   401  C CA  . TRP A 1 53  ? -10.848 -5.921  0.362   1.00 9.10  ? 53  TRP A CA  1 
ATOM   402  C C   . TRP A 1 53  ? -11.367 -7.347  0.194   1.00 11.02 ? 53  TRP A C   1 
ATOM   403  O O   . TRP A 1 53  ? -11.862 -7.675  -0.878  1.00 14.32 ? 53  TRP A O   1 
ATOM   404  C CB  . TRP A 1 53  ? -11.410 -4.972  -0.683  1.00 11.95 ? 53  TRP A CB  1 
ATOM   405  C CG  . TRP A 1 53  ? -12.822 -4.515  -0.512  1.00 13.08 ? 53  TRP A CG  1 
ATOM   406  C CD1 . TRP A 1 53  ? -13.848 -4.729  -1.398  1.00 16.69 ? 53  TRP A CD1 1 
ATOM   407  C CD2 . TRP A 1 53  ? -13.387 -3.775  0.580   1.00 9.75  ? 53  TRP A CD2 1 
ATOM   408  N NE1 . TRP A 1 53  ? -15.010 -4.172  -0.926  1.00 11.37 ? 53  TRP A NE1 1 
ATOM   409  C CE2 . TRP A 1 53  ? -14.751 -3.577  0.292   1.00 11.01 ? 53  TRP A CE2 1 
ATOM   410  C CE3 . TRP A 1 53  ? -12.872 -3.257  1.777   1.00 10.36 ? 53  TRP A CE3 1 
ATOM   411  C CZ2 . TRP A 1 53  ? -15.592 -2.886  1.158   1.00 13.38 ? 53  TRP A CZ2 1 
ATOM   412  C CZ3 . TRP A 1 53  ? -13.708 -2.572  2.642   1.00 13.06 ? 53  TRP A CZ3 1 
ATOM   413  C CH2 . TRP A 1 53  ? -15.070 -2.390  2.327   1.00 15.49 ? 53  TRP A CH2 1 
ATOM   414  N N   . HIS A 1 54  ? -11.195 -8.138  1.249   1.00 17.62 ? 54  HIS A N   1 
ATOM   415  C CA  . HIS A 1 54  ? -11.390 -9.576  1.235   1.00 18.07 ? 54  HIS A CA  1 
ATOM   416  C C   . HIS A 1 54  ? -12.817 -10.049 1.499   1.00 22.31 ? 54  HIS A C   1 
ATOM   417  O O   . HIS A 1 54  ? -13.556 -9.524  2.326   1.00 18.71 ? 54  HIS A O   1 
ATOM   418  C CB  . HIS A 1 54  ? -10.495 -10.231 2.293   1.00 17.19 ? 54  HIS A CB  1 
ATOM   419  C CG  . HIS A 1 54  ? -9.022  -10.165 2.070   1.00 19.83 ? 54  HIS A CG  1 
ATOM   420  N ND1 . HIS A 1 54  ? -8.148  -9.822  3.088   1.00 20.33 ? 54  HIS A ND1 1 
ATOM   421  C CD2 . HIS A 1 54  ? -8.242  -10.406 0.993   1.00 23.02 ? 54  HIS A CD2 1 
ATOM   422  C CE1 . HIS A 1 54  ? -6.900  -9.845  2.643   1.00 20.83 ? 54  HIS A CE1 1 
ATOM   423  N NE2 . HIS A 1 54  ? -6.934  -10.199 1.364   1.00 23.68 ? 54  HIS A NE2 1 
ATOM   424  N N   . PRO A 1 55  ? -13.215 -11.099 0.788   1.00 21.07 ? 55  PRO A N   1 
ATOM   425  C CA  . PRO A 1 55  ? -14.467 -11.787 1.130   1.00 18.27 ? 55  PRO A CA  1 
ATOM   426  C C   . PRO A 1 55  ? -14.180 -12.688 2.330   1.00 24.55 ? 55  PRO A C   1 
ATOM   427  O O   . PRO A 1 55  ? -13.016 -12.914 2.693   1.00 13.61 ? 55  PRO A O   1 
ATOM   428  C CB  . PRO A 1 55  ? -14.755 -12.600 -0.124  1.00 21.14 ? 55  PRO A CB  1 
ATOM   429  C CG  . PRO A 1 55  ? -13.385 -12.944 -0.641  1.00 20.32 ? 55  PRO A CG  1 
ATOM   430  C CD  . PRO A 1 55  ? -12.535 -11.734 -0.354  1.00 19.74 ? 55  PRO A CD  1 
ATOM   431  N N   . GLU A 1 56  ? -15.226 -13.203 2.959   1.00 18.69 ? 56  GLU A N   1 
ATOM   432  C CA  . GLU A 1 56  ? -15.071 -14.159 4.053   1.00 19.55 ? 56  GLU A CA  1 
ATOM   433  C C   . GLU A 1 56  ? -14.376 -15.408 3.519   1.00 18.92 ? 56  GLU A C   1 
ATOM   434  O O   . GLU A 1 56  ? -14.499 -15.705 2.324   1.00 12.93 ? 56  GLU A O   1 
ATOM   435  C CB  . GLU A 1 56  ? -16.428 -14.493 4.670   1.00 19.85 ? 56  GLU A CB  1 
ATOM   436  C CG  . GLU A 1 56  ? -17.062 -13.348 5.458   1.00 23.78 ? 56  GLU A CG  1 
ATOM   437  C CD  . GLU A 1 56  ? -16.387 -13.069 6.784   1.00 18.98 ? 56  GLU A CD  1 
ATOM   438  O OE1 . GLU A 1 56  ? -15.428 -13.773 7.162   1.00 21.47 ? 56  GLU A OE1 1 
ATOM   439  O OE2 . GLU A 1 56  ? -16.791 -12.117 7.477   1.00 16.50 ? 56  GLU A OE2 1 
ATOM   440  N N   . ASN A 1 57  ? -13.632 -16.154 4.326   1.00 18.48 ? 57  ASN A N   1 
ATOM   441  C CA  . ASN A 1 57  ? -12.999 -17.360 3.773   1.00 35.91 ? 57  ASN A CA  1 
ATOM   442  C C   . ASN A 1 57  ? -12.103 -17.119 2.562   1.00 30.92 ? 57  ASN A C   1 
ATOM   443  O O   . ASN A 1 57  ? -12.113 -17.874 1.580   1.00 19.32 ? 57  ASN A O   1 
ATOM   444  C CB  . ASN A 1 57  ? -14.079 -18.382 3.384   1.00 46.79 ? 57  ASN A CB  1 
ATOM   445  C CG  . ASN A 1 57  ? -13.555 -19.816 3.385   1.00 54.62 ? 57  ASN A CG  1 
ATOM   446  O OD1 . ASN A 1 57  ? -12.336 -20.023 3.774   1.00 98.53 ? 57  ASN A OD1 1 
ATOM   447  N ND2 . ASN A 1 57  ? -14.342 -20.788 3.103   1.00 98.53 ? 57  ASN A ND2 1 
ATOM   448  N N   . HIS A 1 58  ? -11.313 -16.057 2.607   1.00 25.97 ? 58  HIS A N   1 
ATOM   449  C CA  . HIS A 1 58  ? -10.336 -15.782 1.556   1.00 22.37 ? 58  HIS A CA  1 
ATOM   450  C C   . HIS A 1 58  ? -9.213  -16.813 1.599   1.00 9.75  ? 58  HIS A C   1 
ATOM   451  O O   . HIS A 1 58  ? -8.961  -17.364 2.664   1.00 14.47 ? 58  HIS A O   1 
ATOM   452  C CB  . HIS A 1 58  ? -9.781  -14.363 1.715   1.00 18.17 ? 58  HIS A CB  1 
ATOM   453  C CG  . HIS A 1 58  ? -8.885  -13.964 0.589   1.00 13.34 ? 58  HIS A CG  1 
ATOM   454  N ND1 . HIS A 1 58  ? -7.512  -13.912 0.730   1.00 15.68 ? 58  HIS A ND1 1 
ATOM   455  C CD2 . HIS A 1 58  ? -9.149  -13.621 -0.686  1.00 14.22 ? 58  HIS A CD2 1 
ATOM   456  C CE1 . HIS A 1 58  ? -6.965  -13.547 -0.414  1.00 13.84 ? 58  HIS A CE1 1 
ATOM   457  N NE2 . HIS A 1 58  ? -7.945  -13.358 -1.285  1.00 17.76 ? 58  HIS A NE2 1 
ATOM   458  N N   . ILE A 1 59  ? -8.552  -17.094 0.485   1.00 17.98 ? 59  ILE A N   1 
ATOM   459  C CA  . ILE A 1 59  ? -7.516  -18.123 0.456   1.00 26.00 ? 59  ILE A CA  1 
ATOM   460  C C   . ILE A 1 59  ? -6.338  -17.824 1.369   1.00 25.28 ? 59  ILE A C   1 
ATOM   461  O O   . ILE A 1 59  ? -5.593  -18.738 1.738   1.00 28.97 ? 59  ILE A O   1 
ATOM   462  C CB  . ILE A 1 59  ? -6.903  -18.330 -0.943  1.00 29.01 ? 59  ILE A CB  1 
ATOM   463  C CG1 . ILE A 1 59  ? -6.518  -17.039 -1.682  1.00 36.97 ? 59  ILE A CG1 1 
ATOM   464  C CG2 . ILE A 1 59  ? -7.791  -19.146 -1.856  1.00 26.47 ? 59  ILE A CG2 1 
ATOM   465  C CD1 . ILE A 1 59  ? -5.871  -17.367 -3.018  1.00 66.62 ? 59  ILE A CD1 1 
ATOM   466  N N   . SER A 1 60  ? -6.122  -16.560 1.730   1.00 19.47 ? 60  SER A N   1 
ATOM   467  C CA  . SER A 1 60  ? -4.961  -16.266 2.582   1.00 17.56 ? 60  SER A CA  1 
ATOM   468  C C   . SER A 1 60  ? -5.249  -16.544 4.045   1.00 17.03 ? 60  SER A C   1 
ATOM   469  O O   . SER A 1 60  ? -4.371  -16.489 4.913   1.00 18.42 ? 60  SER A O   1 
ATOM   470  C CB  . SER A 1 60  ? -4.545  -14.799 2.396   1.00 28.75 ? 60  SER A CB  1 
ATOM   471  O OG  . SER A 1 60  ? -5.522  -13.941 2.978   1.00 30.08 ? 60  SER A OG  1 
ATOM   472  N N   . PHE A 1 61  ? -6.516  -16.838 4.344   1.00 19.90 ? 61  PHE A N   1 
ATOM   473  C CA  . PHE A 1 61  ? -6.931  -16.988 5.739   1.00 22.26 ? 61  PHE A CA  1 
ATOM   474  C C   . PHE A 1 61  ? -6.644  -18.395 6.266   1.00 15.35 ? 61  PHE A C   1 
ATOM   475  O O   . PHE A 1 61  ? -6.553  -19.365 5.519   1.00 24.81 ? 61  PHE A O   1 
ATOM   476  C CB  . PHE A 1 61  ? -8.415  -16.659 5.905   1.00 19.22 ? 61  PHE A CB  1 
ATOM   477  C CG  . PHE A 1 61  ? -8.829  -15.228 5.644   1.00 13.63 ? 61  PHE A CG  1 
ATOM   478  C CD1 . PHE A 1 61  ? -7.886  -14.239 5.404   1.00 20.36 ? 61  PHE A CD1 1 
ATOM   479  C CD2 . PHE A 1 61  ? -10.170 -14.878 5.634   1.00 4.95  ? 61  PHE A CD2 1 
ATOM   480  C CE1 . PHE A 1 61  ? -8.288  -12.934 5.171   1.00 20.29 ? 61  PHE A CE1 1 
ATOM   481  C CE2 . PHE A 1 61  ? -10.586 -13.578 5.398   1.00 11.62 ? 61  PHE A CE2 1 
ATOM   482  C CZ  . PHE A 1 61  ? -9.631  -12.600 5.153   1.00 14.30 ? 61  PHE A CZ  1 
ATOM   483  N N   . ARG A 1 62  ? -6.515  -18.489 7.580   1.00 19.33 ? 62  ARG A N   1 
ATOM   484  C CA  . ARG A 1 62  ? -6.157  -19.748 8.232   1.00 35.55 ? 62  ARG A CA  1 
ATOM   485  C C   . ARG A 1 62  ? -7.191  -20.822 7.932   1.00 32.41 ? 62  ARG A C   1 
ATOM   486  O O   . ARG A 1 62  ? -6.893  -21.979 7.619   1.00 19.42 ? 62  ARG A O   1 
ATOM   487  C CB  . ARG A 1 62  ? -6.012  -19.530 9.741   1.00 39.63 ? 62  ARG A CB  1 
ATOM   488  C CG  . ARG A 1 62  ? -4.571  -19.300 10.175  1.00 53.27 ? 62  ARG A CG  1 
ATOM   489  C CD  . ARG A 1 62  ? -4.459  -18.488 11.455  1.00 60.12 ? 62  ARG A CD  1 
ATOM   490  N NE  . ARG A 1 62  ? -3.102  -17.980 11.648  1.00 65.02 ? 62  ARG A NE  1 
ATOM   491  C CZ  . ARG A 1 62  ? -2.644  -17.453 12.774  1.00 65.75 ? 62  ARG A CZ  1 
ATOM   492  N NH1 . ARG A 1 62  ? -3.440  -17.364 13.831  1.00 82.30 ? 62  ARG A NH1 1 
ATOM   493  N NH2 . ARG A 1 62  ? -1.394  -17.016 12.852  1.00 60.94 ? 62  ARG A NH2 1 
ATOM   494  N N   . GLU A 1 63  ? -8.450  -20.402 8.002   1.00 28.93 ? 63  GLU A N   1 
ATOM   495  C CA  . GLU A 1 63  ? -9.599  -21.276 7.799   1.00 28.86 ? 63  GLU A CA  1 
ATOM   496  C C   . GLU A 1 63  ? -9.537  -21.994 6.457   1.00 26.63 ? 63  GLU A C   1 
ATOM   497  O O   . GLU A 1 63  ? -10.217 -23.015 6.309   1.00 30.20 ? 63  GLU A O   1 
ATOM   498  C CB  . GLU A 1 63  ? -10.893 -20.472 7.966   1.00 31.77 ? 63  GLU A CB  1 
ATOM   499  C CG  . GLU A 1 63  ? -10.932 -19.150 7.232   1.00 41.39 ? 63  GLU A CG  1 
ATOM   500  C CD  . GLU A 1 63  ? -12.135 -18.285 7.552   1.00 39.35 ? 63  GLU A CD  1 
ATOM   501  O OE1 . GLU A 1 63  ? -13.208 -18.479 6.945   1.00 19.79 ? 63  GLU A OE1 1 
ATOM   502  O OE2 . GLU A 1 63  ? -12.026 -17.383 8.412   1.00 27.64 ? 63  GLU A OE2 1 
ATOM   503  N N   . ARG A 1 64  ? -8.754  -21.528 5.487   1.00 18.22 ? 64  ARG A N   1 
ATOM   504  C CA  . ARG A 1 64  ? -8.514  -22.289 4.264   1.00 22.62 ? 64  ARG A CA  1 
ATOM   505  C C   . ARG A 1 64  ? -7.051  -22.719 4.167   1.00 22.28 ? 64  ARG A C   1 
ATOM   506  O O   . ARG A 1 64  ? -6.556  -23.038 3.087   1.00 27.01 ? 64  ARG A O   1 
ATOM   507  C CB  . ARG A 1 64  ? -8.933  -21.491 3.018   1.00 23.59 ? 64  ARG A CB  1 
ATOM   508  C CG  . ARG A 1 64  ? -10.441 -21.320 2.925   1.00 24.11 ? 64  ARG A CG  1 
ATOM   509  C CD  . ARG A 1 64  ? -10.907 -20.705 1.632   1.00 26.03 ? 64  ARG A CD  1 
ATOM   510  N NE  . ARG A 1 64  ? -10.284 -21.303 0.448   1.00 24.16 ? 64  ARG A NE  1 
ATOM   511  C CZ  . ARG A 1 64  ? -10.437 -20.761 -0.755  1.00 33.77 ? 64  ARG A CZ  1 
ATOM   512  N NH1 . ARG A 1 64  ? -11.163 -19.653 -0.864  1.00 24.89 ? 64  ARG A NH1 1 
ATOM   513  N NH2 . ARG A 1 64  ? -9.874  -21.300 -1.833  1.00 26.73 ? 64  ARG A NH2 1 
ATOM   514  N N   . GLY A 1 65  ? -6.370  -22.729 5.298   1.00 26.87 ? 65  GLY A N   1 
ATOM   515  C CA  . GLY A 1 65  ? -5.003  -23.162 5.460   1.00 36.86 ? 65  GLY A CA  1 
ATOM   516  C C   . GLY A 1 65  ? -3.966  -22.121 5.100   1.00 39.78 ? 65  GLY A C   1 
ATOM   517  O O   . GLY A 1 65  ? -2.780  -22.435 4.966   1.00 27.74 ? 65  GLY A O   1 
ATOM   518  N N   . GLY A 1 66  ? -4.381  -20.872 4.920   1.00 34.43 ? 66  GLY A N   1 
ATOM   519  C CA  . GLY A 1 66  ? -3.437  -19.825 4.553   1.00 22.74 ? 66  GLY A CA  1 
ATOM   520  C C   . GLY A 1 66  ? -2.719  -19.305 5.786   1.00 17.61 ? 66  GLY A C   1 
ATOM   521  O O   . GLY A 1 66  ? -3.052  -19.681 6.905   1.00 16.52 ? 66  GLY A O   1 
ATOM   522  N N   . PRO A 1 67  ? -1.741  -18.433 5.595   1.00 17.93 ? 67  PRO A N   1 
ATOM   523  C CA  . PRO A 1 67  ? -0.844  -18.032 6.677   1.00 26.15 ? 67  PRO A CA  1 
ATOM   524  C C   . PRO A 1 67  ? -1.431  -16.970 7.596   1.00 27.82 ? 67  PRO A C   1 
ATOM   525  O O   . PRO A 1 67  ? -0.923  -16.825 8.708   1.00 27.21 ? 67  PRO A O   1 
ATOM   526  C CB  . PRO A 1 67  ? 0.365   -17.433 5.953   1.00 22.83 ? 67  PRO A CB  1 
ATOM   527  C CG  . PRO A 1 67  ? 0.057   -17.445 4.497   1.00 27.73 ? 67  PRO A CG  1 
ATOM   528  C CD  . PRO A 1 67  ? -1.403  -17.757 4.332   1.00 26.52 ? 67  PRO A CD  1 
ATOM   529  N N   . TRP A 1 68  ? -2.448  -16.254 7.138   1.00 32.35 ? 68  TRP A N   1 
ATOM   530  C CA  . TRP A 1 68  ? -2.975  -15.125 7.892   1.00 25.73 ? 68  TRP A CA  1 
ATOM   531  C C   . TRP A 1 68  ? -4.322  -15.408 8.542   1.00 23.67 ? 68  TRP A C   1 
ATOM   532  O O   . TRP A 1 68  ? -5.163  -16.134 8.015   1.00 26.56 ? 68  TRP A O   1 
ATOM   533  C CB  . TRP A 1 68  ? -3.133  -13.907 6.970   1.00 25.23 ? 68  TRP A CB  1 
ATOM   534  C CG  . TRP A 1 68  ? -1.931  -13.641 6.120   1.00 24.59 ? 68  TRP A CG  1 
ATOM   535  C CD1 . TRP A 1 68  ? -1.880  -13.569 4.758   1.00 19.65 ? 68  TRP A CD1 1 
ATOM   536  C CD2 . TRP A 1 68  ? -0.599  -13.410 6.593   1.00 24.94 ? 68  TRP A CD2 1 
ATOM   537  N NE1 . TRP A 1 68  ? -0.588  -13.308 4.359   1.00 30.20 ? 68  TRP A NE1 1 
ATOM   538  C CE2 . TRP A 1 68  ? 0.215   -13.206 5.462   1.00 29.61 ? 68  TRP A CE2 1 
ATOM   539  C CE3 . TRP A 1 68  ? -0.019  -13.360 7.860   1.00 24.37 ? 68  TRP A CE3 1 
ATOM   540  C CZ2 . TRP A 1 68  ? 1.585   -12.952 5.563   1.00 24.08 ? 68  TRP A CZ2 1 
ATOM   541  C CZ3 . TRP A 1 68  ? 1.335   -13.107 7.959   1.00 25.61 ? 68  TRP A CZ3 1 
ATOM   542  C CH2 . TRP A 1 68  ? 2.123   -12.906 6.818   1.00 21.12 ? 68  TRP A CH2 1 
ATOM   543  N N   . PRO A 1 69  ? -4.540  -14.808 9.704   1.00 19.32 ? 69  PRO A N   1 
ATOM   544  C CA  . PRO A 1 69  ? -5.873  -14.861 10.312  1.00 30.50 ? 69  PRO A CA  1 
ATOM   545  C C   . PRO A 1 69  ? -6.791  -13.936 9.509   1.00 23.38 ? 69  PRO A C   1 
ATOM   546  O O   . PRO A 1 69  ? -6.280  -13.086 8.772   1.00 15.28 ? 69  PRO A O   1 
ATOM   547  C CB  . PRO A 1 69  ? -5.652  -14.328 11.723  1.00 31.60 ? 69  PRO A CB  1 
ATOM   548  C CG  . PRO A 1 69  ? -4.442  -13.455 11.613  1.00 34.68 ? 69  PRO A CG  1 
ATOM   549  C CD  . PRO A 1 69  ? -3.592  -14.035 10.518  1.00 31.39 ? 69  PRO A CD  1 
ATOM   550  N N   . ARG A 1 70  ? -8.083  -14.120 9.653   1.00 19.41 ? 70  ARG A N   1 
ATOM   551  C CA  . ARG A 1 70  ? -9.092  -13.306 8.971   1.00 19.98 ? 70  ARG A CA  1 
ATOM   552  C C   . ARG A 1 70  ? -8.778  -11.835 9.197   1.00 19.38 ? 70  ARG A C   1 
ATOM   553  O O   . ARG A 1 70  ? -8.574  -11.420 10.346  1.00 13.44 ? 70  ARG A O   1 
ATOM   554  C CB  . ARG A 1 70  ? -10.460 -13.700 9.497   1.00 33.67 ? 70  ARG A CB  1 
ATOM   555  C CG  . ARG A 1 70  ? -11.696 -13.028 8.935   1.00 33.80 ? 70  ARG A CG  1 
ATOM   556  C CD  . ARG A 1 70  ? -12.919 -13.435 9.757   1.00 30.55 ? 70  ARG A CD  1 
ATOM   557  N NE  . ARG A 1 70  ? -14.105 -12.654 9.426   1.00 30.33 ? 70  ARG A NE  1 
ATOM   558  C CZ  . ARG A 1 70  ? -14.478 -11.545 10.056  1.00 32.88 ? 70  ARG A CZ  1 
ATOM   559  N NH1 . ARG A 1 70  ? -13.773 -11.055 11.066  1.00 29.33 ? 70  ARG A NH1 1 
ATOM   560  N NH2 . ARG A 1 70  ? -15.579 -10.907 9.677   1.00 35.36 ? 70  ARG A NH2 1 
ATOM   561  N N   . HIS A 1 71  ? -8.730  -11.038 8.135   1.00 13.89 ? 71  HIS A N   1 
ATOM   562  C CA  . HIS A 1 71  ? -8.401  -9.625  8.277   1.00 16.85 ? 71  HIS A CA  1 
ATOM   563  C C   . HIS A 1 71  ? -8.850  -8.777  7.096   1.00 16.21 ? 71  HIS A C   1 
ATOM   564  O O   . HIS A 1 71  ? -8.857  -9.262  5.960   1.00 14.47 ? 71  HIS A O   1 
ATOM   565  C CB  . HIS A 1 71  ? -6.883  -9.475  8.445   1.00 13.67 ? 71  HIS A CB  1 
ATOM   566  C CG  . HIS A 1 71  ? -6.084  -9.830  7.236   1.00 18.78 ? 71  HIS A CG  1 
ATOM   567  N ND1 . HIS A 1 71  ? -5.806  -11.132 6.874   1.00 16.94 ? 71  HIS A ND1 1 
ATOM   568  C CD2 . HIS A 1 71  ? -5.483  -9.059  6.294   1.00 24.02 ? 71  HIS A CD2 1 
ATOM   569  C CE1 . HIS A 1 71  ? -5.080  -11.147 5.770   1.00 18.89 ? 71  HIS A CE1 1 
ATOM   570  N NE2 . HIS A 1 71  ? -4.866  -9.892  5.390   1.00 17.91 ? 71  HIS A NE2 1 
ATOM   571  N N   . CYS A 1 72  ? -9.193  -7.511  7.345   1.00 11.32 ? 72  CYS A N   1 
ATOM   572  C CA  . CYS A 1 72  ? -9.596  -6.644  6.242   1.00 7.89  ? 72  CYS A CA  1 
ATOM   573  C C   . CYS A 1 72  ? -10.698 -7.241  5.376   1.00 8.75  ? 72  CYS A C   1 
ATOM   574  O O   . CYS A 1 72  ? -10.560 -7.233  4.153   1.00 10.56 ? 72  CYS A O   1 
ATOM   575  C CB  . CYS A 1 72  ? -8.402  -6.369  5.311   1.00 16.98 ? 72  CYS A CB  1 
ATOM   576  S SG  . CYS A 1 72  ? -7.098  -5.441  6.160   1.00 13.87 ? 72  CYS A SG  1 
ATOM   577  N N   . VAL A 1 73  ? -11.740 -7.745  6.006   1.00 11.36 ? 73  VAL A N   1 
ATOM   578  C CA  . VAL A 1 73  ? -12.905 -8.255  5.297   1.00 15.64 ? 73  VAL A CA  1 
ATOM   579  C C   . VAL A 1 73  ? -13.814 -7.115  4.848   1.00 13.70 ? 73  VAL A C   1 
ATOM   580  O O   . VAL A 1 73  ? -14.029 -6.154  5.583   1.00 8.90  ? 73  VAL A O   1 
ATOM   581  C CB  . VAL A 1 73  ? -13.709 -9.209  6.196   1.00 17.52 ? 73  VAL A CB  1 
ATOM   582  C CG1 . VAL A 1 73  ? -14.988 -9.641  5.489   1.00 12.30 ? 73  VAL A CG1 1 
ATOM   583  C CG2 . VAL A 1 73  ? -12.842 -10.403 6.582   1.00 13.63 ? 73  VAL A CG2 1 
ATOM   584  N N   . GLN A 1 74  ? -14.325 -7.256  3.643   1.00 15.43 ? 74  GLN A N   1 
ATOM   585  C CA  . GLN A 1 74  ? -15.281 -6.349  3.028   1.00 10.96 ? 74  GLN A CA  1 
ATOM   586  C C   . GLN A 1 74  ? -16.339 -5.913  4.029   1.00 12.88 ? 74  GLN A C   1 
ATOM   587  O O   . GLN A 1 74  ? -16.938 -6.702  4.756   1.00 16.65 ? 74  GLN A O   1 
ATOM   588  C CB  . GLN A 1 74  ? -15.872 -7.042  1.791   1.00 9.75  ? 74  GLN A CB  1 
ATOM   589  C CG  . GLN A 1 74  ? -14.829 -7.351  0.704   1.00 9.17  ? 74  GLN A CG  1 
ATOM   590  C CD  . GLN A 1 74  ? -15.268 -8.417  -0.276  1.00 18.68 ? 74  GLN A CD  1 
ATOM   591  O OE1 . GLN A 1 74  ? -16.334 -9.026  -0.127  1.00 9.76  ? 74  GLN A OE1 1 
ATOM   592  N NE2 . GLN A 1 74  ? -14.479 -8.679  -1.316  1.00 9.15  ? 74  GLN A NE2 1 
ATOM   593  N N   . ASN A 1 75  ? -16.588 -4.607  4.100   1.00 19.06 ? 75  ASN A N   1 
ATOM   594  C CA  . ASN A 1 75  ? -17.651 -4.041  4.908   1.00 13.88 ? 75  ASN A CA  1 
ATOM   595  C C   . ASN A 1 75  ? -17.490 -4.273  6.403   1.00 12.96 ? 75  ASN A C   1 
ATOM   596  O O   . ASN A 1 75  ? -18.507 -4.212  7.107   1.00 15.43 ? 75  ASN A O   1 
ATOM   597  C CB  . ASN A 1 75  ? -19.003 -4.626  4.431   1.00 13.24 ? 75  ASN A CB  1 
ATOM   598  C CG  . ASN A 1 75  ? -19.187 -4.414  2.938   1.00 12.98 ? 75  ASN A CG  1 
ATOM   599  O OD1 . ASN A 1 75  ? -18.745 -3.410  2.376   1.00 12.72 ? 75  ASN A OD1 1 
ATOM   600  N ND2 . ASN A 1 75  ? -19.824 -5.349  2.248   1.00 17.23 ? 75  ASN A ND2 1 
ATOM   601  N N   . THR A 1 76  ? -16.283 -4.530  6.900   1.00 8.13  ? 76  THR A N   1 
ATOM   602  C CA  . THR A 1 76  ? -16.031 -4.640  8.335   1.00 16.07 ? 76  THR A CA  1 
ATOM   603  C C   . THR A 1 76  ? -15.044 -3.575  8.821   1.00 15.34 ? 76  THR A C   1 
ATOM   604  O O   . THR A 1 76  ? -14.215 -3.071  8.064   1.00 20.86 ? 76  THR A O   1 
ATOM   605  C CB  . THR A 1 76  ? -15.500 -6.034  8.749   1.00 12.52 ? 76  THR A CB  1 
ATOM   606  O OG1 . THR A 1 76  ? -14.135 -6.164  8.337   1.00 16.60 ? 76  THR A OG1 1 
ATOM   607  C CG2 . THR A 1 76  ? -16.270 -7.140  8.054   1.00 14.98 ? 76  THR A CG2 1 
ATOM   608  N N   . PRO A 1 77  ? -15.128 -3.205  10.099  1.00 13.44 ? 77  PRO A N   1 
ATOM   609  C CA  . PRO A 1 77  ? -14.246 -2.208  10.711  1.00 12.60 ? 77  PRO A CA  1 
ATOM   610  C C   . PRO A 1 77  ? -12.771 -2.422  10.395  1.00 15.57 ? 77  PRO A C   1 
ATOM   611  O O   . PRO A 1 77  ? -12.012 -1.467  10.234  1.00 14.94 ? 77  PRO A O   1 
ATOM   612  C CB  . PRO A 1 77  ? -14.445 -2.423  12.218  1.00 15.59 ? 77  PRO A CB  1 
ATOM   613  C CG  . PRO A 1 77  ? -15.794 -3.039  12.350  1.00 24.03 ? 77  PRO A CG  1 
ATOM   614  C CD  . PRO A 1 77  ? -16.116 -3.740  11.059  1.00 17.70 ? 77  PRO A CD  1 
ATOM   615  N N   . GLY A 1 78  ? -12.363 -3.687  10.314  1.00 11.99 ? 78  GLY A N   1 
ATOM   616  C CA  . GLY A 1 78  ? -10.966 -3.993  10.042  1.00 19.35 ? 78  GLY A CA  1 
ATOM   617  C C   . GLY A 1 78  ? -10.494 -3.533  8.683   1.00 20.16 ? 78  GLY A C   1 
ATOM   618  O O   . GLY A 1 78  ? -9.296  -3.326  8.453   1.00 13.96 ? 78  GLY A O   1 
ATOM   619  N N   . ALA A 1 79  ? -11.421 -3.355  7.736   1.00 16.49 ? 79  ALA A N   1 
ATOM   620  C CA  . ALA A 1 79  ? -10.972 -2.944  6.404   1.00 14.93 ? 79  ALA A CA  1 
ATOM   621  C C   . ALA A 1 79  ? -10.962 -1.425  6.252   1.00 9.36  ? 79  ALA A C   1 
ATOM   622  O O   . ALA A 1 79  ? -10.502 -0.893  5.234   1.00 8.01  ? 79  ALA A O   1 
ATOM   623  C CB  . ALA A 1 79  ? -11.826 -3.600  5.331   1.00 11.15 ? 79  ALA A CB  1 
ATOM   624  N N   . GLU A 1 80  ? -11.445 -0.720  7.261   1.00 9.73  ? 80  GLU A N   1 
ATOM   625  C CA  . GLU A 1 80  ? -11.500 0.736   7.236   1.00 12.80 ? 80  GLU A CA  1 
ATOM   626  C C   . GLU A 1 80  ? -10.126 1.391   7.138   1.00 9.20  ? 80  GLU A C   1 
ATOM   627  O O   . GLU A 1 80  ? -9.143  0.981   7.767   1.00 12.26 ? 80  GLU A O   1 
ATOM   628  C CB  . GLU A 1 80  ? -12.181 1.268   8.502   1.00 17.72 ? 80  GLU A CB  1 
ATOM   629  C CG  . GLU A 1 80  ? -13.616 0.829   8.735   1.00 20.84 ? 80  GLU A CG  1 
ATOM   630  C CD  . GLU A 1 80  ? -14.323 1.683   9.778   1.00 26.41 ? 80  GLU A CD  1 
ATOM   631  O OE1 . GLU A 1 80  ? -13.673 2.119   10.753  1.00 26.02 ? 80  GLU A OE1 1 
ATOM   632  O OE2 . GLU A 1 80  ? -15.537 1.941   9.637   1.00 42.98 ? 80  GLU A OE2 1 
ATOM   633  N N   . PHE A 1 81  ? -10.056 2.458   6.357   1.00 2.90  ? 81  PHE A N   1 
ATOM   634  C CA  . PHE A 1 81  ? -8.824  3.245   6.289   1.00 16.40 ? 81  PHE A CA  1 
ATOM   635  C C   . PHE A 1 81  ? -8.512  3.930   7.612   1.00 22.16 ? 81  PHE A C   1 
ATOM   636  O O   . PHE A 1 81  ? -9.431  4.284   8.358   1.00 14.91 ? 81  PHE A O   1 
ATOM   637  C CB  . PHE A 1 81  ? -8.940  4.322   5.207   1.00 12.20 ? 81  PHE A CB  1 
ATOM   638  C CG  . PHE A 1 81  ? -8.848  3.790   3.793   1.00 11.80 ? 81  PHE A CG  1 
ATOM   639  C CD1 . PHE A 1 81  ? -7.708  3.124   3.380   1.00 15.21 ? 81  PHE A CD1 1 
ATOM   640  C CD2 . PHE A 1 81  ? -9.892  3.972   2.909   1.00 12.29 ? 81  PHE A CD2 1 
ATOM   641  C CE1 . PHE A 1 81  ? -7.606  2.633   2.091   1.00 12.86 ? 81  PHE A CE1 1 
ATOM   642  C CE2 . PHE A 1 81  ? -9.799  3.474   1.627   1.00 16.26 ? 81  PHE A CE2 1 
ATOM   643  C CZ  . PHE A 1 81  ? -8.648  2.813   1.213   1.00 7.90  ? 81  PHE A CZ  1 
ATOM   644  N N   . VAL A 1 82  ? -7.236  4.138   7.921   1.00 14.78 ? 82  VAL A N   1 
ATOM   645  C CA  . VAL A 1 82  ? -6.909  4.853   9.153   1.00 14.12 ? 82  VAL A CA  1 
ATOM   646  C C   . VAL A 1 82  ? -6.251  6.190   8.799   1.00 14.47 ? 82  VAL A C   1 
ATOM   647  O O   . VAL A 1 82  ? -5.835  6.897   9.723   1.00 16.86 ? 82  VAL A O   1 
ATOM   648  C CB  . VAL A 1 82  ? -5.995  4.090   10.112  1.00 13.37 ? 82  VAL A CB  1 
ATOM   649  C CG1 . VAL A 1 82  ? -6.689  2.835   10.636  1.00 16.69 ? 82  VAL A CG1 1 
ATOM   650  C CG2 . VAL A 1 82  ? -4.671  3.689   9.464   1.00 12.98 ? 82  VAL A CG2 1 
ATOM   651  N N   . VAL A 1 83  ? -6.181  6.488   7.504   1.00 5.13  ? 83  VAL A N   1 
ATOM   652  C CA  . VAL A 1 83  ? -5.602  7.744   7.024   1.00 6.09  ? 83  VAL A CA  1 
ATOM   653  C C   . VAL A 1 83  ? -6.695  8.704   6.563   1.00 8.75  ? 83  VAL A C   1 
ATOM   654  O O   . VAL A 1 83  ? -7.822  8.267   6.340   1.00 9.17  ? 83  VAL A O   1 
ATOM   655  C CB  . VAL A 1 83  ? -4.602  7.550   5.871   1.00 10.75 ? 83  VAL A CB  1 
ATOM   656  C CG1 . VAL A 1 83  ? -3.290  6.977   6.411   1.00 5.43  ? 83  VAL A CG1 1 
ATOM   657  C CG2 . VAL A 1 83  ? -5.160  6.667   4.766   1.00 10.96 ? 83  VAL A CG2 1 
ATOM   658  N N   . ASP A 1 84  ? -6.380  9.986   6.418   1.00 14.84 ? 84  ASP A N   1 
ATOM   659  C CA  . ASP A 1 84  ? -7.354  10.978  5.968   1.00 16.49 ? 84  ASP A CA  1 
ATOM   660  C C   . ASP A 1 84  ? -7.154  11.188  4.462   1.00 19.77 ? 84  ASP A C   1 
ATOM   661  O O   . ASP A 1 84  ? -6.134  11.749  4.053   1.00 20.55 ? 84  ASP A O   1 
ATOM   662  C CB  . ASP A 1 84  ? -7.253  12.320  6.693   1.00 12.70 ? 84  ASP A CB  1 
ATOM   663  C CG  . ASP A 1 84  ? -7.465  12.245  8.191   1.00 20.97 ? 84  ASP A CG  1 
ATOM   664  O OD1 . ASP A 1 84  ? -8.065  11.256  8.660   1.00 24.45 ? 84  ASP A OD1 1 
ATOM   665  O OD2 . ASP A 1 84  ? -7.034  13.168  8.916   1.00 24.25 ? 84  ASP A OD2 1 
ATOM   666  N N   . LEU A 1 85  ? -8.110  10.722  3.663   1.00 13.88 ? 85  LEU A N   1 
ATOM   667  C CA  . LEU A 1 85  ? -7.959  10.814  2.215   1.00 12.85 ? 85  LEU A CA  1 
ATOM   668  C C   . LEU A 1 85  ? -8.864  11.892  1.640   1.00 15.96 ? 85  LEU A C   1 
ATOM   669  O O   . LEU A 1 85  ? -9.993  12.059  2.096   1.00 16.53 ? 85  LEU A O   1 
ATOM   670  C CB  . LEU A 1 85  ? -8.273  9.457   1.578   1.00 12.35 ? 85  LEU A CB  1 
ATOM   671  C CG  . LEU A 1 85  ? -7.273  8.362   1.996   1.00 20.06 ? 85  LEU A CG  1 
ATOM   672  C CD1 . LEU A 1 85  ? -7.941  7.000   1.986   1.00 28.30 ? 85  LEU A CD1 1 
ATOM   673  C CD2 . LEU A 1 85  ? -6.058  8.406   1.086   1.00 19.21 ? 85  LEU A CD2 1 
ATOM   674  N N   . PRO A 1 86  ? -8.378  12.603  0.637   1.00 19.90 ? 86  PRO A N   1 
ATOM   675  C CA  . PRO A 1 86  ? -9.247  13.557  -0.056  1.00 23.89 ? 86  PRO A CA  1 
ATOM   676  C C   . PRO A 1 86  ? -10.381 12.835  -0.774  1.00 19.17 ? 86  PRO A C   1 
ATOM   677  O O   . PRO A 1 86  ? -10.274 11.660  -1.121  1.00 16.98 ? 86  PRO A O   1 
ATOM   678  C CB  . PRO A 1 86  ? -8.315  14.196  -1.085  1.00 23.86 ? 86  PRO A CB  1 
ATOM   679  C CG  . PRO A 1 86  ? -7.227  13.185  -1.276  1.00 28.92 ? 86  PRO A CG  1 
ATOM   680  C CD  . PRO A 1 86  ? -7.013  12.576  0.088   1.00 16.07 ? 86  PRO A CD  1 
ATOM   681  N N   . GLU A 1 87  ? -11.467 13.564  -1.016  1.00 19.84 ? 87  GLU A N   1 
ATOM   682  C CA  . GLU A 1 87  ? -12.584 13.055  -1.792  1.00 18.94 ? 87  GLU A CA  1 
ATOM   683  C C   . GLU A 1 87  ? -12.149 12.496  -3.141  1.00 19.62 ? 87  GLU A C   1 
ATOM   684  O O   . GLU A 1 87  ? -12.621 11.446  -3.569  1.00 13.80 ? 87  GLU A O   1 
ATOM   685  C CB  . GLU A 1 87  ? -13.620 14.171  -2.004  1.00 26.72 ? 87  GLU A CB  1 
ATOM   686  C CG  . GLU A 1 87  ? -15.015 13.651  -2.296  1.00 34.85 ? 87  GLU A CG  1 
ATOM   687  C CD  . GLU A 1 87  ? -15.577 12.751  -1.214  1.00 37.59 ? 87  GLU A CD  1 
ATOM   688  O OE1 . GLU A 1 87  ? -15.531 13.122  -0.025  1.00 47.20 ? 87  GLU A OE1 1 
ATOM   689  O OE2 . GLU A 1 87  ? -16.090 11.661  -1.559  1.00 37.63 ? 87  GLU A OE2 1 
ATOM   690  N N   . ASP A 1 88  ? -11.239 13.181  -3.833  1.00 14.31 ? 88  ASP A N   1 
ATOM   691  C CA  . ASP A 1 88  ? -10.822 12.720  -5.154  1.00 20.09 ? 88  ASP A CA  1 
ATOM   692  C C   . ASP A 1 88  ? -9.758  11.636  -5.130  1.00 27.08 ? 88  ASP A C   1 
ATOM   693  O O   . ASP A 1 88  ? -9.208  11.300  -6.187  1.00 16.85 ? 88  ASP A O   1 
ATOM   694  C CB  . ASP A 1 88  ? -10.323 13.931  -5.963  1.00 21.53 ? 88  ASP A CB  1 
ATOM   695  C CG  . ASP A 1 88  ? -9.224  14.681  -5.238  1.00 30.99 ? 88  ASP A CG  1 
ATOM   696  O OD1 . ASP A 1 88  ? -8.969  14.363  -4.056  1.00 21.20 ? 88  ASP A OD1 1 
ATOM   697  O OD2 . ASP A 1 88  ? -8.618  15.586  -5.846  1.00 27.09 ? 88  ASP A OD2 1 
ATOM   698  N N   . ALA A 1 89  ? -9.421  11.052  -3.980  1.00 23.55 ? 89  ALA A N   1 
ATOM   699  C CA  . ALA A 1 89  ? -8.501  9.920   -3.975  1.00 18.23 ? 89  ALA A CA  1 
ATOM   700  C C   . ALA A 1 89  ? -9.034  8.768   -4.812  1.00 14.29 ? 89  ALA A C   1 
ATOM   701  O O   . ALA A 1 89  ? -10.223 8.454   -4.718  1.00 17.10 ? 89  ALA A O   1 
ATOM   702  C CB  . ALA A 1 89  ? -8.274  9.389   -2.552  1.00 11.35 ? 89  ALA A CB  1 
ATOM   703  N N   . VAL A 1 90  ? -8.192  8.085   -5.583  1.00 11.59 ? 90  VAL A N   1 
ATOM   704  C CA  . VAL A 1 90  ? -8.636  6.842   -6.203  1.00 11.53 ? 90  VAL A CA  1 
ATOM   705  C C   . VAL A 1 90  ? -8.473  5.678   -5.232  1.00 13.75 ? 90  VAL A C   1 
ATOM   706  O O   . VAL A 1 90  ? -7.402  5.415   -4.682  1.00 10.72 ? 90  VAL A O   1 
ATOM   707  C CB  . VAL A 1 90  ? -7.844  6.530   -7.486  1.00 16.98 ? 90  VAL A CB  1 
ATOM   708  C CG1 . VAL A 1 90  ? -8.351  5.249   -8.131  1.00 22.50 ? 90  VAL A CG1 1 
ATOM   709  C CG2 . VAL A 1 90  ? -7.923  7.697   -8.466  1.00 14.83 ? 90  VAL A CG2 1 
ATOM   710  N N   . ILE A 1 91  ? -9.548  4.930   -5.028  1.00 15.62 ? 91  ILE A N   1 
ATOM   711  C CA  . ILE A 1 91  ? -9.466  3.743   -4.180  1.00 15.76 ? 91  ILE A CA  1 
ATOM   712  C C   . ILE A 1 91  ? -9.197  2.471   -4.965  1.00 19.18 ? 91  ILE A C   1 
ATOM   713  O O   . ILE A 1 91  ? -9.936  2.110   -5.882  1.00 17.81 ? 91  ILE A O   1 
ATOM   714  C CB  . ILE A 1 91  ? -10.787 3.572   -3.401  1.00 18.08 ? 91  ILE A CB  1 
ATOM   715  C CG1 . ILE A 1 91  ? -11.167 4.804   -2.573  1.00 12.81 ? 91  ILE A CG1 1 
ATOM   716  C CG2 . ILE A 1 91  ? -10.725 2.322   -2.539  1.00 19.95 ? 91  ILE A CG2 1 
ATOM   717  C CD1 . ILE A 1 91  ? -9.999  5.446   -1.853  1.00 13.94 ? 91  ILE A CD1 1 
ATOM   718  N N   . ILE A 1 92  ? -8.145  1.737   -4.619  1.00 15.27 ? 92  ILE A N   1 
ATOM   719  C CA  . ILE A 1 92  ? -7.921  0.442   -5.248  1.00 10.77 ? 92  ILE A CA  1 
ATOM   720  C C   . ILE A 1 92  ? -8.203  -0.714  -4.300  1.00 9.05  ? 92  ILE A C   1 
ATOM   721  O O   . ILE A 1 92  ? -7.519  -0.863  -3.294  1.00 15.35 ? 92  ILE A O   1 
ATOM   722  C CB  . ILE A 1 92  ? -6.472  0.345   -5.759  1.00 15.01 ? 92  ILE A CB  1 
ATOM   723  C CG1 . ILE A 1 92  ? -6.131  1.437   -6.771  1.00 9.17  ? 92  ILE A CG1 1 
ATOM   724  C CG2 . ILE A 1 92  ? -6.188  -1.036  -6.319  1.00 16.35 ? 92  ILE A CG2 1 
ATOM   725  C CD1 . ILE A 1 92  ? -6.918  1.301   -8.075  1.00 13.26 ? 92  ILE A CD1 1 
ATOM   726  N N   . SER A 1 93  ? -9.202  -1.540  -4.581  1.00 10.87 ? 93  SER A N   1 
ATOM   727  C CA  . SER A 1 93  ? -9.516  -2.708  -3.752  1.00 15.32 ? 93  SER A CA  1 
ATOM   728  C C   . SER A 1 93  ? -8.859  -3.965  -4.293  1.00 16.58 ? 93  SER A C   1 
ATOM   729  O O   . SER A 1 93  ? -9.064  -4.305  -5.469  1.00 17.08 ? 93  SER A O   1 
ATOM   730  C CB  . SER A 1 93  ? -11.028 -2.925  -3.692  1.00 22.69 ? 93  SER A CB  1 
ATOM   731  O OG  . SER A 1 93  ? -11.737 -1.801  -3.212  1.00 16.71 ? 93  SER A OG  1 
ATOM   732  N N   . LYS A 1 94  ? -8.050  -4.692  -3.508  1.00 11.98 ? 94  LYS A N   1 
ATOM   733  C CA  . LYS A 1 94  ? -7.469  -5.893  -4.116  1.00 17.20 ? 94  LYS A CA  1 
ATOM   734  C C   . LYS A 1 94  ? -7.868  -7.160  -3.364  1.00 14.28 ? 94  LYS A C   1 
ATOM   735  O O   . LYS A 1 94  ? -8.347  -7.123  -2.231  1.00 15.56 ? 94  LYS A O   1 
ATOM   736  C CB  . LYS A 1 94  ? -5.946  -5.810  -4.176  1.00 19.20 ? 94  LYS A CB  1 
ATOM   737  C CG  . LYS A 1 94  ? -5.336  -4.873  -3.164  1.00 23.35 ? 94  LYS A CG  1 
ATOM   738  C CD  . LYS A 1 94  ? -3.824  -4.870  -3.156  1.00 7.86  ? 94  LYS A CD  1 
ATOM   739  C CE  . LYS A 1 94  ? -3.311  -4.168  -1.899  1.00 16.18 ? 94  LYS A CE  1 
ATOM   740  N NZ  . LYS A 1 94  ? -2.175  -4.925  -1.302  1.00 24.03 ? 94  LYS A NZ  1 
ATOM   741  N N   . ALA A 1 95  ? -7.665  -8.294  -4.023  1.00 14.40 ? 95  ALA A N   1 
ATOM   742  C CA  . ALA A 1 95  ? -7.909  -9.602  -3.419  1.00 15.88 ? 95  ALA A CA  1 
ATOM   743  C C   . ALA A 1 95  ? -9.362  -9.770  -2.997  1.00 16.75 ? 95  ALA A C   1 
ATOM   744  O O   . ALA A 1 95  ? -9.677  -10.253 -1.907  1.00 23.42 ? 95  ALA A O   1 
ATOM   745  C CB  . ALA A 1 95  ? -6.979  -9.783  -2.232  1.00 14.22 ? 95  ALA A CB  1 
ATOM   746  N N   . THR A 1 96  ? -10.256 -9.352  -3.877  1.00 15.63 ? 96  THR A N   1 
ATOM   747  C CA  . THR A 1 96  ? -11.677 -9.264  -3.574  1.00 18.15 ? 96  THR A CA  1 
ATOM   748  C C   . THR A 1 96  ? -12.412 -10.583 -3.786  1.00 21.42 ? 96  THR A C   1 
ATOM   749  O O   . THR A 1 96  ? -13.508 -10.761 -3.241  1.00 18.02 ? 96  THR A O   1 
ATOM   750  C CB  . THR A 1 96  ? -12.356 -8.198  -4.455  1.00 22.21 ? 96  THR A CB  1 
ATOM   751  O OG1 . THR A 1 96  ? -12.289 -8.610  -5.831  1.00 21.96 ? 96  THR A OG1 1 
ATOM   752  C CG2 . THR A 1 96  ? -11.634 -6.864  -4.354  1.00 17.88 ? 96  THR A CG2 1 
ATOM   753  N N   . GLU A 1 97  ? -11.800 -11.461 -4.572  1.00 18.00 ? 97  GLU A N   1 
ATOM   754  C CA  . GLU A 1 97  ? -12.393 -12.766 -4.868  1.00 25.41 ? 97  GLU A CA  1 
ATOM   755  C C   . GLU A 1 97  ? -11.802 -13.809 -3.922  1.00 25.74 ? 97  GLU A C   1 
ATOM   756  O O   . GLU A 1 97  ? -10.716 -13.637 -3.377  1.00 26.00 ? 97  GLU A O   1 
ATOM   757  C CB  . GLU A 1 97  ? -12.202 -13.150 -6.340  1.00 20.93 ? 97  GLU A CB  1 
ATOM   758  C CG  . GLU A 1 97  ? -12.713 -12.076 -7.288  1.00 34.88 ? 97  GLU A CG  1 
ATOM   759  C CD  . GLU A 1 97  ? -12.291 -12.264 -8.729  1.00 45.54 ? 97  GLU A CD  1 
ATOM   760  O OE1 . GLU A 1 97  ? -11.160 -12.727 -8.994  1.00 44.66 ? 97  GLU A OE1 1 
ATOM   761  O OE2 . GLU A 1 97  ? -13.117 -11.928 -9.611  1.00 62.98 ? 97  GLU A OE2 1 
ATOM   762  N N   . PRO A 1 98  ? -12.557 -14.869 -3.701  1.00 30.81 ? 98  PRO A N   1 
ATOM   763  C CA  . PRO A 1 98  ? -12.166 -15.921 -2.759  1.00 22.63 ? 98  PRO A CA  1 
ATOM   764  C C   . PRO A 1 98  ? -10.836 -16.568 -3.101  1.00 22.66 ? 98  PRO A C   1 
ATOM   765  O O   . PRO A 1 98  ? -10.085 -16.922 -2.189  1.00 21.24 ? 98  PRO A O   1 
ATOM   766  C CB  . PRO A 1 98  ? -13.321 -16.926 -2.883  1.00 22.61 ? 98  PRO A CB  1 
ATOM   767  C CG  . PRO A 1 98  ? -14.478 -16.038 -3.254  1.00 23.44 ? 98  PRO A CG  1 
ATOM   768  C CD  . PRO A 1 98  ? -13.885 -15.131 -4.309  1.00 27.60 ? 98  PRO A CD  1 
ATOM   769  N N   . ASP A 1 99  ? -10.486 -16.747 -4.370  1.00 25.85 ? 99  ASP A N   1 
ATOM   770  C CA  . ASP A 1 99  ? -9.200  -17.392 -4.637  1.00 30.07 ? 99  ASP A CA  1 
ATOM   771  C C   . ASP A 1 99  ? -8.157  -16.436 -5.198  1.00 28.82 ? 99  ASP A C   1 
ATOM   772  O O   . ASP A 1 99  ? -7.056  -16.889 -5.509  1.00 37.02 ? 99  ASP A O   1 
ATOM   773  C CB  . ASP A 1 99  ? -9.363  -18.534 -5.643  1.00 32.09 ? 99  ASP A CB  1 
ATOM   774  C CG  . ASP A 1 99  ? -10.259 -19.649 -5.153  1.00 33.37 ? 99  ASP A CG  1 
ATOM   775  O OD1 . ASP A 1 99  ? -10.776 -20.394 -6.013  1.00 51.07 ? 99  ASP A OD1 1 
ATOM   776  O OD2 . ASP A 1 99  ? -10.433 -19.776 -3.921  1.00 35.44 ? 99  ASP A OD2 1 
ATOM   777  N N   . LYS A 1 100 ? -8.470  -15.159 -5.351  1.00 28.49 ? 100 LYS A N   1 
ATOM   778  C CA  . LYS A 1 100 ? -7.533  -14.224 -5.963  1.00 31.72 ? 100 LYS A CA  1 
ATOM   779  C C   . LYS A 1 100 ? -6.596  -13.640 -4.910  1.00 32.67 ? 100 LYS A C   1 
ATOM   780  O O   . LYS A 1 100 ? -7.004  -12.905 -4.010  1.00 24.23 ? 100 LYS A O   1 
ATOM   781  C CB  . LYS A 1 100 ? -8.268  -13.112 -6.710  1.00 31.78 ? 100 LYS A CB  1 
ATOM   782  C CG  . LYS A 1 100 ? -8.985  -12.116 -5.821  1.00 34.98 ? 100 LYS A CG  1 
ATOM   783  C CD  . LYS A 1 100 ? -9.658  -11.019 -6.624  1.00 47.62 ? 100 LYS A CD  1 
ATOM   784  C CE  . LYS A 1 100 ? -8.710  -9.867  -6.906  1.00 54.47 ? 100 LYS A CE  1 
ATOM   785  N NZ  . LYS A 1 100 ? -7.387  -10.334 -7.408  1.00 51.74 ? 100 LYS A NZ  1 
ATOM   786  N N   . GLU A 1 101 ? -5.332  -14.010 -5.053  1.00 24.18 ? 101 GLU A N   1 
ATOM   787  C CA  . GLU A 1 101 ? -4.263  -13.544 -4.182  1.00 26.47 ? 101 GLU A CA  1 
ATOM   788  C C   . GLU A 1 101 ? -3.693  -12.255 -4.764  1.00 22.86 ? 101 GLU A C   1 
ATOM   789  O O   . GLU A 1 101 ? -3.596  -12.126 -5.985  1.00 31.05 ? 101 GLU A O   1 
ATOM   790  C CB  . GLU A 1 101 ? -3.182  -14.610 -4.050  1.00 38.56 ? 101 GLU A CB  1 
ATOM   791  C CG  . GLU A 1 101 ? -3.212  -15.434 -2.778  1.00 48.18 ? 101 GLU A CG  1 
ATOM   792  C CD  . GLU A 1 101 ? -2.447  -16.738 -2.905  1.00 55.08 ? 101 GLU A CD  1 
ATOM   793  O OE1 . GLU A 1 101 ? -2.694  -17.489 -3.874  1.00 59.47 ? 101 GLU A OE1 1 
ATOM   794  O OE2 . GLU A 1 101 ? -1.593  -17.010 -2.035  1.00 64.92 ? 101 GLU A OE2 1 
ATOM   795  N N   . ALA A 1 102 ? -3.320  -11.284 -3.941  1.00 16.75 ? 102 ALA A N   1 
ATOM   796  C CA  . ALA A 1 102 ? -2.757  -10.063 -4.519  1.00 21.58 ? 102 ALA A CA  1 
ATOM   797  C C   . ALA A 1 102 ? -2.073  -9.206  -3.460  1.00 30.02 ? 102 ALA A C   1 
ATOM   798  O O   . ALA A 1 102 ? -2.743  -8.494  -2.709  1.00 32.45 ? 102 ALA A O   1 
ATOM   799  C CB  . ALA A 1 102 ? -3.839  -9.270  -5.230  1.00 21.52 ? 102 ALA A CB  1 
ATOM   800  N N   . TYR A 1 103 ? -0.745  -9.272  -3.420  1.00 22.48 ? 103 TYR A N   1 
ATOM   801  C CA  . TYR A 1 103 ? 0.020   -8.421  -2.510  1.00 21.40 ? 103 TYR A CA  1 
ATOM   802  C C   . TYR A 1 103 ? 0.217   -7.028  -3.085  1.00 18.17 ? 103 TYR A C   1 
ATOM   803  O O   . TYR A 1 103 ? 0.031   -6.012  -2.417  1.00 15.60 ? 103 TYR A O   1 
ATOM   804  C CB  . TYR A 1 103 ? 1.373   -9.076  -2.198  1.00 34.70 ? 103 TYR A CB  1 
ATOM   805  C CG  . TYR A 1 103 ? 1.215   -10.142 -1.132  1.00 37.85 ? 103 TYR A CG  1 
ATOM   806  C CD1 . TYR A 1 103 ? 1.217   -9.800  0.214   1.00 32.73 ? 103 TYR A CD1 1 
ATOM   807  C CD2 . TYR A 1 103 ? 1.051   -11.477 -1.488  1.00 43.91 ? 103 TYR A CD2 1 
ATOM   808  C CE1 . TYR A 1 103 ? 1.068   -10.762 1.196   1.00 30.20 ? 103 TYR A CE1 1 
ATOM   809  C CE2 . TYR A 1 103 ? 0.903   -12.447 -0.511  1.00 44.25 ? 103 TYR A CE2 1 
ATOM   810  C CZ  . TYR A 1 103 ? 0.912   -12.081 0.819   1.00 43.62 ? 103 TYR A CZ  1 
ATOM   811  O OH  . TYR A 1 103 ? 0.764   -13.052 1.786   1.00 64.00 ? 103 TYR A OH  1 
ATOM   812  N N   . SER A 1 104 ? 0.589   -6.966  -4.356  1.00 16.85 ? 104 SER A N   1 
ATOM   813  C CA  . SER A 1 104 ? 0.792   -5.695  -5.036  1.00 16.19 ? 104 SER A CA  1 
ATOM   814  C C   . SER A 1 104 ? -0.506  -4.978  -5.358  1.00 13.83 ? 104 SER A C   1 
ATOM   815  O O   . SER A 1 104 ? -1.496  -5.574  -5.780  1.00 22.93 ? 104 SER A O   1 
ATOM   816  C CB  . SER A 1 104 ? 1.544   -5.919  -6.356  1.00 13.13 ? 104 SER A CB  1 
ATOM   817  O OG  . SER A 1 104 ? 1.340   -4.822  -7.230  1.00 20.03 ? 104 SER A OG  1 
ATOM   818  N N   . GLY A 1 105 ? -0.503  -3.655  -5.223  1.00 10.46 ? 105 GLY A N   1 
ATOM   819  C CA  . GLY A 1 105 ? -1.651  -2.862  -5.630  1.00 10.75 ? 105 GLY A CA  1 
ATOM   820  C C   . GLY A 1 105 ? -1.926  -2.930  -7.121  1.00 17.25 ? 105 GLY A C   1 
ATOM   821  O O   . GLY A 1 105 ? -2.978  -2.424  -7.546  1.00 14.23 ? 105 GLY A O   1 
ATOM   822  N N   . PHE A 1 106 ? -1.030  -3.512  -7.909  1.00 13.52 ? 106 PHE A N   1 
ATOM   823  C CA  . PHE A 1 106 ? -1.177  -3.662  -9.347  1.00 20.61 ? 106 PHE A CA  1 
ATOM   824  C C   . PHE A 1 106 ? -1.824  -4.990  -9.750  1.00 24.47 ? 106 PHE A C   1 
ATOM   825  O O   . PHE A 1 106 ? -2.412  -5.085  -10.834 1.00 19.61 ? 106 PHE A O   1 
ATOM   826  C CB  . PHE A 1 106 ? 0.189   -3.562  -10.052 1.00 19.28 ? 106 PHE A CB  1 
ATOM   827  C CG  . PHE A 1 106 ? 0.714   -2.135  -10.069 1.00 14.05 ? 106 PHE A CG  1 
ATOM   828  C CD1 . PHE A 1 106 ? 0.460   -1.305  -11.145 1.00 18.60 ? 106 PHE A CD1 1 
ATOM   829  C CD2 . PHE A 1 106 ? 1.443   -1.639  -9.011  1.00 13.26 ? 106 PHE A CD2 1 
ATOM   830  C CE1 . PHE A 1 106 ? 0.937   -0.006  -11.134 1.00 17.45 ? 106 PHE A CE1 1 
ATOM   831  C CE2 . PHE A 1 106 ? 1.934   -0.344  -8.998  1.00 14.19 ? 106 PHE A CE2 1 
ATOM   832  C CZ  . PHE A 1 106 ? 1.684   0.475   -10.079 1.00 8.94  ? 106 PHE A CZ  1 
ATOM   833  N N   . GLU A 1 107 ? -1.710  -5.987  -8.889  1.00 19.02 ? 107 GLU A N   1 
ATOM   834  C CA  . GLU A 1 107 ? -2.133  -7.353  -9.153  1.00 21.41 ? 107 GLU A CA  1 
ATOM   835  C C   . GLU A 1 107 ? -3.639  -7.521  -9.319  1.00 22.36 ? 107 GLU A C   1 
ATOM   836  O O   . GLU A 1 107 ? -4.369  -7.562  -8.328  1.00 16.56 ? 107 GLU A O   1 
ATOM   837  C CB  . GLU A 1 107 ? -1.645  -8.270  -8.018  1.00 32.78 ? 107 GLU A CB  1 
ATOM   838  C CG  . GLU A 1 107 ? -0.208  -8.737  -8.193  1.00 47.06 ? 107 GLU A CG  1 
ATOM   839  C CD  . GLU A 1 107 ? 0.288   -9.625  -7.068  1.00 57.93 ? 107 GLU A CD  1 
ATOM   840  O OE1 . GLU A 1 107 ? 1.273   -9.251  -6.394  1.00 52.94 ? 107 GLU A OE1 1 
ATOM   841  O OE2 . GLU A 1 107 ? -0.294  -10.709 -6.850  1.00 66.12 ? 107 GLU A OE2 1 
ATOM   842  N N   . GLY A 1 108 ? -4.119  -7.656  -10.553 1.00 11.76 ? 108 GLY A N   1 
ATOM   843  C CA  . GLY A 1 108 ? -5.529  -7.920  -10.802 1.00 18.91 ? 108 GLY A CA  1 
ATOM   844  C C   . GLY A 1 108 ? -6.369  -6.667  -10.675 1.00 18.98 ? 108 GLY A C   1 
ATOM   845  O O   . GLY A 1 108 ? -7.588  -6.709  -10.534 1.00 21.78 ? 108 GLY A O   1 
ATOM   846  N N   . THR A 1 109 ? -5.706  -5.512  -10.706 1.00 17.35 ? 109 THR A N   1 
ATOM   847  C CA  . THR A 1 109 ? -6.396  -4.241  -10.589 1.00 23.29 ? 109 THR A CA  1 
ATOM   848  C C   . THR A 1 109 ? -6.207  -3.393  -11.840 1.00 24.94 ? 109 THR A C   1 
ATOM   849  O O   . THR A 1 109 ? -5.436  -3.739  -12.736 1.00 30.25 ? 109 THR A O   1 
ATOM   850  C CB  . THR A 1 109 ? -5.885  -3.392  -9.402  1.00 20.93 ? 109 THR A CB  1 
ATOM   851  O OG1 . THR A 1 109 ? -4.510  -3.067  -9.660  1.00 14.14 ? 109 THR A OG1 1 
ATOM   852  C CG2 . THR A 1 109 ? -5.983  -4.185  -8.116  1.00 17.81 ? 109 THR A CG2 1 
ATOM   853  N N   . ASP A 1 110 ? -6.918  -2.269  -11.861 1.00 20.03 ? 110 ASP A N   1 
ATOM   854  C CA  . ASP A 1 110 ? -6.721  -1.336  -12.970 1.00 26.56 ? 110 ASP A CA  1 
ATOM   855  C C   . ASP A 1 110 ? -5.650  -0.298  -12.686 1.00 20.13 ? 110 ASP A C   1 
ATOM   856  O O   . ASP A 1 110 ? -5.587  0.718   -13.377 1.00 18.61 ? 110 ASP A O   1 
ATOM   857  C CB  . ASP A 1 110 ? -8.052  -0.625  -13.260 1.00 34.43 ? 110 ASP A CB  1 
ATOM   858  C CG  . ASP A 1 110 ? -8.869  -1.480  -14.219 1.00 44.81 ? 110 ASP A CG  1 
ATOM   859  O OD1 . ASP A 1 110 ? -8.222  -2.255  -14.960 1.00 49.06 ? 110 ASP A OD1 1 
ATOM   860  O OD2 . ASP A 1 110 ? -10.108 -1.359  -14.208 1.00 61.41 ? 110 ASP A OD2 1 
ATOM   861  N N   . LEU A 1 111 ? -4.809  -0.514  -11.681 1.00 26.64 ? 111 LEU A N   1 
ATOM   862  C CA  . LEU A 1 111 ? -3.875  0.519   -11.230 1.00 26.24 ? 111 LEU A CA  1 
ATOM   863  C C   . LEU A 1 111 ? -3.010  1.072   -12.350 1.00 17.18 ? 111 LEU A C   1 
ATOM   864  O O   . LEU A 1 111 ? -2.925  2.292   -12.551 1.00 19.00 ? 111 LEU A O   1 
ATOM   865  C CB  . LEU A 1 111 ? -2.989  -0.018  -10.090 1.00 16.54 ? 111 LEU A CB  1 
ATOM   866  C CG  . LEU A 1 111 ? -2.195  1.072   -9.358  1.00 23.52 ? 111 LEU A CG  1 
ATOM   867  C CD1 . LEU A 1 111 ? -3.060  2.302   -9.110  1.00 30.80 ? 111 LEU A CD1 1 
ATOM   868  C CD2 . LEU A 1 111 ? -1.626  0.543   -8.051  1.00 14.67 ? 111 LEU A CD2 1 
ATOM   869  N N   . ALA A 1 112 ? -2.348  0.206   -13.117 1.00 15.40 ? 112 ALA A N   1 
ATOM   870  C CA  . ALA A 1 112 ? -1.503  0.734   -14.186 1.00 10.53 ? 112 ALA A CA  1 
ATOM   871  C C   . ALA A 1 112 ? -2.285  1.578   -15.181 1.00 19.14 ? 112 ALA A C   1 
ATOM   872  O O   . ALA A 1 112 ? -1.838  2.650   -15.596 1.00 16.71 ? 112 ALA A O   1 
ATOM   873  C CB  . ALA A 1 112 ? -0.814  -0.423  -14.907 1.00 9.91  ? 112 ALA A CB  1 
ATOM   874  N N   . LYS A 1 113 ? -3.463  1.114   -15.604 1.00 21.76 ? 113 LYS A N   1 
ATOM   875  C CA  . LYS A 1 113 ? -4.160  1.834   -16.675 1.00 33.72 ? 113 LYS A CA  1 
ATOM   876  C C   . LYS A 1 113 ? -4.673  3.185   -16.191 1.00 27.30 ? 113 LYS A C   1 
ATOM   877  O O   . LYS A 1 113 ? -4.610  4.180   -16.913 1.00 18.15 ? 113 LYS A O   1 
ATOM   878  C CB  . LYS A 1 113 ? -5.296  0.986   -17.237 1.00 46.96 ? 113 LYS A CB  1 
ATOM   879  C CG  . LYS A 1 113 ? -4.816  -0.270  -17.951 1.00 63.92 ? 113 LYS A CG  1 
ATOM   880  C CD  . LYS A 1 113 ? -4.999  -0.174  -19.461 1.00 73.73 ? 113 LYS A CD  1 
ATOM   881  C CE  . LYS A 1 113 ? -4.313  -1.336  -20.173 1.00 76.76 ? 113 LYS A CE  1 
ATOM   882  N NZ  . LYS A 1 113 ? -3.128  -0.883  -20.957 1.00 73.11 ? 113 LYS A NZ  1 
ATOM   883  N N   . ILE A 1 114 ? -5.163  3.208   -14.961 1.00 11.78 ? 114 ILE A N   1 
ATOM   884  C CA  . ILE A 1 114 ? -5.558  4.436   -14.290 1.00 18.45 ? 114 ILE A CA  1 
ATOM   885  C C   . ILE A 1 114 ? -4.389  5.402   -14.171 1.00 18.88 ? 114 ILE A C   1 
ATOM   886  O O   . ILE A 1 114 ? -4.467  6.598   -14.438 1.00 17.21 ? 114 ILE A O   1 
ATOM   887  C CB  . ILE A 1 114 ? -6.088  4.114   -12.875 1.00 21.93 ? 114 ILE A CB  1 
ATOM   888  C CG1 . ILE A 1 114 ? -7.376  3.284   -12.869 1.00 29.10 ? 114 ILE A CG1 1 
ATOM   889  C CG2 . ILE A 1 114 ? -6.226  5.392   -12.072 1.00 14.97 ? 114 ILE A CG2 1 
ATOM   890  C CD1 . ILE A 1 114 ? -7.461  2.286   -11.724 1.00 21.01 ? 114 ILE A CD1 1 
ATOM   891  N N   . LEU A 1 115 ? -3.235  4.883   -13.745 1.00 16.17 ? 115 LEU A N   1 
ATOM   892  C CA  . LEU A 1 115 ? -2.079  5.773   -13.606 1.00 11.59 ? 115 LEU A CA  1 
ATOM   893  C C   . LEU A 1 115 ? -1.720  6.407   -14.943 1.00 20.46 ? 115 LEU A C   1 
ATOM   894  O O   . LEU A 1 115 ? -1.592  7.627   -15.048 1.00 18.57 ? 115 LEU A O   1 
ATOM   895  C CB  . LEU A 1 115 ? -0.898  4.991   -13.032 1.00 10.38 ? 115 LEU A CB  1 
ATOM   896  C CG  . LEU A 1 115 ? -0.976  4.639   -11.548 1.00 6.79  ? 115 LEU A CG  1 
ATOM   897  C CD1 . LEU A 1 115 ? 0.299   3.923   -11.121 1.00 8.79  ? 115 LEU A CD1 1 
ATOM   898  C CD2 . LEU A 1 115 ? -1.207  5.881   -10.704 1.00 6.66  ? 115 LEU A CD2 1 
ATOM   899  N N   . ARG A 1 116 ? -1.567  5.594   -15.989 1.00 24.18 ? 116 ARG A N   1 
ATOM   900  C CA  . ARG A 1 116 ? -1.217  6.145   -17.303 1.00 22.45 ? 116 ARG A CA  1 
ATOM   901  C C   . ARG A 1 116 ? -2.338  7.008   -17.861 1.00 19.60 ? 116 ARG A C   1 
ATOM   902  O O   . ARG A 1 116 ? -2.096  8.042   -18.489 1.00 19.76 ? 116 ARG A O   1 
ATOM   903  C CB  . ARG A 1 116 ? -0.884  5.022   -18.286 1.00 23.16 ? 116 ARG A CB  1 
ATOM   904  C CG  . ARG A 1 116 ? -0.120  3.862   -17.669 1.00 32.57 ? 116 ARG A CG  1 
ATOM   905  C CD  . ARG A 1 116 ? 0.342   2.866   -18.722 1.00 38.39 ? 116 ARG A CD  1 
ATOM   906  N NE  . ARG A 1 116 ? 1.565   2.171   -18.311 1.00 43.96 ? 116 ARG A NE  1 
ATOM   907  C CZ  . ARG A 1 116 ? 1.781   0.871   -18.461 1.00 51.85 ? 116 ARG A CZ  1 
ATOM   908  N NH1 . ARG A 1 116 ? 0.847   0.108   -19.025 1.00 38.64 ? 116 ARG A NH1 1 
ATOM   909  N NH2 . ARG A 1 116 ? 2.924   0.328   -18.052 1.00 48.17 ? 116 ARG A NH2 1 
ATOM   910  N N   . GLY A 1 117 ? -3.586  6.595   -17.626 1.00 13.67 ? 117 GLY A N   1 
ATOM   911  C CA  . GLY A 1 117 ? -4.700  7.420   -18.088 1.00 27.14 ? 117 GLY A CA  1 
ATOM   912  C C   . GLY A 1 117 ? -4.725  8.787   -17.439 1.00 33.32 ? 117 GLY A C   1 
ATOM   913  O O   . GLY A 1 117 ? -5.272  9.747   -17.983 1.00 25.18 ? 117 GLY A O   1 
ATOM   914  N N   . ASN A 1 118 ? -4.136  8.941   -16.247 1.00 25.49 ? 118 ASN A N   1 
ATOM   915  C CA  . ASN A 1 118 ? -4.075  10.284  -15.674 1.00 26.04 ? 118 ASN A CA  1 
ATOM   916  C C   . ASN A 1 118 ? -2.749  10.966  -15.993 1.00 18.14 ? 118 ASN A C   1 
ATOM   917  O O   . ASN A 1 118 ? -2.464  12.010  -15.409 1.00 25.64 ? 118 ASN A O   1 
ATOM   918  C CB  . ASN A 1 118 ? -4.283  10.231  -14.157 1.00 33.99 ? 118 ASN A CB  1 
ATOM   919  C CG  . ASN A 1 118 ? -5.741  10.002  -13.793 1.00 35.72 ? 118 ASN A CG  1 
ATOM   920  O OD1 . ASN A 1 118 ? -6.193  8.865   -13.665 1.00 30.44 ? 118 ASN A OD1 1 
ATOM   921  N ND2 . ASN A 1 118 ? -6.478  11.090  -13.631 1.00 18.41 ? 118 ASN A ND2 1 
ATOM   922  N N   . GLY A 1 119 ? -1.940  10.389  -16.877 1.00 18.00 ? 119 GLY A N   1 
ATOM   923  C CA  . GLY A 1 119 ? -0.683  10.986  -17.290 1.00 21.18 ? 119 GLY A CA  1 
ATOM   924  C C   . GLY A 1 119 ? 0.433   10.920  -16.277 1.00 31.00 ? 119 GLY A C   1 
ATOM   925  O O   . GLY A 1 119 ? 1.417   11.674  -16.314 1.00 28.88 ? 119 GLY A O   1 
ATOM   926  N N   . VAL A 1 120 ? 0.334   10.005  -15.319 1.00 24.07 ? 120 VAL A N   1 
ATOM   927  C CA  . VAL A 1 120 ? 1.361   9.863   -14.283 1.00 14.32 ? 120 VAL A CA  1 
ATOM   928  C C   . VAL A 1 120 ? 2.689   9.353   -14.797 1.00 15.81 ? 120 VAL A C   1 
ATOM   929  O O   . VAL A 1 120 ? 2.741   8.393   -15.569 1.00 19.98 ? 120 VAL A O   1 
ATOM   930  C CB  . VAL A 1 120 ? 0.790   8.892   -13.228 1.00 9.98  ? 120 VAL A CB  1 
ATOM   931  C CG1 . VAL A 1 120 ? 1.839   8.465   -12.233 1.00 16.14 ? 120 VAL A CG1 1 
ATOM   932  C CG2 . VAL A 1 120 ? -0.405  9.597   -12.586 1.00 12.24 ? 120 VAL A CG2 1 
ATOM   933  N N   . LYS A 1 121 ? 3.801   9.971   -14.384 1.00 20.95 ? 121 LYS A N   1 
ATOM   934  C CA  . LYS A 1 121 ? 5.114   9.474   -14.781 1.00 23.21 ? 121 LYS A CA  1 
ATOM   935  C C   . LYS A 1 121 ? 5.925   9.011   -13.572 1.00 23.95 ? 121 LYS A C   1 
ATOM   936  O O   . LYS A 1 121 ? 6.801   8.154   -13.692 1.00 16.12 ? 121 LYS A O   1 
ATOM   937  C CB  . LYS A 1 121 ? 5.922   10.528  -15.537 1.00 26.27 ? 121 LYS A CB  1 
ATOM   938  C CG  . LYS A 1 121 ? 5.241   11.121  -16.761 1.00 31.98 ? 121 LYS A CG  1 
ATOM   939  C CD  . LYS A 1 121 ? 5.940   12.415  -17.171 1.00 36.93 ? 121 LYS A CD  1 
ATOM   940  C CE  . LYS A 1 121 ? 7.437   12.326  -16.907 1.00 42.33 ? 121 LYS A CE  1 
ATOM   941  N NZ  . LYS A 1 121 ? 8.240   13.031  -17.942 1.00 64.44 ? 121 LYS A NZ  1 
ATOM   942  N N   . ARG A 1 122 ? 5.661   9.566   -12.394 1.00 9.95  ? 122 ARG A N   1 
ATOM   943  C CA  . ARG A 1 122 ? 6.415   9.176   -11.211 1.00 13.77 ? 122 ARG A CA  1 
ATOM   944  C C   . ARG A 1 122 ? 5.502   8.822   -10.049 1.00 18.66 ? 122 ARG A C   1 
ATOM   945  O O   . ARG A 1 122 ? 4.589   9.609   -9.798  1.00 14.02 ? 122 ARG A O   1 
ATOM   946  C CB  . ARG A 1 122 ? 7.325   10.340  -10.790 1.00 25.04 ? 122 ARG A CB  1 
ATOM   947  C CG  . ARG A 1 122 ? 8.072   10.938  -11.975 1.00 33.99 ? 122 ARG A CG  1 
ATOM   948  C CD  . ARG A 1 122 ? 9.030   12.024  -11.494 1.00 41.45 ? 122 ARG A CD  1 
ATOM   949  N NE  . ARG A 1 122 ? 8.308   13.293  -11.364 1.00 42.06 ? 122 ARG A NE  1 
ATOM   950  C CZ  . ARG A 1 122 ? 7.955   13.984  -12.448 1.00 38.71 ? 122 ARG A CZ  1 
ATOM   951  N NH1 . ARG A 1 122 ? 8.285   13.489  -13.634 1.00 34.10 ? 122 ARG A NH1 1 
ATOM   952  N NH2 . ARG A 1 122 ? 7.303   15.125  -12.333 1.00 33.57 ? 122 ARG A NH2 1 
ATOM   953  N N   . VAL A 1 123 ? 5.750   7.707   -9.366  1.00 16.55 ? 123 VAL A N   1 
ATOM   954  C CA  . VAL A 1 123 ? 4.917   7.339   -8.225  1.00 16.16 ? 123 VAL A CA  1 
ATOM   955  C C   . VAL A 1 123 ? 5.723   7.356   -6.926  1.00 15.97 ? 123 VAL A C   1 
ATOM   956  O O   . VAL A 1 123 ? 6.890   6.965   -6.899  1.00 12.84 ? 123 VAL A O   1 
ATOM   957  C CB  . VAL A 1 123 ? 4.259   5.959   -8.418  1.00 10.97 ? 123 VAL A CB  1 
ATOM   958  C CG1 . VAL A 1 123 ? 3.590   5.871   -9.785  1.00 12.38 ? 123 VAL A CG1 1 
ATOM   959  C CG2 . VAL A 1 123 ? 5.278   4.846   -8.260  1.00 18.94 ? 123 VAL A CG2 1 
ATOM   960  N N   . TYR A 1 124 ? 5.084   7.809   -5.861  1.00 11.61 ? 124 TYR A N   1 
ATOM   961  C CA  . TYR A 1 124 ? 5.625   7.825   -4.515  1.00 14.37 ? 124 TYR A CA  1 
ATOM   962  C C   . TYR A 1 124 ? 4.881   6.838   -3.621  1.00 13.87 ? 124 TYR A C   1 
ATOM   963  O O   . TYR A 1 124 ? 3.672   6.918   -3.467  1.00 15.02 ? 124 TYR A O   1 
ATOM   964  C CB  . TYR A 1 124 ? 5.557   9.237   -3.922  1.00 13.05 ? 124 TYR A CB  1 
ATOM   965  C CG  . TYR A 1 124 ? 6.521   10.163  -4.642  1.00 18.65 ? 124 TYR A CG  1 
ATOM   966  C CD1 . TYR A 1 124 ? 7.760   10.497  -4.115  1.00 16.95 ? 124 TYR A CD1 1 
ATOM   967  C CD2 . TYR A 1 124 ? 6.168   10.697  -5.873  1.00 14.01 ? 124 TYR A CD2 1 
ATOM   968  C CE1 . TYR A 1 124 ? 8.631   11.344  -4.793  1.00 13.10 ? 124 TYR A CE1 1 
ATOM   969  C CE2 . TYR A 1 124 ? 7.029   11.540  -6.553  1.00 14.27 ? 124 TYR A CE2 1 
ATOM   970  C CZ  . TYR A 1 124 ? 8.252   11.863  -6.010  1.00 17.73 ? 124 TYR A CZ  1 
ATOM   971  O OH  . TYR A 1 124 ? 9.092   12.707  -6.706  1.00 26.36 ? 124 TYR A OH  1 
ATOM   972  N N   . ILE A 1 125 ? 5.611   5.897   -3.031  1.00 8.23  ? 125 ILE A N   1 
ATOM   973  C CA  . ILE A 1 125 ? 4.991   4.843   -2.241  1.00 11.80 ? 125 ILE A CA  1 
ATOM   974  C C   . ILE A 1 125 ? 5.242   5.022   -0.750  1.00 17.79 ? 125 ILE A C   1 
ATOM   975  O O   . ILE A 1 125 ? 6.357   5.288   -0.296  1.00 8.52  ? 125 ILE A O   1 
ATOM   976  C CB  . ILE A 1 125 ? 5.510   3.470   -2.713  1.00 14.98 ? 125 ILE A CB  1 
ATOM   977  C CG1 . ILE A 1 125 ? 5.410   3.301   -4.234  1.00 29.11 ? 125 ILE A CG1 1 
ATOM   978  C CG2 . ILE A 1 125 ? 4.833   2.328   -1.976  1.00 11.72 ? 125 ILE A CG2 1 
ATOM   979  C CD1 . ILE A 1 125 ? 4.822   2.001   -4.726  1.00 37.36 ? 125 ILE A CD1 1 
ATOM   980  N N   . CYS A 1 126 ? 4.154   4.864   -0.003  1.00 11.00 ? 126 CYS A N   1 
ATOM   981  C CA  . CYS A 1 126 ? 4.188   4.832   1.453   1.00 12.89 ? 126 CYS A CA  1 
ATOM   982  C C   . CYS A 1 126 ? 3.195   3.797   1.953   1.00 14.21 ? 126 CYS A C   1 
ATOM   983  O O   . CYS A 1 126 ? 2.438   3.208   1.177   1.00 6.31  ? 126 CYS A O   1 
ATOM   984  C CB  . CYS A 1 126 ? 3.884   6.208   2.046   1.00 6.46  ? 126 CYS A CB  1 
ATOM   985  S SG  . CYS A 1 126 ? 2.233   6.821   1.693   1.00 12.56 ? 126 CYS A SG  1 
ATOM   986  N N   . GLY A 1 127 ? 3.169   3.515   3.256   1.00 16.42 ? 127 GLY A N   1 
ATOM   987  C CA  . GLY A 1 127 ? 2.222   2.511   3.723   1.00 15.99 ? 127 GLY A CA  1 
ATOM   988  C C   . GLY A 1 127 ? 2.860   1.339   4.452   1.00 11.29 ? 127 GLY A C   1 
ATOM   989  O O   . GLY A 1 127 ? 3.980   1.435   4.941   1.00 14.68 ? 127 GLY A O   1 
ATOM   990  N N   . VAL A 1 128 ? 2.108   0.252   4.523   1.00 15.51 ? 128 VAL A N   1 
ATOM   991  C CA  . VAL A 1 128 ? 2.439   -0.992  5.183   1.00 13.54 ? 128 VAL A CA  1 
ATOM   992  C C   . VAL A 1 128 ? 2.114   -2.217  4.333   1.00 15.00 ? 128 VAL A C   1 
ATOM   993  O O   . VAL A 1 128 ? 1.193   -2.198  3.510   1.00 16.72 ? 128 VAL A O   1 
ATOM   994  C CB  . VAL A 1 128 ? 1.681   -1.095  6.529   1.00 14.46 ? 128 VAL A CB  1 
ATOM   995  C CG1 . VAL A 1 128 ? 1.956   0.124   7.397   1.00 12.76 ? 128 VAL A CG1 1 
ATOM   996  C CG2 . VAL A 1 128 ? 0.192   -1.275  6.278   1.00 9.74  ? 128 VAL A CG2 1 
ATOM   997  N N   . ALA A 1 129 ? 2.825   -3.319  4.494   1.00 16.47 ? 129 ALA A N   1 
ATOM   998  C CA  . ALA A 1 129 ? 4.083   -3.496  5.179   1.00 11.91 ? 129 ALA A CA  1 
ATOM   999  C C   . ALA A 1 129 ? 5.224   -3.426  4.155   1.00 5.21  ? 129 ALA A C   1 
ATOM   1000 O O   . ALA A 1 129 ? 5.086   -3.919  3.045   1.00 16.95 ? 129 ALA A O   1 
ATOM   1001 C CB  . ALA A 1 129 ? 4.190   -4.826  5.911   1.00 10.46 ? 129 ALA A CB  1 
ATOM   1002 N N   . THR A 1 130 ? 6.317   -2.826  4.573   1.00 8.99  ? 130 THR A N   1 
ATOM   1003 C CA  . THR A 1 130 ? 7.492   -2.623  3.735   1.00 15.26 ? 130 THR A CA  1 
ATOM   1004 C C   . THR A 1 130 ? 7.878   -3.888  2.989   1.00 23.95 ? 130 THR A C   1 
ATOM   1005 O O   . THR A 1 130 ? 7.934   -3.928  1.764   1.00 15.61 ? 130 THR A O   1 
ATOM   1006 C CB  . THR A 1 130 ? 8.658   -2.176  4.640   1.00 22.35 ? 130 THR A CB  1 
ATOM   1007 O OG1 . THR A 1 130 ? 8.165   -1.126  5.488   1.00 14.60 ? 130 THR A OG1 1 
ATOM   1008 C CG2 . THR A 1 130 ? 9.823   -1.640  3.827   1.00 15.27 ? 130 THR A CG2 1 
ATOM   1009 N N   . GLU A 1 131 ? 8.132   -4.958  3.746   1.00 19.93 ? 131 GLU A N   1 
ATOM   1010 C CA  . GLU A 1 131 ? 8.612   -6.181  3.120   1.00 25.06 ? 131 GLU A CA  1 
ATOM   1011 C C   . GLU A 1 131 ? 7.495   -6.990  2.485   1.00 22.18 ? 131 GLU A C   1 
ATOM   1012 O O   . GLU A 1 131 ? 7.802   -8.058  1.947   1.00 22.33 ? 131 GLU A O   1 
ATOM   1013 C CB  . GLU A 1 131 ? 9.373   -7.046  4.138   1.00 27.72 ? 131 GLU A CB  1 
ATOM   1014 C CG  . GLU A 1 131 ? 8.523   -7.700  5.202   1.00 24.75 ? 131 GLU A CG  1 
ATOM   1015 C CD  . GLU A 1 131 ? 8.238   -6.786  6.380   1.00 26.62 ? 131 GLU A CD  1 
ATOM   1016 O OE1 . GLU A 1 131 ? 7.901   -5.609  6.145   1.00 29.84 ? 131 GLU A OE1 1 
ATOM   1017 O OE2 . GLU A 1 131 ? 8.354   -7.247  7.534   1.00 39.32 ? 131 GLU A OE2 1 
ATOM   1018 N N   . TYR A 1 132 ? 6.246   -6.519  2.520   1.00 14.07 ? 132 TYR A N   1 
ATOM   1019 C CA  . TYR A 1 132 ? 5.190   -7.278  1.857   1.00 21.18 ? 132 TYR A CA  1 
ATOM   1020 C C   . TYR A 1 132 ? 4.553   -6.481  0.722   1.00 22.24 ? 132 TYR A C   1 
ATOM   1021 O O   . TYR A 1 132 ? 5.083   -6.474  -0.390  1.00 26.25 ? 132 TYR A O   1 
ATOM   1022 C CB  . TYR A 1 132 ? 4.119   -7.731  2.855   1.00 23.60 ? 132 TYR A CB  1 
ATOM   1023 C CG  . TYR A 1 132 ? 4.549   -8.960  3.628   1.00 25.25 ? 132 TYR A CG  1 
ATOM   1024 C CD1 . TYR A 1 132 ? 4.832   -10.151 2.967   1.00 31.92 ? 132 TYR A CD1 1 
ATOM   1025 C CD2 . TYR A 1 132 ? 4.675   -8.928  5.006   1.00 36.07 ? 132 TYR A CD2 1 
ATOM   1026 C CE1 . TYR A 1 132 ? 5.227   -11.280 3.662   1.00 30.45 ? 132 TYR A CE1 1 
ATOM   1027 C CE2 . TYR A 1 132 ? 5.070   -10.053 5.709   1.00 39.69 ? 132 TYR A CE2 1 
ATOM   1028 C CZ  . TYR A 1 132 ? 5.344   -11.221 5.030   1.00 36.07 ? 132 TYR A CZ  1 
ATOM   1029 O OH  . TYR A 1 132 ? 5.735   -12.332 5.742   1.00 49.84 ? 132 TYR A OH  1 
ATOM   1030 N N   . CYS A 1 133 ? 3.429   -5.835  1.005   1.00 15.93 ? 133 CYS A N   1 
ATOM   1031 C CA  . CYS A 1 133 ? 2.688   -5.114  -0.031  1.00 17.88 ? 133 CYS A CA  1 
ATOM   1032 C C   . CYS A 1 133 ? 3.420   -3.867  -0.489  1.00 10.07 ? 133 CYS A C   1 
ATOM   1033 O O   . CYS A 1 133 ? 3.380   -3.486  -1.663  1.00 21.87 ? 133 CYS A O   1 
ATOM   1034 C CB  . CYS A 1 133 ? 1.296   -4.765  0.496   1.00 25.70 ? 133 CYS A CB  1 
ATOM   1035 S SG  . CYS A 1 133 ? 0.195   -6.199  0.615   1.00 34.42 ? 133 CYS A SG  1 
ATOM   1036 N N   . VAL A 1 134 ? 4.130   -3.183  0.414   1.00 7.61  ? 134 VAL A N   1 
ATOM   1037 C CA  . VAL A 1 134 ? 4.803   -1.978  -0.083  1.00 13.54 ? 134 VAL A CA  1 
ATOM   1038 C C   . VAL A 1 134 ? 5.864   -2.313  -1.126  1.00 12.21 ? 134 VAL A C   1 
ATOM   1039 O O   . VAL A 1 134 ? 5.967   -1.685  -2.175  1.00 10.36 ? 134 VAL A O   1 
ATOM   1040 C CB  . VAL A 1 134 ? 5.457   -1.184  1.056   1.00 11.22 ? 134 VAL A CB  1 
ATOM   1041 C CG1 . VAL A 1 134 ? 6.450   -0.206  0.450   1.00 7.41  ? 134 VAL A CG1 1 
ATOM   1042 C CG2 . VAL A 1 134 ? 4.373   -0.490  1.870   1.00 14.79 ? 134 VAL A CG2 1 
ATOM   1043 N N   . ARG A 1 135 ? 6.684   -3.317  -0.862  1.00 18.41 ? 135 ARG A N   1 
ATOM   1044 C CA  . ARG A 1 135 ? 7.717   -3.759  -1.798  1.00 12.49 ? 135 ARG A CA  1 
ATOM   1045 C C   . ARG A 1 135 ? 7.135   -4.310  -3.090  1.00 14.15 ? 135 ARG A C   1 
ATOM   1046 O O   . ARG A 1 135 ? 7.609   -3.996  -4.186  1.00 16.97 ? 135 ARG A O   1 
ATOM   1047 C CB  . ARG A 1 135 ? 8.565   -4.836  -1.113  1.00 14.90 ? 135 ARG A CB  1 
ATOM   1048 C CG  . ARG A 1 135 ? 9.418   -5.646  -2.082  1.00 27.87 ? 135 ARG A CG  1 
ATOM   1049 C CD  . ARG A 1 135 ? 9.328   -7.129  -1.730  1.00 38.54 ? 135 ARG A CD  1 
ATOM   1050 N NE  . ARG A 1 135 ? 10.267  -7.889  -2.545  1.00 44.43 ? 135 ARG A NE  1 
ATOM   1051 C CZ  . ARG A 1 135 ? 9.937   -8.734  -3.508  1.00 46.03 ? 135 ARG A CZ  1 
ATOM   1052 N NH1 . ARG A 1 135 ? 8.662   -8.955  -3.805  1.00 43.70 ? 135 ARG A NH1 1 
ATOM   1053 N NH2 . ARG A 1 135 ? 10.890  -9.366  -4.182  1.00 38.36 ? 135 ARG A NH2 1 
ATOM   1054 N N   . ALA A 1 136 ? 6.103   -5.146  -2.948  1.00 11.19 ? 136 ALA A N   1 
ATOM   1055 C CA  . ALA A 1 136 ? 5.454   -5.725  -4.121  1.00 9.74  ? 136 ALA A CA  1 
ATOM   1056 C C   . ALA A 1 136 ? 4.891   -4.639  -5.030  1.00 15.69 ? 136 ALA A C   1 
ATOM   1057 O O   . ALA A 1 136 ? 5.097   -4.639  -6.244  1.00 12.38 ? 136 ALA A O   1 
ATOM   1058 C CB  . ALA A 1 136 ? 4.363   -6.683  -3.682  1.00 16.56 ? 136 ALA A CB  1 
ATOM   1059 N N   . THR A 1 137 ? 4.169   -3.693  -4.440  1.00 13.87 ? 137 THR A N   1 
ATOM   1060 C CA  . THR A 1 137 ? 3.641   -2.556  -5.185  1.00 13.37 ? 137 THR A CA  1 
ATOM   1061 C C   . THR A 1 137 ? 4.755   -1.712  -5.794  1.00 15.66 ? 137 THR A C   1 
ATOM   1062 O O   . THR A 1 137 ? 4.672   -1.313  -6.964  1.00 14.96 ? 137 THR A O   1 
ATOM   1063 C CB  . THR A 1 137 ? 2.754   -1.686  -4.270  1.00 17.61 ? 137 THR A CB  1 
ATOM   1064 O OG1 . THR A 1 137 ? 1.633   -2.455  -3.811  1.00 15.77 ? 137 THR A OG1 1 
ATOM   1065 C CG2 . THR A 1 137 ? 2.168   -0.499  -5.021  1.00 9.66  ? 137 THR A CG2 1 
ATOM   1066 N N   . ALA A 1 138 ? 5.816   -1.419  -5.032  1.00 11.25 ? 138 ALA A N   1 
ATOM   1067 C CA  . ALA A 1 138 ? 6.910   -0.611  -5.572  1.00 8.55  ? 138 ALA A CA  1 
ATOM   1068 C C   . ALA A 1 138 ? 7.589   -1.330  -6.735  1.00 12.21 ? 138 ALA A C   1 
ATOM   1069 O O   . ALA A 1 138 ? 7.865   -0.729  -7.772  1.00 15.26 ? 138 ALA A O   1 
ATOM   1070 C CB  . ALA A 1 138 ? 7.942   -0.282  -4.511  1.00 8.45  ? 138 ALA A CB  1 
ATOM   1071 N N   . LEU A 1 139 ? 7.854   -2.622  -6.555  1.00 10.81 ? 139 LEU A N   1 
ATOM   1072 C CA  . LEU A 1 139 ? 8.466   -3.414  -7.614  1.00 18.50 ? 139 LEU A CA  1 
ATOM   1073 C C   . LEU A 1 139 ? 7.594   -3.510  -8.863  1.00 15.54 ? 139 LEU A C   1 
ATOM   1074 O O   . LEU A 1 139 ? 8.143   -3.522  -9.972  1.00 12.76 ? 139 LEU A O   1 
ATOM   1075 C CB  . LEU A 1 139 ? 8.781   -4.815  -7.086  1.00 20.67 ? 139 LEU A CB  1 
ATOM   1076 C CG  . LEU A 1 139 ? 10.020  -4.918  -6.196  1.00 14.65 ? 139 LEU A CG  1 
ATOM   1077 C CD1 . LEU A 1 139 ? 10.332  -6.384  -5.924  1.00 22.17 ? 139 LEU A CD1 1 
ATOM   1078 C CD2 . LEU A 1 139 ? 11.216  -4.209  -6.820  1.00 17.13 ? 139 LEU A CD2 1 
ATOM   1079 N N   . ASP A 1 140 ? 6.275   -3.579  -8.704  1.00 11.77 ? 140 ASP A N   1 
ATOM   1080 C CA  . ASP A 1 140 ? 5.382   -3.625  -9.863  1.00 15.54 ? 140 ASP A CA  1 
ATOM   1081 C C   . ASP A 1 140 ? 5.295   -2.270  -10.559 1.00 18.03 ? 140 ASP A C   1 
ATOM   1082 O O   . ASP A 1 140 ? 5.173   -2.211  -11.787 1.00 14.16 ? 140 ASP A O   1 
ATOM   1083 C CB  . ASP A 1 140 ? 3.986   -4.098  -9.465  1.00 18.00 ? 140 ASP A CB  1 
ATOM   1084 C CG  . ASP A 1 140 ? 3.848   -5.609  -9.491  1.00 22.02 ? 140 ASP A CG  1 
ATOM   1085 O OD1 . ASP A 1 140 ? 4.787   -6.299  -9.951  1.00 20.97 ? 140 ASP A OD1 1 
ATOM   1086 O OD2 . ASP A 1 140 ? 2.783   -6.094  -9.060  1.00 28.43 ? 140 ASP A OD2 1 
ATOM   1087 N N   . ALA A 1 141 ? 5.366   -1.191  -9.785  1.00 10.86 ? 141 ALA A N   1 
ATOM   1088 C CA  . ALA A 1 141 ? 5.403   0.152   -10.357 1.00 11.94 ? 141 ALA A CA  1 
ATOM   1089 C C   . ALA A 1 141 ? 6.606   0.296   -11.295 1.00 15.26 ? 141 ALA A C   1 
ATOM   1090 O O   . ALA A 1 141 ? 6.470   0.813   -12.404 1.00 18.23 ? 141 ALA A O   1 
ATOM   1091 C CB  . ALA A 1 141 ? 5.454   1.215   -9.271  1.00 6.71  ? 141 ALA A CB  1 
ATOM   1092 N N   . LEU A 1 142 ? 7.747   -0.170  -10.823 1.00 13.40 ? 142 LEU A N   1 
ATOM   1093 C CA  . LEU A 1 142 ? 8.984   -0.283  -11.585 1.00 22.67 ? 142 LEU A CA  1 
ATOM   1094 C C   . LEU A 1 142 ? 8.817   -1.104  -12.866 1.00 30.94 ? 142 LEU A C   1 
ATOM   1095 O O   . LEU A 1 142 ? 9.260   -0.672  -13.941 1.00 29.67 ? 142 LEU A O   1 
ATOM   1096 C CB  . LEU A 1 142 ? 10.071  -0.910  -10.711 1.00 20.65 ? 142 LEU A CB  1 
ATOM   1097 C CG  . LEU A 1 142 ? 11.530  -0.694  -11.096 1.00 26.72 ? 142 LEU A CG  1 
ATOM   1098 C CD1 . LEU A 1 142 ? 11.925  0.763   -10.906 1.00 31.92 ? 142 LEU A CD1 1 
ATOM   1099 C CD2 . LEU A 1 142 ? 12.449  -1.603  -10.287 1.00 26.44 ? 142 LEU A CD2 1 
ATOM   1100 N N   . LYS A 1 143 ? 8.202   -2.278  -12.788 1.00 21.63 ? 143 LYS A N   1 
ATOM   1101 C CA  . LYS A 1 143 ? 7.932   -3.107  -13.953 1.00 24.04 ? 143 LYS A CA  1 
ATOM   1102 C C   . LYS A 1 143 ? 7.300   -2.295  -15.089 1.00 27.18 ? 143 LYS A C   1 
ATOM   1103 O O   . LYS A 1 143 ? 7.781   -2.333  -16.219 1.00 22.65 ? 143 LYS A O   1 
ATOM   1104 C CB  . LYS A 1 143 ? 6.977   -4.261  -13.621 1.00 18.22 ? 143 LYS A CB  1 
ATOM   1105 C CG  . LYS A 1 143 ? 7.619   -5.623  -13.483 1.00 28.16 ? 143 LYS A CG  1 
ATOM   1106 C CD  . LYS A 1 143 ? 6.611   -6.700  -13.124 1.00 27.91 ? 143 LYS A CD  1 
ATOM   1107 C CE  . LYS A 1 143 ? 5.189   -6.157  -13.165 1.00 34.06 ? 143 LYS A CE  1 
ATOM   1108 N NZ  . LYS A 1 143 ? 4.213   -7.169  -12.656 1.00 25.98 ? 143 LYS A NZ  1 
ATOM   1109 N N   . HIS A 1 144 ? 6.230   -1.579  -14.762 1.00 17.55 ? 144 HIS A N   1 
ATOM   1110 C CA  . HIS A 1 144 ? 5.425   -0.848  -15.733 1.00 19.61 ? 144 HIS A CA  1 
ATOM   1111 C C   . HIS A 1 144 ? 6.056   0.443   -16.240 1.00 19.50 ? 144 HIS A C   1 
ATOM   1112 O O   . HIS A 1 144 ? 5.376   1.179   -16.957 1.00 20.53 ? 144 HIS A O   1 
ATOM   1113 C CB  . HIS A 1 144 ? 4.053   -0.542  -15.108 1.00 17.93 ? 144 HIS A CB  1 
ATOM   1114 C CG  . HIS A 1 144 ? 3.244   -1.783  -14.883 1.00 16.80 ? 144 HIS A CG  1 
ATOM   1115 N ND1 . HIS A 1 144 ? 2.681   -2.494  -15.917 1.00 22.78 ? 144 HIS A ND1 1 
ATOM   1116 C CD2 . HIS A 1 144 ? 2.915   -2.461  -13.760 1.00 10.40 ? 144 HIS A CD2 1 
ATOM   1117 C CE1 . HIS A 1 144 ? 2.037   -3.540  -15.448 1.00 26.25 ? 144 HIS A CE1 1 
ATOM   1118 N NE2 . HIS A 1 144 ? 2.163   -3.543  -14.127 1.00 24.30 ? 144 HIS A NE2 1 
ATOM   1119 N N   . GLY A 1 145 ? 7.304   0.728   -15.890 1.00 19.95 ? 145 GLY A N   1 
ATOM   1120 C CA  . GLY A 1 145 ? 8.071   1.863   -16.363 1.00 20.82 ? 145 GLY A CA  1 
ATOM   1121 C C   . GLY A 1 145 ? 7.886   3.142   -15.590 1.00 26.47 ? 145 GLY A C   1 
ATOM   1122 O O   . GLY A 1 145 ? 8.327   4.240   -15.947 1.00 25.50 ? 145 GLY A O   1 
ATOM   1123 N N   . PHE A 1 146 ? 7.212   3.085   -14.436 1.00 25.12 ? 146 PHE A N   1 
ATOM   1124 C CA  . PHE A 1 146 ? 7.113   4.332   -13.683 1.00 17.34 ? 146 PHE A CA  1 
ATOM   1125 C C   . PHE A 1 146 ? 8.419   4.636   -12.977 1.00 14.79 ? 146 PHE A C   1 
ATOM   1126 O O   . PHE A 1 146 ? 9.120   3.702   -12.600 1.00 28.82 ? 146 PHE A O   1 
ATOM   1127 C CB  . PHE A 1 146 ? 6.004   4.239   -12.642 1.00 16.52 ? 146 PHE A CB  1 
ATOM   1128 C CG  . PHE A 1 146 ? 4.627   4.037   -13.246 1.00 11.76 ? 146 PHE A CG  1 
ATOM   1129 C CD1 . PHE A 1 146 ? 3.975   5.115   -13.830 1.00 16.56 ? 146 PHE A CD1 1 
ATOM   1130 C CD2 . PHE A 1 146 ? 4.019   2.798   -13.211 1.00 12.09 ? 146 PHE A CD2 1 
ATOM   1131 C CE1 . PHE A 1 146 ? 2.715   4.948   -14.371 1.00 10.71 ? 146 PHE A CE1 1 
ATOM   1132 C CE2 . PHE A 1 146 ? 2.760   2.629   -13.764 1.00 11.15 ? 146 PHE A CE2 1 
ATOM   1133 C CZ  . PHE A 1 146 ? 2.121   3.697   -14.347 1.00 8.90  ? 146 PHE A CZ  1 
ATOM   1134 N N   . GLU A 1 147 ? 8.718   5.915   -12.795 1.00 19.10 ? 147 GLU A N   1 
ATOM   1135 C CA  . GLU A 1 147 ? 9.819   6.328   -11.917 1.00 17.60 ? 147 GLU A CA  1 
ATOM   1136 C C   . GLU A 1 147 ? 9.340   6.122   -10.488 1.00 18.36 ? 147 GLU A C   1 
ATOM   1137 O O   . GLU A 1 147 ? 8.335   6.730   -10.114 1.00 29.49 ? 147 GLU A O   1 
ATOM   1138 C CB  . GLU A 1 147 ? 10.173  7.775   -12.179 1.00 23.17 ? 147 GLU A CB  1 
ATOM   1139 C CG  . GLU A 1 147 ? 11.514  8.313   -11.751 1.00 30.40 ? 147 GLU A CG  1 
ATOM   1140 C CD  . GLU A 1 147 ? 11.639  9.787   -12.107 1.00 41.51 ? 147 GLU A CD  1 
ATOM   1141 O OE1 . GLU A 1 147 ? 12.392  10.528  -11.452 1.00 45.74 ? 147 GLU A OE1 1 
ATOM   1142 O OE2 . GLU A 1 147 ? 10.955  10.209  -13.068 1.00 65.44 ? 147 GLU A OE2 1 
ATOM   1143 N N   . VAL A 1 148 ? 9.997   5.289   -9.699  1.00 13.22 ? 148 VAL A N   1 
ATOM   1144 C CA  . VAL A 1 148 ? 9.435   4.977   -8.390  1.00 15.40 ? 148 VAL A CA  1 
ATOM   1145 C C   . VAL A 1 148 ? 10.296  5.488   -7.246  1.00 18.27 ? 148 VAL A C   1 
ATOM   1146 O O   . VAL A 1 148 ? 11.509  5.309   -7.209  1.00 16.36 ? 148 VAL A O   1 
ATOM   1147 C CB  . VAL A 1 148 ? 9.220   3.456   -8.261  1.00 15.54 ? 148 VAL A CB  1 
ATOM   1148 C CG1 . VAL A 1 148 ? 8.301   3.149   -7.097  1.00 25.44 ? 148 VAL A CG1 1 
ATOM   1149 C CG2 . VAL A 1 148 ? 8.669   2.893   -9.569  1.00 11.15 ? 148 VAL A CG2 1 
ATOM   1150 N N   . TYR A 1 149 ? 9.641   6.144   -6.298  1.00 12.63 ? 149 TYR A N   1 
ATOM   1151 C CA  . TYR A 1 149 ? 10.258  6.626   -5.076  1.00 12.68 ? 149 TYR A CA  1 
ATOM   1152 C C   . TYR A 1 149 ? 9.625   5.966   -3.861  1.00 16.11 ? 149 TYR A C   1 
ATOM   1153 O O   . TYR A 1 149 ? 8.428   5.679   -3.864  1.00 17.34 ? 149 TYR A O   1 
ATOM   1154 C CB  . TYR A 1 149 ? 10.120  8.151   -4.937  1.00 16.99 ? 149 TYR A CB  1 
ATOM   1155 C CG  . TYR A 1 149 ? 10.797  8.864   -6.095  1.00 18.02 ? 149 TYR A CG  1 
ATOM   1156 C CD1 . TYR A 1 149 ? 12.080  9.361   -5.933  1.00 22.64 ? 149 TYR A CD1 1 
ATOM   1157 C CD2 . TYR A 1 149 ? 10.164  9.017   -7.320  1.00 19.19 ? 149 TYR A CD2 1 
ATOM   1158 C CE1 . TYR A 1 149 ? 12.723  10.012  -6.971  1.00 26.01 ? 149 TYR A CE1 1 
ATOM   1159 C CE2 . TYR A 1 149 ? 10.797  9.665   -8.364  1.00 28.38 ? 149 TYR A CE2 1 
ATOM   1160 C CZ  . TYR A 1 149 ? 12.070  10.154  -8.176  1.00 28.72 ? 149 TYR A CZ  1 
ATOM   1161 O OH  . TYR A 1 149 ? 12.726  10.799  -9.195  1.00 30.76 ? 149 TYR A OH  1 
ATOM   1162 N N   . LEU A 1 150 ? 10.430  5.734   -2.829  1.00 14.81 ? 150 LEU A N   1 
ATOM   1163 C CA  . LEU A 1 150 ? 9.931   5.149   -1.584  1.00 13.18 ? 150 LEU A CA  1 
ATOM   1164 C C   . LEU A 1 150 ? 10.022  6.202   -0.483  1.00 7.39  ? 150 LEU A C   1 
ATOM   1165 O O   . LEU A 1 150 ? 11.098  6.747   -0.258  1.00 13.27 ? 150 LEU A O   1 
ATOM   1166 C CB  . LEU A 1 150 ? 10.747  3.912   -1.239  1.00 22.53 ? 150 LEU A CB  1 
ATOM   1167 C CG  . LEU A 1 150 ? 10.311  2.920   -0.168  1.00 22.29 ? 150 LEU A CG  1 
ATOM   1168 C CD1 . LEU A 1 150 ? 10.520  3.459   1.245   1.00 12.80 ? 150 LEU A CD1 1 
ATOM   1169 C CD2 . LEU A 1 150 ? 8.857   2.523   -0.386  1.00 41.93 ? 150 LEU A CD2 1 
ATOM   1170 N N   . LEU A 1 151 ? 8.926   6.456   0.227   1.00 7.07  ? 151 LEU A N   1 
ATOM   1171 C CA  . LEU A 1 151 ? 8.979   7.489   1.279   1.00 6.78  ? 151 LEU A CA  1 
ATOM   1172 C C   . LEU A 1 151 ? 9.431   6.824   2.574   1.00 12.84 ? 151 LEU A C   1 
ATOM   1173 O O   . LEU A 1 151 ? 8.642   6.148   3.230   1.00 13.84 ? 151 LEU A O   1 
ATOM   1174 C CB  . LEU A 1 151 ? 7.631   8.188   1.370   1.00 7.09  ? 151 LEU A CB  1 
ATOM   1175 C CG  . LEU A 1 151 ? 7.193   8.932   0.102   1.00 10.87 ? 151 LEU A CG  1 
ATOM   1176 C CD1 . LEU A 1 151 ? 5.761   9.435   0.203   1.00 12.55 ? 151 LEU A CD1 1 
ATOM   1177 C CD2 . LEU A 1 151 ? 8.143   10.096  -0.166  1.00 10.15 ? 151 LEU A CD2 1 
ATOM   1178 N N   . ARG A 1 152 ? 10.709  7.000   2.899   1.00 16.80 ? 152 ARG A N   1 
ATOM   1179 C CA  . ARG A 1 152 ? 11.410  6.303   3.962   1.00 18.12 ? 152 ARG A CA  1 
ATOM   1180 C C   . ARG A 1 152 ? 10.739  6.439   5.321   1.00 18.29 ? 152 ARG A C   1 
ATOM   1181 O O   . ARG A 1 152 ? 10.697  5.464   6.071   1.00 16.21 ? 152 ARG A O   1 
ATOM   1182 C CB  . ARG A 1 152 ? 12.858  6.810   4.094   1.00 31.13 ? 152 ARG A CB  1 
ATOM   1183 C CG  . ARG A 1 152 ? 13.816  5.771   4.666   1.00 40.80 ? 152 ARG A CG  1 
ATOM   1184 C CD  . ARG A 1 152 ? 15.258  6.275   4.637   1.00 52.23 ? 152 ARG A CD  1 
ATOM   1185 N NE  . ARG A 1 152 ? 15.780  6.462   5.984   1.00 64.43 ? 152 ARG A NE  1 
ATOM   1186 C CZ  . ARG A 1 152 ? 17.042  6.434   6.382   1.00 67.98 ? 152 ARG A CZ  1 
ATOM   1187 N NH1 . ARG A 1 152 ? 18.035  6.216   5.521   1.00 66.93 ? 152 ARG A NH1 1 
ATOM   1188 N NH2 . ARG A 1 152 ? 17.331  6.626   7.669   1.00 60.37 ? 152 ARG A NH2 1 
ATOM   1189 N N   . ASP A 1 153 ? 10.242  7.633   5.628   1.00 17.08 ? 153 ASP A N   1 
ATOM   1190 C CA  . ASP A 1 153 ? 9.659   7.922   6.928   1.00 19.56 ? 153 ASP A CA  1 
ATOM   1191 C C   . ASP A 1 153 ? 8.153   7.679   6.905   1.00 22.64 ? 153 ASP A C   1 
ATOM   1192 O O   . ASP A 1 153 ? 7.462   8.027   7.860   1.00 16.80 ? 153 ASP A O   1 
ATOM   1193 C CB  . ASP A 1 153 ? 9.968   9.360   7.380   1.00 16.24 ? 153 ASP A CB  1 
ATOM   1194 C CG  . ASP A 1 153 ? 9.435   10.397  6.418   1.00 23.74 ? 153 ASP A CG  1 
ATOM   1195 O OD1 . ASP A 1 153 ? 9.192   10.033  5.249   1.00 22.85 ? 153 ASP A OD1 1 
ATOM   1196 O OD2 . ASP A 1 153 ? 9.259   11.574  6.805   1.00 24.60 ? 153 ASP A OD2 1 
ATOM   1197 N N   . ALA A 1 154 ? 7.628   7.070   5.843   1.00 12.96 ? 154 ALA A N   1 
ATOM   1198 C CA  . ALA A 1 154 ? 6.190   6.790   5.839   1.00 12.70 ? 154 ALA A CA  1 
ATOM   1199 C C   . ALA A 1 154 ? 5.910   5.353   5.417   1.00 12.75 ? 154 ALA A C   1 
ATOM   1200 O O   . ALA A 1 154 ? 4.870   5.061   4.841   1.00 15.87 ? 154 ALA A O   1 
ATOM   1201 C CB  . ALA A 1 154 ? 5.445   7.738   4.909   1.00 11.10 ? 154 ALA A CB  1 
ATOM   1202 N N   . VAL A 1 155 ? 6.846   4.453   5.695   1.00 13.89 ? 155 VAL A N   1 
ATOM   1203 C CA  . VAL A 1 155 ? 6.675   3.037   5.498   1.00 10.71 ? 155 VAL A CA  1 
ATOM   1204 C C   . VAL A 1 155 ? 7.017   2.305   6.797   1.00 19.71 ? 155 VAL A C   1 
ATOM   1205 O O   . VAL A 1 155 ? 7.797   2.835   7.588   1.00 18.24 ? 155 VAL A O   1 
ATOM   1206 C CB  . VAL A 1 155 ? 7.563   2.461   4.380   1.00 12.26 ? 155 VAL A CB  1 
ATOM   1207 C CG1 . VAL A 1 155 ? 7.151   3.025   3.032   1.00 11.89 ? 155 VAL A CG1 1 
ATOM   1208 C CG2 . VAL A 1 155 ? 9.028   2.736   4.688   1.00 13.43 ? 155 VAL A CG2 1 
ATOM   1209 N N   . LYS A 1 156 ? 6.430   1.132   6.971   1.00 11.26 ? 156 LYS A N   1 
ATOM   1210 C CA  . LYS A 1 156 ? 6.715   0.337   8.167   1.00 18.43 ? 156 LYS A CA  1 
ATOM   1211 C C   . LYS A 1 156 ? 6.480   -1.145  7.888   1.00 21.37 ? 156 LYS A C   1 
ATOM   1212 O O   . LYS A 1 156 ? 5.521   -1.517  7.206   1.00 14.64 ? 156 LYS A O   1 
ATOM   1213 C CB  . LYS A 1 156 ? 5.870   0.805   9.351   1.00 29.10 ? 156 LYS A CB  1 
ATOM   1214 C CG  . LYS A 1 156 ? 6.272   0.155   10.668  1.00 30.30 ? 156 LYS A CG  1 
ATOM   1215 C CD  . LYS A 1 156 ? 6.499   1.208   11.743  1.00 42.02 ? 156 LYS A CD  1 
ATOM   1216 C CE  . LYS A 1 156 ? 7.950   1.650   11.821  1.00 46.28 ? 156 LYS A CE  1 
ATOM   1217 N NZ  . LYS A 1 156 ? 8.056   2.996   12.473  1.00 45.11 ? 156 LYS A NZ  1 
ATOM   1218 N N   . GLY A 1 157 ? 7.378   -1.975  8.412   1.00 20.17 ? 157 GLY A N   1 
ATOM   1219 C CA  . GLY A 1 157 ? 7.331   -3.413  8.201   1.00 19.34 ? 157 GLY A CA  1 
ATOM   1220 C C   . GLY A 1 157 ? 7.222   -4.176  9.513   1.00 30.34 ? 157 GLY A C   1 
ATOM   1221 O O   . GLY A 1 157 ? 7.118   -3.579  10.587  1.00 21.95 ? 157 GLY A O   1 
ATOM   1222 N N   . ILE A 1 158 ? 7.256   -5.503  9.415   1.00 24.43 ? 158 ILE A N   1 
ATOM   1223 C CA  . ILE A 1 158 ? 6.983   -6.354  10.565  1.00 34.92 ? 158 ILE A CA  1 
ATOM   1224 C C   . ILE A 1 158 ? 8.248   -6.767  11.299  1.00 37.33 ? 158 ILE A C   1 
ATOM   1225 O O   . ILE A 1 158 ? 8.235   -6.736  12.537  1.00 40.67 ? 158 ILE A O   1 
ATOM   1226 C CB  . ILE A 1 158 ? 6.161   -7.584  10.134  1.00 41.41 ? 158 ILE A CB  1 
ATOM   1227 C CG1 . ILE A 1 158 ? 4.796   -7.217  9.537   1.00 37.17 ? 158 ILE A CG1 1 
ATOM   1228 C CG2 . ILE A 1 158 ? 6.006   -8.553  11.291  1.00 32.31 ? 158 ILE A CG2 1 
ATOM   1229 C CD1 . ILE A 1 158 ? 4.164   -8.363  8.758   1.00 35.20 ? 158 ILE A CD1 1 
ATOM   1230 N N   . LYS A 1 159 ? 9.334   -7.126  10.618  1.00 33.08 ? 159 LYS A N   1 
ATOM   1231 C CA  . LYS A 1 159 ? 10.590  -7.367  11.333  1.00 33.75 ? 159 LYS A CA  1 
ATOM   1232 C C   . LYS A 1 159 ? 11.750  -6.652  10.628  1.00 32.56 ? 159 LYS A C   1 
ATOM   1233 O O   . LYS A 1 159 ? 11.954  -6.811  9.430   1.00 26.38 ? 159 LYS A O   1 
ATOM   1234 C CB  . LYS A 1 159 ? 10.930  -8.844  11.492  1.00 38.79 ? 159 LYS A CB  1 
ATOM   1235 C CG  . LYS A 1 159 ? 10.284  -9.802  10.514  1.00 44.51 ? 159 LYS A CG  1 
ATOM   1236 C CD  . LYS A 1 159 ? 10.243  -11.215 11.090  1.00 47.38 ? 159 LYS A CD  1 
ATOM   1237 C CE  . LYS A 1 159 ? 8.816   -11.718 11.195  1.00 50.75 ? 159 LYS A CE  1 
ATOM   1238 N NZ  . LYS A 1 159 ? 8.642   -13.080 10.624  1.00 60.33 ? 159 LYS A NZ  1 
ATOM   1239 N N   . PRO A 1 160 ? 12.464  -5.879  11.437  1.00 36.66 ? 160 PRO A N   1 
ATOM   1240 C CA  . PRO A 1 160 ? 13.527  -4.976  11.029  1.00 37.43 ? 160 PRO A CA  1 
ATOM   1241 C C   . PRO A 1 160 ? 14.478  -5.543  9.982   1.00 37.76 ? 160 PRO A C   1 
ATOM   1242 O O   . PRO A 1 160 ? 14.878  -4.823  9.061   1.00 31.23 ? 160 PRO A O   1 
ATOM   1243 C CB  . PRO A 1 160 ? 14.332  -4.783  12.325  1.00 42.88 ? 160 PRO A CB  1 
ATOM   1244 C CG  . PRO A 1 160 ? 13.334  -4.954  13.413  1.00 43.28 ? 160 PRO A CG  1 
ATOM   1245 C CD  . PRO A 1 160 ? 12.251  -5.849  12.901  1.00 39.54 ? 160 PRO A CD  1 
ATOM   1246 N N   . GLU A 1 161 ? 14.839  -6.814  10.150  1.00 30.48 ? 161 GLU A N   1 
ATOM   1247 C CA  . GLU A 1 161 ? 15.843  -7.402  9.267   1.00 32.60 ? 161 GLU A CA  1 
ATOM   1248 C C   . GLU A 1 161 ? 15.255  -7.633  7.876   1.00 29.08 ? 161 GLU A C   1 
ATOM   1249 O O   . GLU A 1 161 ? 15.993  -7.568  6.893   1.00 46.32 ? 161 GLU A O   1 
ATOM   1250 C CB  . GLU A 1 161 ? 16.387  -8.698  9.864   1.00 46.61 ? 161 GLU A CB  1 
ATOM   1251 C CG  . GLU A 1 161 ? 16.508  -8.656  11.379  1.00 58.51 ? 161 GLU A CG  1 
ATOM   1252 C CD  . GLU A 1 161 ? 17.818  -8.081  11.873  1.00 67.24 ? 161 GLU A CD  1 
ATOM   1253 O OE1 . GLU A 1 161 ? 17.807  -7.002  12.513  1.00 81.86 ? 161 GLU A OE1 1 
ATOM   1254 O OE2 . GLU A 1 161 ? 18.870  -8.707  11.629  1.00 75.00 ? 161 GLU A OE2 1 
ATOM   1255 N N   . ASP A 1 162 ? 13.959  -7.883  7.838   1.00 22.12 ? 162 ASP A N   1 
ATOM   1256 C CA  . ASP A 1 162 ? 13.175  -8.105  6.635   1.00 23.89 ? 162 ASP A CA  1 
ATOM   1257 C C   . ASP A 1 162 ? 12.923  -6.777  5.922   1.00 30.32 ? 162 ASP A C   1 
ATOM   1258 O O   . ASP A 1 162 ? 13.008  -6.691  4.701   1.00 38.16 ? 162 ASP A O   1 
ATOM   1259 C CB  . ASP A 1 162 ? 11.841  -8.772  6.957   1.00 33.55 ? 162 ASP A CB  1 
ATOM   1260 C CG  . ASP A 1 162 ? 11.958  -10.276 7.125   1.00 43.24 ? 162 ASP A CG  1 
ATOM   1261 O OD1 . ASP A 1 162 ? 11.045  -10.876 7.733   1.00 52.23 ? 162 ASP A OD1 1 
ATOM   1262 O OD2 . ASP A 1 162 ? 12.963  -10.849 6.647   1.00 51.27 ? 162 ASP A OD2 1 
ATOM   1263 N N   . GLU A 1 163 ? 12.624  -5.790  6.745   1.00 31.72 ? 163 GLU A N   1 
ATOM   1264 C CA  . GLU A 1 163 ? 12.524  -4.387  6.405   1.00 27.64 ? 163 GLU A CA  1 
ATOM   1265 C C   . GLU A 1 163 ? 13.788  -3.931  5.677   1.00 26.36 ? 163 GLU A C   1 
ATOM   1266 O O   . GLU A 1 163 ? 13.719  -3.501  4.530   1.00 23.89 ? 163 GLU A O   1 
ATOM   1267 C CB  . GLU A 1 163 ? 12.328  -3.542  7.663   1.00 28.83 ? 163 GLU A CB  1 
ATOM   1268 C CG  . GLU A 1 163 ? 10.893  -3.166  7.977   1.00 39.18 ? 163 GLU A CG  1 
ATOM   1269 C CD  . GLU A 1 163 ? 10.699  -2.719  9.414   1.00 39.92 ? 163 GLU A CD  1 
ATOM   1270 O OE1 . GLU A 1 163 ? 11.431  -3.186  10.312  1.00 38.41 ? 163 GLU A OE1 1 
ATOM   1271 O OE2 . GLU A 1 163 ? 9.802   -1.889  9.672   1.00 46.28 ? 163 GLU A OE2 1 
ATOM   1272 N N   . GLU A 1 164 ? 14.935  -4.024  6.346   1.00 27.15 ? 164 GLU A N   1 
ATOM   1273 C CA  . GLU A 1 164 ? 16.202  -3.591  5.787   1.00 22.84 ? 164 GLU A CA  1 
ATOM   1274 C C   . GLU A 1 164 ? 16.471  -4.249  4.432   1.00 19.37 ? 164 GLU A C   1 
ATOM   1275 O O   . GLU A 1 164 ? 16.860  -3.579  3.483   1.00 22.01 ? 164 GLU A O   1 
ATOM   1276 C CB  . GLU A 1 164 ? 17.386  -3.938  6.683   1.00 37.38 ? 164 GLU A CB  1 
ATOM   1277 C CG  . GLU A 1 164 ? 17.257  -3.663  8.161   1.00 50.29 ? 164 GLU A CG  1 
ATOM   1278 C CD  . GLU A 1 164 ? 18.104  -4.630  8.972   1.00 62.86 ? 164 GLU A CD  1 
ATOM   1279 O OE1 . GLU A 1 164 ? 17.548  -5.293  9.865   1.00 77.13 ? 164 GLU A OE1 1 
ATOM   1280 O OE2 . GLU A 1 164 ? 19.320  -4.713  8.687   1.00 83.28 ? 164 GLU A OE2 1 
ATOM   1281 N N   . ARG A 1 165 ? 16.274  -5.560  4.412   1.00 24.67 ? 165 ARG A N   1 
ATOM   1282 C CA  . ARG A 1 165 ? 16.391  -6.425  3.257   1.00 30.80 ? 165 ARG A CA  1 
ATOM   1283 C C   . ARG A 1 165 ? 15.595  -5.883  2.065   1.00 26.68 ? 165 ARG A C   1 
ATOM   1284 O O   . ARG A 1 165 ? 16.139  -5.699  0.973   1.00 17.80 ? 165 ARG A O   1 
ATOM   1285 C CB  . ARG A 1 165 ? 15.882  -7.825  3.614   1.00 47.18 ? 165 ARG A CB  1 
ATOM   1286 C CG  . ARG A 1 165 ? 16.947  -8.891  3.776   1.00 61.15 ? 165 ARG A CG  1 
ATOM   1287 C CD  . ARG A 1 165 ? 18.101  -8.427  4.649   1.00 68.99 ? 165 ARG A CD  1 
ATOM   1288 N NE  . ARG A 1 165 ? 18.723  -9.537  5.373   1.00 73.22 ? 165 ARG A NE  1 
ATOM   1289 C CZ  . ARG A 1 165 ? 19.403  -9.377  6.504   1.00 72.89 ? 165 ARG A CZ  1 
ATOM   1290 N NH1 . ARG A 1 165 ? 19.542  -8.158  7.011   1.00 62.31 ? 165 ARG A NH1 1 
ATOM   1291 N NH2 . ARG A 1 165 ? 19.948  -10.421 7.115   1.00 81.19 ? 165 ARG A NH2 1 
ATOM   1292 N N   . ALA A 1 166 ? 14.309  -5.659  2.302   1.00 15.43 ? 166 ALA A N   1 
ATOM   1293 C CA  . ALA A 1 166 ? 13.379  -5.128  1.314   1.00 18.71 ? 166 ALA A CA  1 
ATOM   1294 C C   . ALA A 1 166 ? 13.804  -3.753  0.808   1.00 15.08 ? 166 ALA A C   1 
ATOM   1295 O O   . ALA A 1 166 ? 13.742  -3.476  -0.389  1.00 27.32 ? 166 ALA A O   1 
ATOM   1296 C CB  . ALA A 1 166 ? 11.982  -5.052  1.906   1.00 17.97 ? 166 ALA A CB  1 
ATOM   1297 N N   . LEU A 1 167 ? 14.232  -2.873  1.713   1.00 23.74 ? 167 LEU A N   1 
ATOM   1298 C CA  . LEU A 1 167 ? 14.661  -1.535  1.301   1.00 20.20 ? 167 LEU A CA  1 
ATOM   1299 C C   . LEU A 1 167 ? 15.908  -1.648  0.425   1.00 22.57 ? 167 LEU A C   1 
ATOM   1300 O O   . LEU A 1 167 ? 15.987  -1.047  -0.648  1.00 16.01 ? 167 LEU A O   1 
ATOM   1301 C CB  . LEU A 1 167 ? 14.936  -0.635  2.488   1.00 17.71 ? 167 LEU A CB  1 
ATOM   1302 C CG  . LEU A 1 167 ? 13.828  0.109   3.224   1.00 23.96 ? 167 LEU A CG  1 
ATOM   1303 C CD1 . LEU A 1 167 ? 12.726  0.600   2.296   1.00 22.48 ? 167 LEU A CD1 1 
ATOM   1304 C CD2 . LEU A 1 167 ? 13.233  -0.758  4.329   1.00 53.00 ? 167 LEU A CD2 1 
ATOM   1305 N N   . GLU A 1 168 ? 16.898  -2.427  0.875   1.00 22.10 ? 168 GLU A N   1 
ATOM   1306 C CA  . GLU A 1 168 ? 18.084  -2.658  0.056   1.00 25.39 ? 168 GLU A CA  1 
ATOM   1307 C C   . GLU A 1 168 ? 17.705  -3.228  -1.304  1.00 21.70 ? 168 GLU A C   1 
ATOM   1308 O O   . GLU A 1 168 ? 18.149  -2.740  -2.347  1.00 22.81 ? 168 GLU A O   1 
ATOM   1309 C CB  . GLU A 1 168 ? 19.066  -3.630  0.712   1.00 32.79 ? 168 GLU A CB  1 
ATOM   1310 C CG  . GLU A 1 168 ? 19.586  -3.219  2.079   1.00 41.07 ? 168 GLU A CG  1 
ATOM   1311 C CD  . GLU A 1 168 ? 20.099  -4.426  2.847   1.00 53.49 ? 168 GLU A CD  1 
ATOM   1312 O OE1 . GLU A 1 168 ? 19.941  -5.552  2.320   1.00 58.17 ? 168 GLU A OE1 1 
ATOM   1313 O OE2 . GLU A 1 168 ? 20.650  -4.253  3.953   1.00 71.84 ? 168 GLU A OE2 1 
ATOM   1314 N N   . GLU A 1 169 ? 16.881  -4.277  -1.275  1.00 23.34 ? 169 GLU A N   1 
ATOM   1315 C CA  . GLU A 1 169 ? 16.543  -4.910  -2.554  1.00 27.85 ? 169 GLU A CA  1 
ATOM   1316 C C   . GLU A 1 169 ? 15.889  -3.914  -3.502  1.00 27.19 ? 169 GLU A C   1 
ATOM   1317 O O   . GLU A 1 169 ? 16.204  -3.824  -4.692  1.00 15.70 ? 169 GLU A O   1 
ATOM   1318 C CB  . GLU A 1 169 ? 15.631  -6.109  -2.329  1.00 31.82 ? 169 GLU A CB  1 
ATOM   1319 C CG  . GLU A 1 169 ? 15.061  -6.705  -3.608  1.00 19.95 ? 169 GLU A CG  1 
ATOM   1320 C CD  . GLU A 1 169 ? 13.948  -7.694  -3.317  1.00 18.85 ? 169 GLU A CD  1 
ATOM   1321 O OE1 . GLU A 1 169 ? 13.541  -7.804  -2.141  1.00 25.67 ? 169 GLU A OE1 1 
ATOM   1322 O OE2 . GLU A 1 169 ? 13.479  -8.372  -4.254  1.00 28.88 ? 169 GLU A OE2 1 
ATOM   1323 N N   . MET A 1 170 ? 14.961  -3.136  -2.943  1.00 24.60 ? 170 MET A N   1 
ATOM   1324 C CA  . MET A 1 170 ? 14.257  -2.158  -3.770  1.00 15.65 ? 170 MET A CA  1 
ATOM   1325 C C   . MET A 1 170 ? 15.220  -1.152  -4.393  1.00 17.82 ? 170 MET A C   1 
ATOM   1326 O O   . MET A 1 170 ? 15.123  -0.842  -5.583  1.00 18.66 ? 170 MET A O   1 
ATOM   1327 C CB  . MET A 1 170 ? 13.186  -1.462  -2.931  1.00 12.35 ? 170 MET A CB  1 
ATOM   1328 C CG  . MET A 1 170 ? 11.881  -2.248  -2.847  1.00 18.19 ? 170 MET A CG  1 
ATOM   1329 S SD  . MET A 1 170 ? 10.617  -1.342  -1.940  1.00 22.81 ? 170 MET A SD  1 
ATOM   1330 C CE  . MET A 1 170 ? 11.237  -1.415  -0.264  1.00 20.36 ? 170 MET A CE  1 
ATOM   1331 N N   . LYS A 1 171 ? 16.152  -0.624  -3.607  1.00 20.86 ? 171 LYS A N   1 
ATOM   1332 C CA  . LYS A 1 171 ? 17.155  0.315   -4.096  1.00 22.17 ? 171 LYS A CA  1 
ATOM   1333 C C   . LYS A 1 171 ? 18.044  -0.299  -5.167  1.00 24.53 ? 171 LYS A C   1 
ATOM   1334 O O   . LYS A 1 171 ? 18.336  0.292   -6.205  1.00 14.79 ? 171 LYS A O   1 
ATOM   1335 C CB  . LYS A 1 171 ? 18.011  0.768   -2.908  1.00 24.79 ? 171 LYS A CB  1 
ATOM   1336 C CG  . LYS A 1 171 ? 18.798  2.045   -3.133  1.00 36.96 ? 171 LYS A CG  1 
ATOM   1337 C CD  . LYS A 1 171 ? 19.887  2.217   -2.085  1.00 44.55 ? 171 LYS A CD  1 
ATOM   1338 C CE  . LYS A 1 171 ? 19.509  3.273   -1.059  1.00 49.59 ? 171 LYS A CE  1 
ATOM   1339 N NZ  . LYS A 1 171 ? 20.686  4.095   -0.652  1.00 55.52 ? 171 LYS A NZ  1 
ATOM   1340 N N   . SER A 1 172 ? 18.517  -1.532  -4.930  1.00 15.89 ? 172 SER A N   1 
ATOM   1341 C CA  . SER A 1 172 ? 19.342  -2.161  -5.957  1.00 19.69 ? 172 SER A CA  1 
ATOM   1342 C C   . SER A 1 172 ? 18.594  -2.321  -7.276  1.00 25.47 ? 172 SER A C   1 
ATOM   1343 O O   . SER A 1 172 ? 19.230  -2.464  -8.325  1.00 26.40 ? 172 SER A O   1 
ATOM   1344 C CB  . SER A 1 172 ? 19.841  -3.524  -5.466  1.00 20.23 ? 172 SER A CB  1 
ATOM   1345 O OG  . SER A 1 172 ? 18.756  -4.433  -5.333  1.00 29.26 ? 172 SER A OG  1 
ATOM   1346 N N   . ARG A 1 173 ? 17.261  -2.304  -7.266  1.00 18.04 ? 173 ARG A N   1 
ATOM   1347 C CA  . ARG A 1 173 ? 16.528  -2.572  -8.503  1.00 24.18 ? 173 ARG A CA  1 
ATOM   1348 C C   . ARG A 1 173 ? 16.077  -1.327  -9.251  1.00 27.48 ? 173 ARG A C   1 
ATOM   1349 O O   . ARG A 1 173 ? 15.605  -1.417  -10.389 1.00 26.39 ? 173 ARG A O   1 
ATOM   1350 C CB  . ARG A 1 173 ? 15.315  -3.456  -8.185  1.00 19.45 ? 173 ARG A CB  1 
ATOM   1351 C CG  . ARG A 1 173 ? 15.717  -4.682  -7.374  1.00 33.85 ? 173 ARG A CG  1 
ATOM   1352 C CD  . ARG A 1 173 ? 15.380  -5.965  -8.121  1.00 40.85 ? 173 ARG A CD  1 
ATOM   1353 N NE  . ARG A 1 173 ? 14.102  -5.854  -8.822  1.00 51.96 ? 173 ARG A NE  1 
ATOM   1354 C CZ  . ARG A 1 173 ? 13.249  -6.856  -8.979  1.00 56.98 ? 173 ARG A CZ  1 
ATOM   1355 N NH1 . ARG A 1 173 ? 13.521  -8.063  -8.491  1.00 56.75 ? 173 ARG A NH1 1 
ATOM   1356 N NH2 . ARG A 1 173 ? 12.117  -6.637  -9.635  1.00 77.77 ? 173 ARG A NH2 1 
ATOM   1357 N N   . GLY A 1 174 ? 16.220  -0.150  -8.651  1.00 27.79 ? 174 GLY A N   1 
ATOM   1358 C CA  . GLY A 1 174 ? 15.848  1.076   -9.338  1.00 32.55 ? 174 GLY A CA  1 
ATOM   1359 C C   . GLY A 1 174 ? 14.957  1.985   -8.514  1.00 33.16 ? 174 GLY A C   1 
ATOM   1360 O O   . GLY A 1 174 ? 14.660  3.102   -8.949  1.00 25.87 ? 174 GLY A O   1 
ATOM   1361 N N   . ILE A 1 175 ? 14.524  1.538   -7.340  1.00 27.54 ? 175 ILE A N   1 
ATOM   1362 C CA  . ILE A 1 175 ? 13.621  2.320   -6.496  1.00 27.44 ? 175 ILE A CA  1 
ATOM   1363 C C   . ILE A 1 175 ? 14.376  3.348   -5.663  1.00 29.16 ? 175 ILE A C   1 
ATOM   1364 O O   . ILE A 1 175 ? 15.256  3.014   -4.874  1.00 18.87 ? 175 ILE A O   1 
ATOM   1365 C CB  . ILE A 1 175 ? 12.806  1.413   -5.556  1.00 25.96 ? 175 ILE A CB  1 
ATOM   1366 C CG1 . ILE A 1 175 ? 11.977  0.343   -6.279  1.00 24.42 ? 175 ILE A CG1 1 
ATOM   1367 C CG2 . ILE A 1 175 ? 11.909  2.215   -4.628  1.00 17.70 ? 175 ILE A CG2 1 
ATOM   1368 C CD1 . ILE A 1 175 ? 10.678  0.859   -6.841  1.00 31.69 ? 175 ILE A CD1 1 
ATOM   1369 N N   . LYS A 1 176 ? 14.019  4.621   -5.832  1.00 22.36 ? 176 LYS A N   1 
ATOM   1370 C CA  . LYS A 1 176 ? 14.678  5.693   -5.088  1.00 13.31 ? 176 LYS A CA  1 
ATOM   1371 C C   . LYS A 1 176 ? 14.063  5.853   -3.710  1.00 20.46 ? 176 LYS A C   1 
ATOM   1372 O O   . LYS A 1 176 ? 12.850  5.973   -3.506  1.00 17.82 ? 176 LYS A O   1 
ATOM   1373 C CB  . LYS A 1 176 ? 14.578  6.995   -5.886  1.00 13.25 ? 176 LYS A CB  1 
ATOM   1374 C CG  . LYS A 1 176 ? 15.330  6.982   -7.207  1.00 19.68 ? 176 LYS A CG  1 
ATOM   1375 C CD  . LYS A 1 176 ? 14.503  6.463   -8.374  1.00 25.59 ? 176 LYS A CD  1 
ATOM   1376 C CE  . LYS A 1 176 ? 15.238  6.709   -9.686  1.00 35.58 ? 176 LYS A CE  1 
ATOM   1377 N NZ  . LYS A 1 176 ? 14.692  5.905   -10.814 1.00 35.66 ? 176 LYS A NZ  1 
ATOM   1378 N N   . ILE A 1 177 ? 14.909  5.864   -2.682  1.00 16.27 ? 177 ILE A N   1 
ATOM   1379 C CA  . ILE A 1 177 ? 14.329  6.070   -1.349  1.00 15.93 ? 177 ILE A CA  1 
ATOM   1380 C C   . ILE A 1 177 ? 14.572  7.495   -0.885  1.00 23.00 ? 177 ILE A C   1 
ATOM   1381 O O   . ILE A 1 177 ? 15.715  7.940   -0.787  1.00 21.24 ? 177 ILE A O   1 
ATOM   1382 C CB  . ILE A 1 177 ? 14.919  5.038   -0.377  1.00 21.34 ? 177 ILE A CB  1 
ATOM   1383 C CG1 . ILE A 1 177 ? 14.799  3.594   -0.888  1.00 23.86 ? 177 ILE A CG1 1 
ATOM   1384 C CG2 . ILE A 1 177 ? 14.308  5.193   0.999   1.00 17.57 ? 177 ILE A CG2 1 
ATOM   1385 C CD1 . ILE A 1 177 ? 15.496  2.581   0.001   1.00 39.77 ? 177 ILE A CD1 1 
ATOM   1386 N N   . VAL A 1 178 ? 13.498  8.232   -0.604  1.00 18.32 ? 178 VAL A N   1 
ATOM   1387 C CA  . VAL A 1 178 ? 13.646  9.619   -0.184  1.00 19.12 ? 178 VAL A CA  1 
ATOM   1388 C C   . VAL A 1 178 ? 12.670  9.978   0.932   1.00 19.99 ? 178 VAL A C   1 
ATOM   1389 O O   . VAL A 1 178 ? 11.763  9.233   1.292   1.00 18.57 ? 178 VAL A O   1 
ATOM   1390 C CB  . VAL A 1 178 ? 13.411  10.593  -1.359  1.00 14.48 ? 178 VAL A CB  1 
ATOM   1391 C CG1 . VAL A 1 178 ? 14.498  10.454  -2.405  1.00 26.87 ? 178 VAL A CG1 1 
ATOM   1392 C CG2 . VAL A 1 178 ? 12.040  10.362  -1.985  1.00 13.84 ? 178 VAL A CG2 1 
ATOM   1393 N N   . GLN A 1 179 ? 12.860  11.172  1.476   1.00 15.79 ? 179 GLN A N   1 
ATOM   1394 C CA  . GLN A 1 179 ? 11.930  11.749  2.427   1.00 19.16 ? 179 GLN A CA  1 
ATOM   1395 C C   . GLN A 1 179 ? 11.979  13.274  2.287   1.00 27.52 ? 179 GLN A C   1 
ATOM   1396 O O   . GLN A 1 179 ? 12.978  13.837  1.841   1.00 21.20 ? 179 GLN A O   1 
ATOM   1397 C CB  . GLN A 1 179 ? 12.197  11.328  3.862   1.00 26.10 ? 179 GLN A CB  1 
ATOM   1398 C CG  . GLN A 1 179 ? 13.480  11.806  4.511   1.00 24.64 ? 179 GLN A CG  1 
ATOM   1399 C CD  . GLN A 1 179 ? 13.711  11.144  5.861   1.00 20.98 ? 179 GLN A CD  1 
ATOM   1400 O OE1 . GLN A 1 179 ? 14.388  10.127  5.968   1.00 30.33 ? 179 GLN A OE1 1 
ATOM   1401 N NE2 . GLN A 1 179 ? 13.142  11.721  6.908   1.00 21.20 ? 179 GLN A NE2 1 
ATOM   1402 N N   . PHE A 1 180 ? 10.870  13.886  2.673   1.00 23.39 ? 180 PHE A N   1 
ATOM   1403 C CA  . PHE A 1 180 ? 10.732  15.333  2.592   1.00 27.67 ? 180 PHE A CA  1 
ATOM   1404 C C   . PHE A 1 180 ? 9.391   15.758  3.178   1.00 31.36 ? 180 PHE A C   1 
ATOM   1405 O O   . PHE A 1 180 ? 8.901   14.701  4.038   1.00 33.16 ? 180 PHE A O   1 
ATOM   1406 C CB  . PHE A 1 180 ? 10.871  15.784  1.138   1.00 24.55 ? 180 PHE A CB  1 
ATOM   1407 C CG  . PHE A 1 180 ? 9.846   15.151  0.205   1.00 23.42 ? 180 PHE A CG  1 
ATOM   1408 C CD1 . PHE A 1 180 ? 8.613   15.740  -0.020  1.00 19.61 ? 180 PHE A CD1 1 
ATOM   1409 C CD2 . PHE A 1 180 ? 10.140  13.963  -0.435  1.00 14.68 ? 180 PHE A CD2 1 
ATOM   1410 C CE1 . PHE A 1 180 ? 7.680   15.155  -0.856  1.00 22.81 ? 180 PHE A CE1 1 
ATOM   1411 C CE2 . PHE A 1 180 ? 9.213   13.370  -1.276  1.00 23.95 ? 180 PHE A CE2 1 
ATOM   1412 C CZ  . PHE A 1 180 ? 7.982   13.963  -1.491  1.00 24.06 ? 180 PHE A CZ  1 
HETATM 1413 O O   . HOH B 2 .   ? -10.271 -1.727  -7.472  1.09 18.72 ? 201 HOH A O   1 
HETATM 1414 O O   . HOH B 2 .   ? -4.190  2.784   1.917   1.10 10.86 ? 202 HOH A O   1 
HETATM 1415 O O   . HOH B 2 .   ? -6.423  12.389  -6.155  1.09 17.15 ? 203 HOH A O   1 
HETATM 1416 O O   . HOH B 2 .   ? -4.364  13.735  4.892   1.02 15.00 ? 204 HOH A O   1 
HETATM 1417 O O   . HOH B 2 .   ? -15.402 -1.705  5.789   1.06 15.24 ? 205 HOH A O   1 
HETATM 1418 O O   . HOH B 2 .   ? -11.997 -7.708  8.970   1.14 19.85 ? 206 HOH A O   1 
HETATM 1419 O O   . HOH B 2 .   ? -13.219 -6.224  11.699  1.01 12.63 ? 207 HOH A O   1 
HETATM 1420 O O   . HOH B 2 .   ? -18.616 -10.662 6.734   0.98 18.66 ? 208 HOH A O   1 
HETATM 1421 O O   . HOH B 2 .   ? -11.110 -7.997  11.557  1.12 27.08 ? 209 HOH A O   1 
HETATM 1422 O O   . HOH B 2 .   ? -12.171 -16.861 -6.956  1.04 27.44 ? 210 HOH A O   1 
HETATM 1423 O O   . HOH B 2 .   ? -5.890  9.813   10.267  1.03 16.22 ? 211 HOH A O   1 
HETATM 1424 O O   . HOH B 2 .   ? 1.499   -5.946  3.296   1.10 18.68 ? 212 HOH A O   1 
HETATM 1425 O O   . HOH B 2 .   ? -2.440  -2.766  -12.608 1.09 20.36 ? 213 HOH A O   1 
HETATM 1426 O O   . HOH B 2 .   ? -8.860  -16.272 11.402  0.99 26.93 ? 214 HOH A O   1 
HETATM 1427 O O   . HOH B 2 .   ? 14.607  16.017  1.969   1.00 35.76 ? 215 HOH A O   1 
HETATM 1428 O O   . HOH B 2 .   ? 4.391   9.904   11.653  1.04 22.20 ? 216 HOH A O   1 
HETATM 1429 O O   . HOH B 2 .   ? 6.567   -8.699  -1.363  0.97 24.57 ? 217 HOH A O   1 
HETATM 1430 O O   . HOH B 2 .   ? -11.856 0.553   3.388   1.00 18.79 ? 218 HOH A O   1 
HETATM 1431 O O   . HOH B 2 .   ? 12.543  4.312   -10.390 1.01 22.72 ? 219 HOH A O   1 
HETATM 1432 O O   . HOH B 2 .   ? 9.189   13.918  6.224   1.19 32.04 ? 220 HOH A O   1 
HETATM 1433 O O   . HOH B 2 .   ? -14.440 0.290   4.575   1.06 23.28 ? 221 HOH A O   1 
HETATM 1434 O O   . HOH B 2 .   ? 8.144   7.047   -16.376 0.95 48.59 ? 222 HOH A O   1 
HETATM 1435 O O   . HOH B 2 .   ? -12.752 3.368   5.287   1.03 25.07 ? 223 HOH A O   1 
HETATM 1436 O O   . HOH B 2 .   ? 1.008   -6.067  -12.542 1.29 33.35 ? 224 HOH A O   1 
HETATM 1437 O O   . HOH B 2 .   ? -0.316  14.201  10.566  1.00 38.74 ? 225 HOH A O   1 
HETATM 1438 O O   . HOH B 2 .   ? -10.132 8.915   4.620   1.10 28.26 ? 226 HOH A O   1 
HETATM 1439 O O   . HOH B 2 .   ? 9.971   -0.498  7.186   1.01 28.16 ? 227 HOH A O   1 
HETATM 1440 O O   . HOH B 2 .   ? -11.964 5.295   -6.368  1.14 23.28 ? 228 HOH A O   1 
HETATM 1441 O O   . HOH B 2 .   ? -13.296 -15.080 6.923   1.10 25.63 ? 229 HOH A O   1 
HETATM 1442 O O   . HOH B 2 .   ? 17.413  9.088   7.979   1.07 24.44 ? 230 HOH A O   1 
HETATM 1443 O O   . HOH B 2 .   ? -18.259 -9.917  1.489   1.05 31.27 ? 231 HOH A O   1 
HETATM 1444 O O   . HOH B 2 .   ? -9.003  8.354   -13.505 1.07 23.34 ? 232 HOH A O   1 
HETATM 1445 O O   . HOH B 2 .   ? -12.151 0.063   -5.050  0.93 15.59 ? 233 HOH A O   1 
HETATM 1446 O O   . HOH B 2 .   ? -6.339  -2.588  -16.310 1.00 38.01 ? 234 HOH A O   1 
HETATM 1447 O O   . HOH B 2 .   ? -16.763 1.176   2.982   1.07 26.40 ? 235 HOH A O   1 
HETATM 1448 O O   . HOH B 2 .   ? -9.374  -17.578 9.299   1.07 22.75 ? 236 HOH A O   1 
HETATM 1449 O O   . HOH B 2 .   ? -6.176  -0.997  14.739  0.95 27.66 ? 237 HOH A O   1 
HETATM 1450 O O   . HOH B 2 .   ? -17.338 -1.002  8.587   1.19 34.66 ? 238 HOH A O   1 
HETATM 1451 O O   . HOH B 2 .   ? 2.196   2.137   18.277  1.00 53.73 ? 239 HOH A O   1 
HETATM 1452 O O   . HOH B 2 .   ? -6.694  14.153  -8.000  1.10 22.06 ? 240 HOH A O   1 
HETATM 1453 O O   . HOH B 2 .   ? -4.031  -6.161  18.042  1.00 26.10 ? 241 HOH A O   1 
HETATM 1454 O O   . HOH B 2 .   ? -3.791  -11.926 -1.135  1.12 23.60 ? 242 HOH A O   1 
HETATM 1455 O O   . HOH B 2 .   ? 6.393   -12.009 8.444   1.08 35.39 ? 243 HOH A O   1 
HETATM 1456 O O   . HOH B 2 .   ? -20.668 -7.867  3.443   0.86 22.50 ? 244 HOH A O   1 
HETATM 1457 O O   . HOH B 2 .   ? -4.829  15.115  7.209   1.05 25.58 ? 245 HOH A O   1 
HETATM 1458 O O   . HOH B 2 .   ? 17.084  9.256   -3.592  0.97 52.30 ? 246 HOH A O   1 
HETATM 1459 O O   . HOH B 2 .   ? -16.008 10.995  -4.148  1.00 25.84 ? 247 HOH A O   1 
HETATM 1460 O O   . HOH B 2 .   ? 2.910   -8.748  -8.369  0.91 31.48 ? 248 HOH A O   1 
HETATM 1461 O O   . HOH B 2 .   ? -1.507  -10.428 -10.004 1.15 34.49 ? 249 HOH A O   1 
HETATM 1462 O O   . HOH B 2 .   ? -11.346 11.520  7.233   1.02 39.44 ? 250 HOH A O   1 
HETATM 1463 O O   . HOH B 2 .   ? -15.361 -13.921 12.113  0.95 30.08 ? 251 HOH A O   1 
HETATM 1464 O O   . HOH B 2 .   ? -10.276 12.950  4.987   1.05 42.71 ? 252 HOH A O   1 
HETATM 1465 O O   . HOH B 2 .   ? -4.869  4.026   -19.989 0.96 44.88 ? 253 HOH A O   1 
HETATM 1466 O O   . HOH B 2 .   ? -2.928  -9.758  3.342   1.06 40.94 ? 254 HOH A O   1 
HETATM 1467 O O   . HOH B 2 .   ? -17.624 -14.429 10.241  1.00 36.88 ? 255 HOH A O   1 
HETATM 1468 O O   . HOH B 2 .   ? -6.935  -17.265 12.973  1.18 41.57 ? 256 HOH A O   1 
HETATM 1469 O O   . HOH B 2 .   ? -11.101 2.671   -8.404  1.07 44.42 ? 257 HOH A O   1 
HETATM 1470 O O   . HOH B 2 .   ? -3.443  1.619   16.326  1.03 25.70 ? 258 HOH A O   1 
HETATM 1471 O O   . HOH B 2 .   ? -8.973  -12.378 12.831  1.02 22.80 ? 259 HOH A O   1 
HETATM 1472 O O   . HOH B 2 .   ? -0.428  -4.884  -13.895 1.11 36.05 ? 260 HOH A O   1 
HETATM 1473 O O   . HOH B 2 .   ? 2.223   16.938  -11.999 1.13 36.73 ? 261 HOH A O   1 
HETATM 1474 O O   . HOH B 2 .   ? 8.071   -2.803  17.939  0.92 18.60 ? 262 HOH A O   1 
HETATM 1475 O O   . HOH B 2 .   ? -8.689  6.692   -15.907 1.00 37.38 ? 263 HOH A O   1 
HETATM 1476 O O   . HOH B 2 .   ? 18.350  -7.449  0.125   0.95 27.41 ? 264 HOH A O   1 
HETATM 1477 O O   . HOH B 2 .   ? -4.926  -21.206 1.288   1.00 29.47 ? 265 HOH A O   1 
HETATM 1478 O O   . HOH B 2 .   ? 15.554  12.818  0.368   0.96 31.16 ? 266 HOH A O   1 
HETATM 1479 O O   . HOH B 2 .   ? -4.949  16.542  -5.534  1.05 36.30 ? 267 HOH A O   1 
HETATM 1480 O O   . HOH B 2 .   ? -3.033  -7.931  -13.018 1.03 41.25 ? 268 HOH A O   1 
HETATM 1481 O O   . HOH B 2 .   ? 1.120   -7.695  5.883   1.01 38.56 ? 269 HOH A O   1 
HETATM 1482 O O   . HOH B 2 .   ? -6.731  -7.894  -6.754  1.00 22.27 ? 270 HOH A O   1 
HETATM 1483 O O   . HOH B 2 .   ? 11.889  14.123  6.771   1.07 29.81 ? 271 HOH A O   1 
HETATM 1484 O O   . HOH B 2 .   ? 3.933   -8.724  -15.005 0.85 26.45 ? 272 HOH A O   1 
HETATM 1485 O O   . HOH B 2 .   ? -4.122  -2.137  -15.106 1.11 43.06 ? 273 HOH A O   1 
HETATM 1486 O O   . HOH B 2 .   ? 5.211   17.967  -11.728 1.00 35.16 ? 274 HOH A O   1 
HETATM 1487 O O   . HOH B 2 .   ? -15.471 -8.007  11.666  1.05 35.72 ? 275 HOH A O   1 
HETATM 1488 O O   . HOH B 2 .   ? -18.261 -9.303  4.286   1.00 20.18 ? 276 HOH A O   1 
HETATM 1489 O O   . HOH B 2 .   ? -20.669 -9.882  1.118   1.00 34.50 ? 277 HOH A O   1 
HETATM 1490 O O   . HOH B 2 .   ? 15.756  8.761   3.461   1.00 32.63 ? 278 HOH A O   1 
HETATM 1491 O O   . HOH B 2 .   ? 1.031   -7.271  10.039  1.00 19.52 ? 279 HOH A O   1 
HETATM 1492 O O   . HOH B 2 .   ? -4.274  3.766   14.593  1.00 34.28 ? 280 HOH A O   1 
HETATM 1493 O O   . HOH B 2 .   ? -10.555 3.204   10.676  1.00 37.02 ? 281 HOH A O   1 
HETATM 1494 O O   . HOH B 2 .   ? 9.179   5.587   9.549   1.00 63.92 ? 282 HOH A O   1 
HETATM 1495 O O   . HOH B 2 .   ? -14.547 4.765   -4.133  1.00 32.34 ? 283 HOH A O   1 
HETATM 1496 O O   . HOH B 2 .   ? -4.890  -5.536  -14.177 1.00 30.52 ? 284 HOH A O   1 
HETATM 1497 O O   . HOH B 2 .   ? -2.187  -24.646 5.179   1.00 27.51 ? 285 HOH A O   1 
HETATM 1498 O O   . HOH B 2 .   ? 12.968  10.258  9.677   1.00 36.80 ? 286 HOH A O   1 
HETATM 1499 O O   . HOH B 2 .   ? -18.387 -0.851  3.325   1.00 22.26 ? 287 HOH A O   1 
HETATM 1500 O O   . HOH B 2 .   ? -12.260 6.205   -8.728  1.00 29.01 ? 288 HOH A O   1 
# 
